data_1OV7
# 
_entry.id   1OV7 
# 
_audit_conform.dict_name       mmcif_pdbx.dic 
_audit_conform.dict_version    5.376 
_audit_conform.dict_location   http://mmcif.pdb.org/dictionaries/ascii/mmcif_pdbx.dic 
# 
loop_
_database_2.database_id 
_database_2.database_code 
_database_2.pdbx_database_accession 
_database_2.pdbx_DOI 
PDB   1OV7         pdb_00001ov7 10.2210/pdb1ov7/pdb 
RCSB  RCSB018698   ?            ?                   
WWPDB D_1000018698 ?            ?                   
# 
loop_
_pdbx_database_related.db_name 
_pdbx_database_related.db_id 
_pdbx_database_related.details 
_pdbx_database_related.content_type 
PDB 1LGU 'T4 Lysozyme Mutant L99A/M102Q'                                             unspecified 
PDB 1LGW 'T4 Lysozyme Mutant L99A/M102Q Bound By 2-Fluoroaniline'                    unspecified 
PDB 1LGX 'T4 Lysozyme Mutant L99A/M102Q Bound By 3,5-Difluoroaniline'                unspecified 
PDB 1LI2 'T4 Lysozyme Mutant L99A/M102Q Bound By Phenol'                             unspecified 
PDB 1LI3 'T4 Lysozyme Mutant L99A/M102Q Bound By 3-Chlorophenol'                     unspecified 
PDB 1LI6 'T4 Lysozyme Mutant L99A/M102Q Bound By 5-Methylpyrrole'                    unspecified 
PDB 1OV5 'T4 Lysozyme Cavity Mutant L99a/M102Q Bound With 2-Allylphenol'             unspecified 
PDB 1OVH 'T4 Lysozyme Cavity Mutant L99A/M102Q Bound With 2-Chloro-6-Methyl-Aniline' unspecified 
PDB 1OVJ 'T4 Lysozyme Cavity Mutant L99A/M102Q Bound with 3-Fluoro-2-Methyl_Aniline' unspecified 
PDB 1OVK 'T4 Lysozyme Cavity Mutant L99A/M102Q Bound with N-Allyl-Aniline'           unspecified 
# 
_pdbx_database_status.status_code                     REL 
_pdbx_database_status.entry_id                        1OV7 
_pdbx_database_status.recvd_initial_deposition_date   2003-03-25 
_pdbx_database_status.deposit_site                    RCSB 
_pdbx_database_status.process_site                    RCSB 
_pdbx_database_status.status_code_sf                  REL 
_pdbx_database_status.SG_entry                        . 
_pdbx_database_status.pdb_format_compatible           Y 
_pdbx_database_status.status_code_mr                  ? 
_pdbx_database_status.status_code_cs                  ? 
_pdbx_database_status.status_code_nmr_data            ? 
_pdbx_database_status.methods_development_category    ? 
# 
loop_
_audit_author.name 
_audit_author.pdbx_ordinal 
'Wei, B.Q.'      1 
'Baase, W.A.'    2 
'Weaver, L.H.'   3 
'Matthews, B.W.' 4 
'Shoichet, B.K.' 5 
# 
loop_
_citation.id 
_citation.title 
_citation.journal_abbrev 
_citation.journal_volume 
_citation.page_first 
_citation.page_last 
_citation.year 
_citation.journal_id_ASTM 
_citation.country 
_citation.journal_id_ISSN 
_citation.journal_id_CSD 
_citation.book_publisher 
_citation.pdbx_database_id_PubMed 
_citation.pdbx_database_id_DOI 
primary 'Testing a Flexible-receptor Docking Algorithm in a Model Binding Site'   J.Mol.Biol. 337 1161 1182 2004 JMOBAK UK 
0022-2836 0070 ? 15046985 10.1016/j.jmb.2004.02.015       
1       'A Model Binding Site for Testing Scoring Functions in Molecular Docking' J.Mol.Biol. 322 339  355  2002 JMOBAK UK 
0022-2836 0070 ? ?        '10.1016/S0022-2836(02)00777-5' 
# 
loop_
_citation_author.citation_id 
_citation_author.name 
_citation_author.ordinal 
_citation_author.identifier_ORCID 
primary 'Wei, B.Q.'      1  ? 
primary 'Weaver, L.H.'   2  ? 
primary 'Ferrari, A.M.'  3  ? 
primary 'Matthews, B.W.' 4  ? 
primary 'Shoichet, B.K.' 5  ? 
1       'Wei, B.Q.'      6  ? 
1       'Baase, W.A.'    7  ? 
1       'Weaver, L.H.'   8  ? 
1       'Matthews, B.W.' 9  ? 
1       'Shoichet, B.K.' 10 ? 
# 
_cell.entry_id           1OV7 
_cell.length_a           60.800 
_cell.length_b           60.800 
_cell.length_c           97.400 
_cell.angle_alpha        90.00 
_cell.angle_beta         90.00 
_cell.angle_gamma        120.00 
_cell.Z_PDB              6 
_cell.pdbx_unique_axis   ? 
# 
_symmetry.entry_id                         1OV7 
_symmetry.space_group_name_H-M             'P 32 2 1' 
_symmetry.pdbx_full_space_group_name_H-M   ? 
_symmetry.Int_Tables_number                154 
_symmetry.cell_setting                     ? 
# 
loop_
_entity.id 
_entity.type 
_entity.src_method 
_entity.pdbx_description 
_entity.formula_weight 
_entity.pdbx_number_of_molecules 
_entity.pdbx_ec 
_entity.pdbx_mutation 
_entity.pdbx_fragment 
_entity.details 
1 polymer     man Lysozyme                18617.320 1  3.2.1.17 'L99A, M102Q' ? ? 
2 non-polymer syn 'CHLORIDE ION'          35.453    2  ?        ?             ? ? 
3 non-polymer syn 2-ALLYL-6-METHYL-PHENOL 148.202   1  ?        ?             ? ? 
4 non-polymer syn BETA-MERCAPTOETHANOL    78.133    2  ?        ?             ? ? 
5 water       nat water                   18.015    60 ?        ?             ? ? 
# 
_entity_name_com.entity_id   1 
_entity_name_com.name        'Lysis protein, Muramidase, Endolysin' 
# 
_entity_poly.entity_id                      1 
_entity_poly.type                           'polypeptide(L)' 
_entity_poly.nstd_linkage                   no 
_entity_poly.nstd_monomer                   no 
_entity_poly.pdbx_seq_one_letter_code       
;MNIFEMLRIDEGLRLKIYKDTEGYYTIGIGHLLTKSPSLNAAKSELDKAIGRNCNGVITKDEAEKLFNQDVDAAVRGILR
NAKLKPVYDSLDAVRRCAAINQVFQMGETGVAGFTNSLRMLQQKRWDEAAVNLAKSRWYNQTPNRAKRVITTFRTGTWDA
YKNL
;
_entity_poly.pdbx_seq_one_letter_code_can   
;MNIFEMLRIDEGLRLKIYKDTEGYYTIGIGHLLTKSPSLNAAKSELDKAIGRNCNGVITKDEAEKLFNQDVDAAVRGILR
NAKLKPVYDSLDAVRRCAAINQVFQMGETGVAGFTNSLRMLQQKRWDEAAVNLAKSRWYNQTPNRAKRVITTFRTGTWDA
YKNL
;
_entity_poly.pdbx_strand_id                 A 
_entity_poly.pdbx_target_identifier         ? 
# 
loop_
_entity_poly_seq.entity_id 
_entity_poly_seq.num 
_entity_poly_seq.mon_id 
_entity_poly_seq.hetero 
1 1   MET n 
1 2   ASN n 
1 3   ILE n 
1 4   PHE n 
1 5   GLU n 
1 6   MET n 
1 7   LEU n 
1 8   ARG n 
1 9   ILE n 
1 10  ASP n 
1 11  GLU n 
1 12  GLY n 
1 13  LEU n 
1 14  ARG n 
1 15  LEU n 
1 16  LYS n 
1 17  ILE n 
1 18  TYR n 
1 19  LYS n 
1 20  ASP n 
1 21  THR n 
1 22  GLU n 
1 23  GLY n 
1 24  TYR n 
1 25  TYR n 
1 26  THR n 
1 27  ILE n 
1 28  GLY n 
1 29  ILE n 
1 30  GLY n 
1 31  HIS n 
1 32  LEU n 
1 33  LEU n 
1 34  THR n 
1 35  LYS n 
1 36  SER n 
1 37  PRO n 
1 38  SER n 
1 39  LEU n 
1 40  ASN n 
1 41  ALA n 
1 42  ALA n 
1 43  LYS n 
1 44  SER n 
1 45  GLU n 
1 46  LEU n 
1 47  ASP n 
1 48  LYS n 
1 49  ALA n 
1 50  ILE n 
1 51  GLY n 
1 52  ARG n 
1 53  ASN n 
1 54  CYS n 
1 55  ASN n 
1 56  GLY n 
1 57  VAL n 
1 58  ILE n 
1 59  THR n 
1 60  LYS n 
1 61  ASP n 
1 62  GLU n 
1 63  ALA n 
1 64  GLU n 
1 65  LYS n 
1 66  LEU n 
1 67  PHE n 
1 68  ASN n 
1 69  GLN n 
1 70  ASP n 
1 71  VAL n 
1 72  ASP n 
1 73  ALA n 
1 74  ALA n 
1 75  VAL n 
1 76  ARG n 
1 77  GLY n 
1 78  ILE n 
1 79  LEU n 
1 80  ARG n 
1 81  ASN n 
1 82  ALA n 
1 83  LYS n 
1 84  LEU n 
1 85  LYS n 
1 86  PRO n 
1 87  VAL n 
1 88  TYR n 
1 89  ASP n 
1 90  SER n 
1 91  LEU n 
1 92  ASP n 
1 93  ALA n 
1 94  VAL n 
1 95  ARG n 
1 96  ARG n 
1 97  CYS n 
1 98  ALA n 
1 99  ALA n 
1 100 ILE n 
1 101 ASN n 
1 102 GLN n 
1 103 VAL n 
1 104 PHE n 
1 105 GLN n 
1 106 MET n 
1 107 GLY n 
1 108 GLU n 
1 109 THR n 
1 110 GLY n 
1 111 VAL n 
1 112 ALA n 
1 113 GLY n 
1 114 PHE n 
1 115 THR n 
1 116 ASN n 
1 117 SER n 
1 118 LEU n 
1 119 ARG n 
1 120 MET n 
1 121 LEU n 
1 122 GLN n 
1 123 GLN n 
1 124 LYS n 
1 125 ARG n 
1 126 TRP n 
1 127 ASP n 
1 128 GLU n 
1 129 ALA n 
1 130 ALA n 
1 131 VAL n 
1 132 ASN n 
1 133 LEU n 
1 134 ALA n 
1 135 LYS n 
1 136 SER n 
1 137 ARG n 
1 138 TRP n 
1 139 TYR n 
1 140 ASN n 
1 141 GLN n 
1 142 THR n 
1 143 PRO n 
1 144 ASN n 
1 145 ARG n 
1 146 ALA n 
1 147 LYS n 
1 148 ARG n 
1 149 VAL n 
1 150 ILE n 
1 151 THR n 
1 152 THR n 
1 153 PHE n 
1 154 ARG n 
1 155 THR n 
1 156 GLY n 
1 157 THR n 
1 158 TRP n 
1 159 ASP n 
1 160 ALA n 
1 161 TYR n 
1 162 LYS n 
1 163 ASN n 
1 164 LEU n 
# 
_entity_src_gen.entity_id                          1 
_entity_src_gen.pdbx_src_id                        1 
_entity_src_gen.pdbx_alt_source_flag               sample 
_entity_src_gen.pdbx_seq_type                      ? 
_entity_src_gen.pdbx_beg_seq_num                   ? 
_entity_src_gen.pdbx_end_seq_num                   ? 
_entity_src_gen.gene_src_common_name               ? 
_entity_src_gen.gene_src_genus                     'T4-like viruses' 
_entity_src_gen.pdbx_gene_src_gene                 ? 
_entity_src_gen.gene_src_species                   'Enterobacteria phage T4 sensu lato' 
_entity_src_gen.gene_src_strain                    ? 
_entity_src_gen.gene_src_tissue                    ? 
_entity_src_gen.gene_src_tissue_fraction           ? 
_entity_src_gen.gene_src_details                   ? 
_entity_src_gen.pdbx_gene_src_fragment             ? 
_entity_src_gen.pdbx_gene_src_scientific_name      'Enterobacteria phage T4' 
_entity_src_gen.pdbx_gene_src_ncbi_taxonomy_id     10665 
_entity_src_gen.pdbx_gene_src_variant              ? 
_entity_src_gen.pdbx_gene_src_cell_line            ? 
_entity_src_gen.pdbx_gene_src_atcc                 ? 
_entity_src_gen.pdbx_gene_src_organ                ? 
_entity_src_gen.pdbx_gene_src_organelle            ? 
_entity_src_gen.pdbx_gene_src_cell                 ? 
_entity_src_gen.pdbx_gene_src_cellular_location    ? 
_entity_src_gen.host_org_common_name               ? 
_entity_src_gen.pdbx_host_org_scientific_name      'Escherichia coli' 
_entity_src_gen.pdbx_host_org_ncbi_taxonomy_id     562 
_entity_src_gen.host_org_genus                     Escherichia 
_entity_src_gen.pdbx_host_org_gene                 ? 
_entity_src_gen.pdbx_host_org_organ                ? 
_entity_src_gen.host_org_species                   ? 
_entity_src_gen.pdbx_host_org_tissue               ? 
_entity_src_gen.pdbx_host_org_tissue_fraction      ? 
_entity_src_gen.pdbx_host_org_strain               ? 
_entity_src_gen.pdbx_host_org_variant              ? 
_entity_src_gen.pdbx_host_org_cell_line            ? 
_entity_src_gen.pdbx_host_org_atcc                 ? 
_entity_src_gen.pdbx_host_org_culture_collection   ? 
_entity_src_gen.pdbx_host_org_cell                 ? 
_entity_src_gen.pdbx_host_org_organelle            ? 
_entity_src_gen.pdbx_host_org_cellular_location    ? 
_entity_src_gen.pdbx_host_org_vector_type          ? 
_entity_src_gen.pdbx_host_org_vector               ? 
_entity_src_gen.host_org_details                   ? 
_entity_src_gen.expression_system_id               ? 
_entity_src_gen.plasmid_name                       ? 
_entity_src_gen.plasmid_details                    ? 
_entity_src_gen.pdbx_description                   ? 
# 
_struct_ref.id                         1 
_struct_ref.db_name                    UNP 
_struct_ref.db_code                    LYS_BPT4 
_struct_ref.entity_id                  1 
_struct_ref.pdbx_seq_one_letter_code   
;MNIFEMLRIDEGLRLKIYKDTEGYYTIGIGHLLTKSPSLNAAKSELDKAIGRNCNGVITKDEAEKLFNQDVDAAVRGILR
NAKLKPVYDSLDAVRRCALINMVFQMGETGVAGFTNSLRMLQQKRWDEAAVNLAKSRWYNQTPNRAKRVITTFRTGTWDA
YKNL
;
_struct_ref.pdbx_align_begin           1 
_struct_ref.pdbx_db_accession          P00720 
_struct_ref.pdbx_db_isoform            ? 
# 
_struct_ref_seq.align_id                      1 
_struct_ref_seq.ref_id                        1 
_struct_ref_seq.pdbx_PDB_id_code              1OV7 
_struct_ref_seq.pdbx_strand_id                A 
_struct_ref_seq.seq_align_beg                 1 
_struct_ref_seq.pdbx_seq_align_beg_ins_code   ? 
_struct_ref_seq.seq_align_end                 164 
_struct_ref_seq.pdbx_seq_align_end_ins_code   ? 
_struct_ref_seq.pdbx_db_accession             P00720 
_struct_ref_seq.db_align_beg                  1 
_struct_ref_seq.pdbx_db_align_beg_ins_code    ? 
_struct_ref_seq.db_align_end                  164 
_struct_ref_seq.pdbx_db_align_end_ins_code    ? 
_struct_ref_seq.pdbx_auth_seq_align_beg       1 
_struct_ref_seq.pdbx_auth_seq_align_end       164 
# 
loop_
_struct_ref_seq_dif.align_id 
_struct_ref_seq_dif.pdbx_pdb_id_code 
_struct_ref_seq_dif.mon_id 
_struct_ref_seq_dif.pdbx_pdb_strand_id 
_struct_ref_seq_dif.seq_num 
_struct_ref_seq_dif.pdbx_pdb_ins_code 
_struct_ref_seq_dif.pdbx_seq_db_name 
_struct_ref_seq_dif.pdbx_seq_db_accession_code 
_struct_ref_seq_dif.db_mon_id 
_struct_ref_seq_dif.pdbx_seq_db_seq_num 
_struct_ref_seq_dif.details 
_struct_ref_seq_dif.pdbx_auth_seq_num 
_struct_ref_seq_dif.pdbx_ordinal 
1 1OV7 ALA A 99  ? UNP P00720 LEU 99  'engineered mutation' 99  1 
1 1OV7 GLN A 102 ? UNP P00720 MET 102 'engineered mutation' 102 2 
# 
loop_
_chem_comp.id 
_chem_comp.type 
_chem_comp.mon_nstd_flag 
_chem_comp.name 
_chem_comp.pdbx_synonyms 
_chem_comp.formula 
_chem_comp.formula_weight 
ALA 'L-peptide linking' y ALANINE                 ? 'C3 H7 N O2'     89.093  
ARG 'L-peptide linking' y ARGININE                ? 'C6 H15 N4 O2 1' 175.209 
ASN 'L-peptide linking' y ASPARAGINE              ? 'C4 H8 N2 O3'    132.118 
ASP 'L-peptide linking' y 'ASPARTIC ACID'         ? 'C4 H7 N O4'     133.103 
BME non-polymer         . BETA-MERCAPTOETHANOL    ? 'C2 H6 O S'      78.133  
CL  non-polymer         . 'CHLORIDE ION'          ? 'Cl -1'          35.453  
CYS 'L-peptide linking' y CYSTEINE                ? 'C3 H7 N O2 S'   121.158 
GLN 'L-peptide linking' y GLUTAMINE               ? 'C5 H10 N2 O3'   146.144 
GLU 'L-peptide linking' y 'GLUTAMIC ACID'         ? 'C5 H9 N O4'     147.129 
GLY 'peptide linking'   y GLYCINE                 ? 'C2 H5 N O2'     75.067  
HIS 'L-peptide linking' y HISTIDINE               ? 'C6 H10 N3 O2 1' 156.162 
HOH non-polymer         . WATER                   ? 'H2 O'           18.015  
ILE 'L-peptide linking' y ISOLEUCINE              ? 'C6 H13 N O2'    131.173 
LEU 'L-peptide linking' y LEUCINE                 ? 'C6 H13 N O2'    131.173 
LYL non-polymer         . 2-ALLYL-6-METHYL-PHENOL ? 'C10 H12 O'      148.202 
LYS 'L-peptide linking' y LYSINE                  ? 'C6 H15 N2 O2 1' 147.195 
MET 'L-peptide linking' y METHIONINE              ? 'C5 H11 N O2 S'  149.211 
PHE 'L-peptide linking' y PHENYLALANINE           ? 'C9 H11 N O2'    165.189 
PRO 'L-peptide linking' y PROLINE                 ? 'C5 H9 N O2'     115.130 
SER 'L-peptide linking' y SERINE                  ? 'C3 H7 N O3'     105.093 
THR 'L-peptide linking' y THREONINE               ? 'C4 H9 N O3'     119.119 
TRP 'L-peptide linking' y TRYPTOPHAN              ? 'C11 H12 N2 O2'  204.225 
TYR 'L-peptide linking' y TYROSINE                ? 'C9 H11 N O3'    181.189 
VAL 'L-peptide linking' y VALINE                  ? 'C5 H11 N O2'    117.146 
# 
_exptl.entry_id          1OV7 
_exptl.method            'X-RAY DIFFRACTION' 
_exptl.crystals_number   1 
# 
_exptl_crystal.id                    1 
_exptl_crystal.density_meas          ? 
_exptl_crystal.density_Matthews      2.71 
_exptl_crystal.density_percent_sol   54.22 
_exptl_crystal.description           ? 
# 
_diffrn.id                     1 
_diffrn.ambient_temp           298 
_diffrn.ambient_temp_details   ? 
_diffrn.crystal_id             1 
# 
_diffrn_detector.diffrn_id              1 
_diffrn_detector.detector               'AREA DETECTOR' 
_diffrn_detector.type                   'UCSD MARK II' 
_diffrn_detector.pdbx_collection_date   ? 
_diffrn_detector.details                ? 
# 
_diffrn_radiation.diffrn_id                        1 
_diffrn_radiation.wavelength_id                    1 
_diffrn_radiation.pdbx_monochromatic_or_laue_m_l   M 
_diffrn_radiation.monochromator                    graphite 
_diffrn_radiation.pdbx_diffrn_protocol             'SINGLE WAVELENGTH' 
_diffrn_radiation.pdbx_scattering_type             x-ray 
# 
_diffrn_radiation_wavelength.id           1 
_diffrn_radiation_wavelength.wavelength   1.5418 
_diffrn_radiation_wavelength.wt           1.0 
# 
_diffrn_source.diffrn_id                   1 
_diffrn_source.source                      'ROTATING ANODE' 
_diffrn_source.type                        'RIGAKU RU200' 
_diffrn_source.pdbx_synchrotron_site       ? 
_diffrn_source.pdbx_synchrotron_beamline   ? 
_diffrn_source.pdbx_wavelength             ? 
_diffrn_source.pdbx_wavelength_list        1.5418 
# 
_reflns.entry_id                     1OV7 
_reflns.observed_criterion_sigma_F   0. 
_reflns.observed_criterion_sigma_I   0. 
_reflns.d_resolution_high            1.9 
_reflns.d_resolution_low             13. 
_reflns.number_all                   15008 
_reflns.number_obs                   15008 
_reflns.percent_possible_obs         89 
_reflns.pdbx_Rmerge_I_obs            0.081 
_reflns.pdbx_Rsym_value              ? 
_reflns.pdbx_netI_over_sigmaI        10.0 
_reflns.B_iso_Wilson_estimate        ? 
_reflns.pdbx_redundancy              ? 
_reflns.R_free_details               ? 
_reflns.limit_h_max                  ? 
_reflns.limit_h_min                  ? 
_reflns.limit_k_max                  ? 
_reflns.limit_k_min                  ? 
_reflns.limit_l_max                  ? 
_reflns.limit_l_min                  ? 
_reflns.observed_criterion_F_max     ? 
_reflns.observed_criterion_F_min     ? 
_reflns.pdbx_diffrn_id               1 
_reflns.pdbx_ordinal                 1 
# 
_reflns_shell.d_res_high             1.9 
_reflns_shell.d_res_low              2.0 
_reflns_shell.percent_possible_all   67 
_reflns_shell.Rmerge_I_obs           0.16 
_reflns_shell.pdbx_Rsym_value        ? 
_reflns_shell.meanI_over_sigI_obs    2.1 
_reflns_shell.pdbx_redundancy        ? 
_reflns_shell.percent_possible_obs   ? 
_reflns_shell.number_unique_all      2206 
_reflns_shell.pdbx_diffrn_id         ? 
_reflns_shell.pdbx_ordinal           1 
# 
_refine.entry_id                                 1OV7 
_refine.ls_d_res_high                            2.0 
_refine.ls_d_res_low                             13.0 
_refine.pdbx_ls_sigma_F                          0. 
_refine.pdbx_ls_sigma_I                          0. 
_refine.ls_number_reflns_all                     13565 
_refine.ls_number_reflns_obs                     13565 
_refine.ls_number_reflns_R_free                  ? 
_refine.ls_percent_reflns_obs                    90 
_refine.ls_R_factor_all                          ? 
_refine.ls_R_factor_obs                          0.189 
_refine.ls_R_factor_R_work                       ? 
_refine.ls_R_factor_R_free                       ? 
_refine.ls_redundancy_reflns_obs                 ? 
_refine.pdbx_data_cutoff_high_absF               ? 
_refine.pdbx_data_cutoff_low_absF                ? 
_refine.ls_number_parameters                     ? 
_refine.ls_number_restraints                     ? 
_refine.ls_percent_reflns_R_free                 ? 
_refine.ls_R_factor_R_free_error                 ? 
_refine.ls_R_factor_R_free_error_details         ? 
_refine.pdbx_method_to_determine_struct          'MOLECULAR REPLACEMENT' 
_refine.pdbx_starting_model                      'PDB entry 1LGU' 
_refine.pdbx_ls_cross_valid_method               ? 
_refine.pdbx_R_Free_selection_details            ? 
_refine.pdbx_stereochem_target_val_spec_case     ? 
_refine.pdbx_stereochemistry_target_values       'Engh & Huber' 
_refine.solvent_model_details                    ? 
_refine.solvent_model_param_bsol                 ? 
_refine.solvent_model_param_ksol                 ? 
_refine.occupancy_max                            ? 
_refine.occupancy_min                            ? 
_refine.pdbx_isotropic_thermal_model             isotropic 
_refine.B_iso_mean                               ? 
_refine.aniso_B[1][1]                            ? 
_refine.aniso_B[1][2]                            ? 
_refine.aniso_B[1][3]                            ? 
_refine.aniso_B[2][2]                            ? 
_refine.aniso_B[2][3]                            ? 
_refine.aniso_B[3][3]                            ? 
_refine.details                                  ? 
_refine.B_iso_min                                ? 
_refine.B_iso_max                                ? 
_refine.correlation_coeff_Fo_to_Fc               ? 
_refine.correlation_coeff_Fo_to_Fc_free          ? 
_refine.pdbx_solvent_vdw_probe_radii             ? 
_refine.pdbx_solvent_ion_probe_radii             ? 
_refine.pdbx_solvent_shrinkage_radii             ? 
_refine.overall_SU_R_Cruickshank_DPI             ? 
_refine.overall_SU_R_free                        ? 
_refine.overall_SU_B                             ? 
_refine.overall_SU_ML                            ? 
_refine.pdbx_overall_ESU_R                       ? 
_refine.pdbx_overall_ESU_R_Free                  ? 
_refine.pdbx_data_cutoff_high_rms_absF           ? 
_refine.pdbx_refine_id                           'X-RAY DIFFRACTION' 
_refine.pdbx_diffrn_id                           1 
_refine.pdbx_TLS_residual_ADP_flag               ? 
_refine.pdbx_overall_phase_error                 ? 
_refine.pdbx_overall_SU_R_free_Cruickshank_DPI   ? 
_refine.pdbx_overall_SU_R_Blow_DPI               ? 
_refine.pdbx_overall_SU_R_free_Blow_DPI          ? 
# 
_refine_hist.pdbx_refine_id                   'X-RAY DIFFRACTION' 
_refine_hist.cycle_id                         LAST 
_refine_hist.pdbx_number_atoms_protein        1290 
_refine_hist.pdbx_number_atoms_nucleic_acid   0 
_refine_hist.pdbx_number_atoms_ligand         21 
_refine_hist.number_atoms_solvent             60 
_refine_hist.number_atoms_total               1371 
_refine_hist.d_res_high                       2.0 
_refine_hist.d_res_low                        13.0 
# 
loop_
_refine_ls_restr.type 
_refine_ls_restr.dev_ideal 
_refine_ls_restr.dev_ideal_target 
_refine_ls_restr.weight 
_refine_ls_restr.number 
_refine_ls_restr.pdbx_refine_id 
_refine_ls_restr.pdbx_restraint_function 
t_bond_d    0.017 ? ? ? 'X-RAY DIFFRACTION' ? 
t_angle_deg 2.7   ? ? ? 'X-RAY DIFFRACTION' ? 
# 
_struct.entry_id                  1OV7 
_struct.title                     'T4 Lysozyme Cavity Mutant L99A/M102Q Bound with 2-Allyl-6-Methyl-Phenol' 
_struct.pdbx_model_details        ? 
_struct.pdbx_CASP_flag            ? 
_struct.pdbx_model_type_details   ? 
# 
_struct_keywords.entry_id        1OV7 
_struct_keywords.pdbx_keywords   HYDROLASE 
_struct_keywords.text            'GLYCOSIDASE, BACTERIOLYTIC ENZYME, HYDROLASE' 
# 
loop_
_struct_asym.id 
_struct_asym.pdbx_blank_PDB_chainid_flag 
_struct_asym.pdbx_modified 
_struct_asym.entity_id 
_struct_asym.details 
A N N 1 ? 
B N N 2 ? 
C N N 2 ? 
D N N 3 ? 
E N N 4 ? 
F N N 4 ? 
G N N 5 ? 
# 
_struct_biol.id                    1 
_struct_biol.pdbx_parent_biol_id   ? 
_struct_biol.details               ? 
# 
loop_
_struct_conf.conf_type_id 
_struct_conf.id 
_struct_conf.pdbx_PDB_helix_id 
_struct_conf.beg_label_comp_id 
_struct_conf.beg_label_asym_id 
_struct_conf.beg_label_seq_id 
_struct_conf.pdbx_beg_PDB_ins_code 
_struct_conf.end_label_comp_id 
_struct_conf.end_label_asym_id 
_struct_conf.end_label_seq_id 
_struct_conf.pdbx_end_PDB_ins_code 
_struct_conf.beg_auth_comp_id 
_struct_conf.beg_auth_asym_id 
_struct_conf.beg_auth_seq_id 
_struct_conf.end_auth_comp_id 
_struct_conf.end_auth_asym_id 
_struct_conf.end_auth_seq_id 
_struct_conf.pdbx_PDB_helix_class 
_struct_conf.details 
_struct_conf.pdbx_PDB_helix_length 
HELX_P HELX_P1  1  ASN A 2   ? GLY A 12  ? ASN A 2   GLY A 12  1 ? 11 
HELX_P HELX_P2  2  SER A 38  ? GLY A 51  ? SER A 38  GLY A 51  1 ? 14 
HELX_P HELX_P3  3  THR A 59  ? ASN A 81  ? THR A 59  ASN A 81  1 ? 23 
HELX_P HELX_P4  4  LEU A 84  ? LEU A 91  ? LEU A 84  LEU A 91  1 ? 8  
HELX_P HELX_P5  5  ASP A 92  ? GLY A 113 ? ASP A 92  GLY A 113 1 ? 22 
HELX_P HELX_P6  6  PHE A 114 ? GLN A 123 ? PHE A 114 GLN A 123 1 ? 10 
HELX_P HELX_P7  7  ARG A 125 ? LYS A 135 ? ARG A 125 LYS A 135 1 ? 11 
HELX_P HELX_P8  8  SER A 136 ? THR A 142 ? SER A 136 THR A 142 1 ? 7  
HELX_P HELX_P9  9  THR A 142 ? GLY A 156 ? THR A 142 GLY A 156 1 ? 15 
HELX_P HELX_P10 10 TRP A 158 ? LYS A 162 ? TRP A 158 LYS A 162 5 ? 5  
# 
_struct_conf_type.id          HELX_P 
_struct_conf_type.criteria    ? 
_struct_conf_type.reference   ? 
# 
_struct_sheet.id               A 
_struct_sheet.type             ? 
_struct_sheet.number_strands   3 
_struct_sheet.details          ? 
# 
loop_
_struct_sheet_order.sheet_id 
_struct_sheet_order.range_id_1 
_struct_sheet_order.range_id_2 
_struct_sheet_order.offset 
_struct_sheet_order.sense 
A 1 2 ? anti-parallel 
A 2 3 ? anti-parallel 
# 
loop_
_struct_sheet_range.sheet_id 
_struct_sheet_range.id 
_struct_sheet_range.beg_label_comp_id 
_struct_sheet_range.beg_label_asym_id 
_struct_sheet_range.beg_label_seq_id 
_struct_sheet_range.pdbx_beg_PDB_ins_code 
_struct_sheet_range.end_label_comp_id 
_struct_sheet_range.end_label_asym_id 
_struct_sheet_range.end_label_seq_id 
_struct_sheet_range.pdbx_end_PDB_ins_code 
_struct_sheet_range.beg_auth_comp_id 
_struct_sheet_range.beg_auth_asym_id 
_struct_sheet_range.beg_auth_seq_id 
_struct_sheet_range.end_auth_comp_id 
_struct_sheet_range.end_auth_asym_id 
_struct_sheet_range.end_auth_seq_id 
A 1 ARG A 14 ? LYS A 19 ? ARG A 14 LYS A 19 
A 2 TYR A 25 ? GLY A 28 ? TYR A 25 GLY A 28 
A 3 HIS A 31 ? THR A 34 ? HIS A 31 THR A 34 
# 
loop_
_pdbx_struct_sheet_hbond.sheet_id 
_pdbx_struct_sheet_hbond.range_id_1 
_pdbx_struct_sheet_hbond.range_id_2 
_pdbx_struct_sheet_hbond.range_1_label_atom_id 
_pdbx_struct_sheet_hbond.range_1_label_comp_id 
_pdbx_struct_sheet_hbond.range_1_label_asym_id 
_pdbx_struct_sheet_hbond.range_1_label_seq_id 
_pdbx_struct_sheet_hbond.range_1_PDB_ins_code 
_pdbx_struct_sheet_hbond.range_1_auth_atom_id 
_pdbx_struct_sheet_hbond.range_1_auth_comp_id 
_pdbx_struct_sheet_hbond.range_1_auth_asym_id 
_pdbx_struct_sheet_hbond.range_1_auth_seq_id 
_pdbx_struct_sheet_hbond.range_2_label_atom_id 
_pdbx_struct_sheet_hbond.range_2_label_comp_id 
_pdbx_struct_sheet_hbond.range_2_label_asym_id 
_pdbx_struct_sheet_hbond.range_2_label_seq_id 
_pdbx_struct_sheet_hbond.range_2_PDB_ins_code 
_pdbx_struct_sheet_hbond.range_2_auth_atom_id 
_pdbx_struct_sheet_hbond.range_2_auth_comp_id 
_pdbx_struct_sheet_hbond.range_2_auth_asym_id 
_pdbx_struct_sheet_hbond.range_2_auth_seq_id 
A 1 2 N TYR A 18 ? N TYR A 18 O THR A 26 ? O THR A 26 
A 2 3 N TYR A 25 ? N TYR A 25 O LEU A 33 ? O LEU A 33 
# 
loop_
_struct_site.id 
_struct_site.pdbx_evidence_code 
_struct_site.pdbx_auth_asym_id 
_struct_site.pdbx_auth_comp_id 
_struct_site.pdbx_auth_seq_id 
_struct_site.pdbx_auth_ins_code 
_struct_site.pdbx_num_residues 
_struct_site.details 
AC1 Software A CL  173 ? 4  'BINDING SITE FOR RESIDUE CL A 173'  
AC2 Software A CL  178 ? 5  'BINDING SITE FOR RESIDUE CL A 178'  
AC3 Software A LYL 407 ? 11 'BINDING SITE FOR RESIDUE LYL A 407' 
AC4 Software A BME 169 ? 5  'BINDING SITE FOR RESIDUE BME A 169' 
AC5 Software A BME 170 ? 3  'BINDING SITE FOR RESIDUE BME A 170' 
# 
loop_
_struct_site_gen.id 
_struct_site_gen.site_id 
_struct_site_gen.pdbx_num_res 
_struct_site_gen.label_comp_id 
_struct_site_gen.label_asym_id 
_struct_site_gen.label_seq_id 
_struct_site_gen.pdbx_auth_ins_code 
_struct_site_gen.auth_comp_id 
_struct_site_gen.auth_asym_id 
_struct_site_gen.auth_seq_id 
_struct_site_gen.label_atom_id 
_struct_site_gen.label_alt_id 
_struct_site_gen.symmetry 
_struct_site_gen.details 
1  AC1 4  THR A 142 ? THR A 142 . ? 1_555 ? 
2  AC1 4  ASN A 144 ? ASN A 144 . ? 1_555 ? 
3  AC1 4  ARG A 145 ? ARG A 145 . ? 1_555 ? 
4  AC1 4  HOH G .   ? HOH A 291 . ? 4_655 ? 
5  AC2 5  ALA A 49  ? ALA A 49  . ? 1_555 ? 
6  AC2 5  GLN A 69  ? GLN A 69  . ? 1_555 ? 
7  AC2 5  SER A 136 ? SER A 136 . ? 3_665 ? 
8  AC2 5  ARG A 137 ? ARG A 137 . ? 3_665 ? 
9  AC2 5  ASN A 140 ? ASN A 140 . ? 3_665 ? 
10 AC3 11 ILE A 78  ? ILE A 78  . ? 1_555 ? 
11 AC3 11 LEU A 84  ? LEU A 84  . ? 1_555 ? 
12 AC3 11 VAL A 87  ? VAL A 87  . ? 1_555 ? 
13 AC3 11 TYR A 88  ? TYR A 88  . ? 1_555 ? 
14 AC3 11 ALA A 99  ? ALA A 99  . ? 1_555 ? 
15 AC3 11 GLN A 102 ? GLN A 102 . ? 1_555 ? 
16 AC3 11 VAL A 103 ? VAL A 103 . ? 1_555 ? 
17 AC3 11 VAL A 111 ? VAL A 111 . ? 1_555 ? 
18 AC3 11 LEU A 118 ? LEU A 118 . ? 1_555 ? 
19 AC3 11 LEU A 121 ? LEU A 121 . ? 1_555 ? 
20 AC3 11 LEU A 133 ? LEU A 133 . ? 1_555 ? 
21 AC4 5  ASP A 72  ? ASP A 72  . ? 1_555 ? 
22 AC4 5  VAL A 75  ? VAL A 75  . ? 1_555 ? 
23 AC4 5  ARG A 76  ? ARG A 76  . ? 1_555 ? 
24 AC4 5  TYR A 88  ? TYR A 88  . ? 5_555 ? 
25 AC4 5  BME F .   ? BME A 170 . ? 5_555 ? 
26 AC5 3  ASP A 72  ? ASP A 72  . ? 5_555 ? 
27 AC5 3  BME E .   ? BME A 169 . ? 5_555 ? 
28 AC5 3  HOH G .   ? HOH A 199 . ? 1_555 ? 
# 
_atom_sites.entry_id                    1OV7 
_atom_sites.fract_transf_matrix[1][1]   0.00389575 
_atom_sites.fract_transf_matrix[1][2]   -0.00928471 
_atom_sites.fract_transf_matrix[1][3]   -0.01610264 
_atom_sites.fract_transf_matrix[2][1]   -0.00796892 
_atom_sites.fract_transf_matrix[2][2]   0.00554291 
_atom_sites.fract_transf_matrix[2][3]   -0.01632386 
_atom_sites.fract_transf_matrix[3][1]   0.00791544 
_atom_sites.fract_transf_matrix[3][2]   0.00630803 
_atom_sites.fract_transf_matrix[3][3]   -0.00172218 
_atom_sites.fract_transf_vector[1]      0.682637 
_atom_sites.fract_transf_vector[2]      0.221170 
_atom_sites.fract_transf_vector[3]      0.100758 
# 
loop_
_atom_type.symbol 
C  
CL 
N  
O  
S  
# 
loop_
_atom_site.group_PDB 
_atom_site.id 
_atom_site.type_symbol 
_atom_site.label_atom_id 
_atom_site.label_alt_id 
_atom_site.label_comp_id 
_atom_site.label_asym_id 
_atom_site.label_entity_id 
_atom_site.label_seq_id 
_atom_site.pdbx_PDB_ins_code 
_atom_site.Cartn_x 
_atom_site.Cartn_y 
_atom_site.Cartn_z 
_atom_site.occupancy 
_atom_site.B_iso_or_equiv 
_atom_site.pdbx_formal_charge 
_atom_site.auth_seq_id 
_atom_site.auth_comp_id 
_atom_site.auth_asym_id 
_atom_site.auth_atom_id 
_atom_site.pdbx_PDB_model_num 
ATOM   1    N  N   . MET A 1 1   ? 10.213  -11.531 8.346   1.00 16.80  ? 1   MET A N   1 
ATOM   2    C  CA  . MET A 1 1   ? 9.429   -10.734 7.453   1.00 16.15  ? 1   MET A CA  1 
ATOM   3    C  C   . MET A 1 1   ? 9.232   -9.353  8.063   1.00 14.77  ? 1   MET A C   1 
ATOM   4    O  O   . MET A 1 1   ? 9.278   -9.196  9.257   1.00 17.66  ? 1   MET A O   1 
ATOM   5    C  CB  . MET A 1 1   ? 8.113   -11.500 7.130   1.00 16.88  ? 1   MET A CB  1 
ATOM   6    C  CG  . MET A 1 1   ? 7.073   -10.744 6.329   1.00 31.87  ? 1   MET A CG  1 
ATOM   7    S  SD  . MET A 1 1   ? 7.249   -10.876 4.530   1.00 37.15  ? 1   MET A SD  1 
ATOM   8    C  CE  . MET A 1 1   ? 7.476   -12.642 4.471   1.00 26.00  ? 1   MET A CE  1 
ATOM   9    N  N   . ASN A 1 2   ? 9.021   -8.360  7.238   1.00 11.98  ? 2   ASN A N   1 
ATOM   10   C  CA  . ASN A 1 2   ? 8.757   -7.042  7.723   1.00 9.55   ? 2   ASN A CA  1 
ATOM   11   C  C   . ASN A 1 2   ? 7.977   -6.350  6.621   1.00 11.38  ? 2   ASN A C   1 
ATOM   12   O  O   . ASN A 1 2   ? 7.688   -6.985  5.630   1.00 5.64   ? 2   ASN A O   1 
ATOM   13   C  CB  . ASN A 1 2   ? 10.007  -6.282  8.198   1.00 4.36   ? 2   ASN A CB  1 
ATOM   14   C  CG  . ASN A 1 2   ? 10.976  -6.143  7.054   1.00 28.18  ? 2   ASN A CG  1 
ATOM   15   O  OD1 . ASN A 1 2   ? 10.709  -5.552  6.002   1.00 12.62  ? 2   ASN A OD1 1 
ATOM   16   N  ND2 . ASN A 1 2   ? 12.133  -6.741  7.252   1.00 11.18  ? 2   ASN A ND2 1 
ATOM   17   N  N   . ILE A 1 3   ? 7.600   -5.107  6.884   1.00 5.55   ? 3   ILE A N   1 
ATOM   18   C  CA  . ILE A 1 3   ? 6.783   -4.285  6.008   1.00 5.65   ? 3   ILE A CA  1 
ATOM   19   C  C   . ILE A 1 3   ? 7.411   -4.141  4.584   1.00 11.53  ? 3   ILE A C   1 
ATOM   20   O  O   . ILE A 1 3   ? 6.758   -4.129  3.566   1.00 7.45   ? 3   ILE A O   1 
ATOM   21   C  CB  . ILE A 1 3   ? 6.414   -2.956  6.743   1.00 7.66   ? 3   ILE A CB  1 
ATOM   22   C  CG1 . ILE A 1 3   ? 5.417   -2.132  5.977   1.00 3.53   ? 3   ILE A CG1 1 
ATOM   23   C  CG2 . ILE A 1 3   ? 7.640   -2.028  7.045   1.00 7.83   ? 3   ILE A CG2 1 
ATOM   24   C  CD1 . ILE A 1 3   ? 4.187   -2.886  5.479   1.00 6.20   ? 3   ILE A CD1 1 
ATOM   25   N  N   . PHE A 1 4   ? 8.701   -3.943  4.509   1.00 8.57   ? 4   PHE A N   1 
ATOM   26   C  CA  . PHE A 1 4   ? 9.346   -3.772  3.225   1.00 1.00   ? 4   PHE A CA  1 
ATOM   27   C  C   . PHE A 1 4   ? 9.308   -5.028  2.422   1.00 10.50  ? 4   PHE A C   1 
ATOM   28   O  O   . PHE A 1 4   ? 9.030   -5.018  1.236   1.00 11.43  ? 4   PHE A O   1 
ATOM   29   C  CB  . PHE A 1 4   ? 10.804  -3.386  3.504   1.00 7.63   ? 4   PHE A CB  1 
ATOM   30   C  CG  . PHE A 1 4   ? 10.866  -1.969  4.027   1.00 9.30   ? 4   PHE A CG  1 
ATOM   31   C  CD1 . PHE A 1 4   ? 11.159  -1.701  5.369   1.00 14.70  ? 4   PHE A CD1 1 
ATOM   32   C  CD2 . PHE A 1 4   ? 10.585  -0.902  3.174   1.00 14.47  ? 4   PHE A CD2 1 
ATOM   33   C  CE1 . PHE A 1 4   ? 11.205  -0.390  5.854   1.00 6.24   ? 4   PHE A CE1 1 
ATOM   34   C  CE2 . PHE A 1 4   ? 10.654  0.415   3.622   1.00 14.15  ? 4   PHE A CE2 1 
ATOM   35   C  CZ  . PHE A 1 4   ? 10.962  0.654   4.962   1.00 18.11  ? 4   PHE A CZ  1 
ATOM   36   N  N   . GLU A 1 5   ? 9.660   -6.130  3.068   1.00 4.27   ? 5   GLU A N   1 
ATOM   37   C  CA  . GLU A 1 5   ? 9.670   -7.420  2.350   1.00 8.21   ? 5   GLU A CA  1 
ATOM   38   C  C   . GLU A 1 5   ? 8.282   -7.758  1.910   1.00 16.15  ? 5   GLU A C   1 
ATOM   39   O  O   . GLU A 1 5   ? 8.044   -8.318  0.882   1.00 12.57  ? 5   GLU A O   1 
ATOM   40   C  CB  . GLU A 1 5   ? 9.994   -8.509  3.378   1.00 7.06   ? 5   GLU A CB  1 
ATOM   41   C  CG  . GLU A 1 5   ? 11.429  -8.424  3.951   1.00 25.16  ? 5   GLU A CG  1 
ATOM   42   C  CD  . GLU A 1 5   ? 11.750  -9.621  4.824   1.00 34.23  ? 5   GLU A CD  1 
ATOM   43   O  OE1 . GLU A 1 5   ? 10.922  -10.424 5.192   1.00 60.62  ? 5   GLU A OE1 1 
ATOM   44   O  OE2 . GLU A 1 5   ? 13.011  -9.774  5.087   1.00 99.96  ? 5   GLU A OE2 1 
ATOM   45   N  N   . MET A 1 6   ? 7.368   -7.501  2.819   1.00 6.45   ? 6   MET A N   1 
ATOM   46   C  CA  . MET A 1 6   ? 5.970   -7.706  2.569   1.00 3.17   ? 6   MET A CA  1 
ATOM   47   C  C   . MET A 1 6   ? 5.503   -6.888  1.355   1.00 11.56  ? 6   MET A C   1 
ATOM   48   O  O   . MET A 1 6   ? 4.959   -7.385  0.344   1.00 5.17   ? 6   MET A O   1 
ATOM   49   C  CB  . MET A 1 6   ? 5.176   -7.284  3.831   1.00 2.12   ? 6   MET A CB  1 
ATOM   50   C  CG  . MET A 1 6   ? 3.638   -7.458  3.562   1.00 3.41   ? 6   MET A CG  1 
ATOM   51   S  SD  . MET A 1 6   ? 2.547   -6.581  4.704   1.00 11.86  ? 6   MET A SD  1 
ATOM   52   C  CE  . MET A 1 6   ? 1.015   -7.560  4.766   1.00 17.26  ? 6   MET A CE  1 
ATOM   53   N  N   . LEU A 1 7   ? 5.711   -5.565  1.430   1.00 7.53   ? 7   LEU A N   1 
ATOM   54   C  CA  . LEU A 1 7   ? 5.248   -4.802  0.269   1.00 1.55   ? 7   LEU A CA  1 
ATOM   55   C  C   . LEU A 1 7   ? 6.115   -5.076  -0.946  1.00 19.65  ? 7   LEU A C   1 
ATOM   56   O  O   . LEU A 1 7   ? 5.675   -4.968  -2.082  1.00 6.77   ? 7   LEU A O   1 
ATOM   57   C  CB  . LEU A 1 7   ? 5.302   -3.285  0.553   1.00 5.16   ? 7   LEU A CB  1 
ATOM   58   C  CG  . LEU A 1 7   ? 4.053   -2.765  1.298   1.00 12.23  ? 7   LEU A CG  1 
ATOM   59   C  CD1 . LEU A 1 7   ? 4.273   -1.358  1.793   1.00 11.02  ? 7   LEU A CD1 1 
ATOM   60   C  CD2 . LEU A 1 7   ? 2.860   -2.760  0.386   1.00 11.49  ? 7   LEU A CD2 1 
ATOM   61   N  N   . ARG A 1 8   ? 7.376   -5.380  -0.763  1.00 1.00   ? 8   ARG A N   1 
ATOM   62   C  CA  . ARG A 1 8   ? 8.108   -5.648  -2.029  1.00 2.36   ? 8   ARG A CA  1 
ATOM   63   C  C   . ARG A 1 8   ? 7.492   -6.885  -2.699  1.00 20.70  ? 8   ARG A C   1 
ATOM   64   O  O   . ARG A 1 8   ? 7.505   -6.992  -3.933  1.00 14.81  ? 8   ARG A O   1 
ATOM   65   C  CB  . ARG A 1 8   ? 9.523   -6.027  -1.658  1.00 11.78  ? 8   ARG A CB  1 
ATOM   66   C  CG  . ARG A 1 8   ? 10.438  -6.570  -2.759  1.00 14.31  ? 8   ARG A CG  1 
ATOM   67   C  CD  . ARG A 1 8   ? 10.978  -5.552  -3.749  1.00 24.35  ? 8   ARG A CD  1 
ATOM   68   N  NE  . ARG A 1 8   ? 12.010  -6.069  -4.663  1.00 46.24  ? 8   ARG A NE  1 
ATOM   69   C  CZ  . ARG A 1 8   ? 11.770  -6.933  -5.655  1.00 96.17  ? 8   ARG A CZ  1 
ATOM   70   N  NH1 . ARG A 1 8   ? 10.557  -7.434  -5.887  1.00 58.11  ? 8   ARG A NH1 1 
ATOM   71   N  NH2 . ARG A 1 8   ? 12.772  -7.320  -6.443  1.00 100.00 ? 8   ARG A NH2 1 
ATOM   72   N  N   . ILE A 1 9   ? 6.893   -7.814  -1.908  1.00 5.15   ? 9   ILE A N   1 
ATOM   73   C  CA  . ILE A 1 9   ? 6.276   -8.994  -2.502  1.00 6.07   ? 9   ILE A CA  1 
ATOM   74   C  C   . ILE A 1 9   ? 5.001   -8.590  -3.237  1.00 13.11  ? 9   ILE A C   1 
ATOM   75   O  O   . ILE A 1 9   ? 4.794   -8.998  -4.376  1.00 15.08  ? 9   ILE A O   1 
ATOM   76   C  CB  . ILE A 1 9   ? 5.978   -10.124 -1.490  1.00 12.20  ? 9   ILE A CB  1 
ATOM   77   C  CG1 . ILE A 1 9   ? 7.218   -10.970 -1.206  1.00 8.16   ? 9   ILE A CG1 1 
ATOM   78   C  CG2 . ILE A 1 9   ? 4.839   -11.040 -2.007  1.00 4.80   ? 9   ILE A CG2 1 
ATOM   79   C  CD1 . ILE A 1 9   ? 7.215   -11.573 0.186   1.00 22.34  ? 9   ILE A CD1 1 
ATOM   80   N  N   . ASP A 1 10  ? 4.186   -7.717  -2.620  1.00 11.41  ? 10  ASP A N   1 
ATOM   81   C  CA  . ASP A 1 10  ? 2.914   -7.302  -3.238  1.00 7.76   ? 10  ASP A CA  1 
ATOM   82   C  C   . ASP A 1 10  ? 3.013   -6.355  -4.435  1.00 16.75  ? 10  ASP A C   1 
ATOM   83   O  O   . ASP A 1 10  ? 2.172   -6.339  -5.319  1.00 15.47  ? 10  ASP A O   1 
ATOM   84   C  CB  . ASP A 1 10  ? 1.988   -6.639  -2.179  1.00 4.35   ? 10  ASP A CB  1 
ATOM   85   C  CG  . ASP A 1 10  ? 1.443   -7.661  -1.247  1.00 17.63  ? 10  ASP A CG  1 
ATOM   86   O  OD1 . ASP A 1 10  ? 1.288   -8.837  -1.554  1.00 13.22  ? 10  ASP A OD1 1 
ATOM   87   O  OD2 . ASP A 1 10  ? 1.252   -7.172  -0.052  1.00 13.01  ? 10  ASP A OD2 1 
ATOM   88   N  N   . GLU A 1 11  ? 4.028   -5.527  -4.478  1.00 4.34   ? 11  GLU A N   1 
ATOM   89   C  CA  . GLU A 1 11  ? 4.094   -4.570  -5.561  1.00 9.78   ? 11  GLU A CA  1 
ATOM   90   C  C   . GLU A 1 11  ? 5.093   -4.889  -6.645  1.00 10.05  ? 11  GLU A C   1 
ATOM   91   O  O   . GLU A 1 11  ? 5.150   -4.213  -7.659  1.00 13.92  ? 11  GLU A O   1 
ATOM   92   C  CB  . GLU A 1 11  ? 4.597   -3.292  -4.911  1.00 7.36   ? 11  GLU A CB  1 
ATOM   93   C  CG  . GLU A 1 11  ? 3.565   -2.853  -3.872  1.00 13.75  ? 11  GLU A CG  1 
ATOM   94   C  CD  . GLU A 1 11  ? 2.400   -2.201  -4.539  1.00 8.32   ? 11  GLU A CD  1 
ATOM   95   O  OE1 . GLU A 1 11  ? 2.315   -2.059  -5.741  1.00 17.96  ? 11  GLU A OE1 1 
ATOM   96   O  OE2 . GLU A 1 11  ? 1.462   -1.857  -3.744  1.00 13.15  ? 11  GLU A OE2 1 
ATOM   97   N  N   . GLY A 1 12  ? 6.006   -5.800  -6.333  1.00 8.89   ? 12  GLY A N   1 
ATOM   98   C  CA  . GLY A 1 12  ? 7.089   -6.050  -7.277  1.00 14.62  ? 12  GLY A CA  1 
ATOM   99   C  C   . GLY A 1 12  ? 8.097   -4.889  -7.374  1.00 25.70  ? 12  GLY A C   1 
ATOM   100  O  O   . GLY A 1 12  ? 8.015   -3.867  -6.650  1.00 16.17  ? 12  GLY A O   1 
ATOM   101  N  N   . LEU A 1 13  ? 9.050   -5.045  -8.304  1.00 14.42  ? 13  LEU A N   1 
ATOM   102  C  CA  . LEU A 1 13  ? 10.015  -3.990  -8.519  1.00 20.76  ? 13  LEU A CA  1 
ATOM   103  C  C   . LEU A 1 13  ? 10.208  -3.741  -9.991  1.00 17.70  ? 13  LEU A C   1 
ATOM   104  O  O   . LEU A 1 13  ? 10.511  -4.645  -10.703 1.00 12.13  ? 13  LEU A O   1 
ATOM   105  C  CB  . LEU A 1 13  ? 11.368  -4.325  -7.877  1.00 19.64  ? 13  LEU A CB  1 
ATOM   106  C  CG  . LEU A 1 13  ? 12.459  -3.339  -8.366  1.00 40.58  ? 13  LEU A CG  1 
ATOM   107  C  CD1 . LEU A 1 13  ? 12.351  -1.940  -7.748  1.00 14.36  ? 13  LEU A CD1 1 
ATOM   108  C  CD2 . LEU A 1 13  ? 13.867  -3.902  -8.186  1.00 25.79  ? 13  LEU A CD2 1 
ATOM   109  N  N   . ARG A 1 14  ? 10.063  -2.517  -10.467 1.00 15.48  ? 14  ARG A N   1 
ATOM   110  C  CA  . ARG A 1 14  ? 10.263  -2.231  -11.879 1.00 13.29  ? 14  ARG A CA  1 
ATOM   111  C  C   . ARG A 1 14  ? 11.000  -0.946  -12.040 1.00 23.79  ? 14  ARG A C   1 
ATOM   112  O  O   . ARG A 1 14  ? 10.605  0.051   -11.444 1.00 15.11  ? 14  ARG A O   1 
ATOM   113  C  CB  . ARG A 1 14  ? 8.946   -2.070  -12.621 1.00 16.29  ? 14  ARG A CB  1 
ATOM   114  C  CG  . ARG A 1 14  ? 8.031   -3.210  -12.310 1.00 31.64  ? 14  ARG A CG  1 
ATOM   115  C  CD  . ARG A 1 14  ? 7.539   -3.900  -13.558 1.00 18.44  ? 14  ARG A CD  1 
ATOM   116  N  NE  . ARG A 1 14  ? 6.225   -4.456  -13.239 1.00 100.00 ? 14  ARG A NE  1 
ATOM   117  C  CZ  . ARG A 1 14  ? 5.196   -4.614  -14.075 1.00 100.00 ? 14  ARG A CZ  1 
ATOM   118  N  NH1 . ARG A 1 14  ? 5.287   -4.294  -15.375 1.00 98.69  ? 14  ARG A NH1 1 
ATOM   119  N  NH2 . ARG A 1 14  ? 4.052   -5.122  -13.570 1.00 100.00 ? 14  ARG A NH2 1 
ATOM   120  N  N   . LEU A 1 15  ? 12.027  -1.007  -12.852 1.00 20.89  ? 15  LEU A N   1 
ATOM   121  C  CA  . LEU A 1 15  ? 12.952  0.080   -13.135 1.00 18.80  ? 15  LEU A CA  1 
ATOM   122  C  C   . LEU A 1 15  ? 12.552  1.022   -14.262 1.00 14.98  ? 15  LEU A C   1 
ATOM   123  O  O   . LEU A 1 15  ? 13.222  2.064   -14.436 1.00 26.98  ? 15  LEU A O   1 
ATOM   124  C  CB  . LEU A 1 15  ? 14.366  -0.473  -13.400 1.00 9.56   ? 15  LEU A CB  1 
ATOM   125  C  CG  . LEU A 1 15  ? 14.955  -1.099  -12.143 1.00 13.73  ? 15  LEU A CG  1 
ATOM   126  C  CD1 . LEU A 1 15  ? 16.459  -1.104  -12.198 1.00 18.48  ? 15  LEU A CD1 1 
ATOM   127  C  CD2 . LEU A 1 15  ? 14.553  -0.340  -10.888 1.00 29.37  ? 15  LEU A CD2 1 
ATOM   128  N  N   . LYS A 1 16  ? 11.471  0.667   -14.985 1.00 9.25   ? 16  LYS A N   1 
ATOM   129  C  CA  . LYS A 1 16  ? 10.945  1.454   -16.131 1.00 18.07  ? 16  LYS A CA  1 
ATOM   130  C  C   . LYS A 1 16  ? 9.510   1.864   -15.887 1.00 23.69  ? 16  LYS A C   1 
ATOM   131  O  O   . LYS A 1 16  ? 8.783   1.042   -15.340 1.00 22.30  ? 16  LYS A O   1 
ATOM   132  C  CB  . LYS A 1 16  ? 10.924  0.648   -17.449 1.00 31.63  ? 16  LYS A CB  1 
ATOM   133  C  CG  . LYS A 1 16  ? 10.915  1.435   -18.779 1.00 75.48  ? 16  LYS A CG  1 
ATOM   134  C  CD  . LYS A 1 16  ? 10.334  2.858   -18.761 1.00 100.00 ? 16  LYS A CD  1 
ATOM   135  C  CE  . LYS A 1 16  ? 9.602   3.278   -20.046 1.00 100.00 ? 16  LYS A CE  1 
ATOM   136  N  NZ  . LYS A 1 16  ? 9.694   4.723   -20.364 1.00 49.43  ? 16  LYS A NZ  1 
ATOM   137  N  N   . ILE A 1 17  ? 9.117   3.107   -16.294 1.00 19.00  ? 17  ILE A N   1 
ATOM   138  C  CA  . ILE A 1 17  ? 7.748   3.513   -16.077 1.00 7.77   ? 17  ILE A CA  1 
ATOM   139  C  C   . ILE A 1 17  ? 6.807   2.389   -16.492 1.00 25.97  ? 17  ILE A C   1 
ATOM   140  O  O   . ILE A 1 17  ? 7.009   1.713   -17.506 1.00 11.36  ? 17  ILE A O   1 
ATOM   141  C  CB  . ILE A 1 17  ? 7.444   4.773   -16.830 1.00 4.20   ? 17  ILE A CB  1 
ATOM   142  C  CG1 . ILE A 1 17  ? 8.244   5.899   -16.193 1.00 8.47   ? 17  ILE A CG1 1 
ATOM   143  C  CG2 . ILE A 1 17  ? 5.936   5.078   -16.889 1.00 10.69  ? 17  ILE A CG2 1 
ATOM   144  C  CD1 . ILE A 1 17  ? 7.779   7.288   -16.604 1.00 8.28   ? 17  ILE A CD1 1 
ATOM   145  N  N   . TYR A 1 18  ? 5.824   2.144   -15.649 1.00 7.92   ? 18  TYR A N   1 
ATOM   146  C  CA  . TYR A 1 18  ? 4.875   1.139   -16.003 1.00 11.04  ? 18  TYR A CA  1 
ATOM   147  C  C   . TYR A 1 18  ? 3.441   1.553   -15.643 1.00 15.26  ? 18  TYR A C   1 
ATOM   148  O  O   . TYR A 1 18  ? 3.276   2.525   -14.900 1.00 25.88  ? 18  TYR A O   1 
ATOM   149  C  CB  . TYR A 1 18  ? 5.370   -0.222  -15.422 1.00 16.38  ? 18  TYR A CB  1 
ATOM   150  C  CG  . TYR A 1 18  ? 5.214   -0.384  -13.906 1.00 27.67  ? 18  TYR A CG  1 
ATOM   151  C  CD1 . TYR A 1 18  ? 4.015   -0.809  -13.312 1.00 26.23  ? 18  TYR A CD1 1 
ATOM   152  C  CD2 . TYR A 1 18  ? 6.301   -0.109  -13.076 1.00 19.64  ? 18  TYR A CD2 1 
ATOM   153  C  CE1 . TYR A 1 18  ? 3.878   -0.980  -11.931 1.00 16.13  ? 18  TYR A CE1 1 
ATOM   154  C  CE2 . TYR A 1 18  ? 6.195   -0.252  -11.693 1.00 31.91  ? 18  TYR A CE2 1 
ATOM   155  C  CZ  . TYR A 1 18  ? 4.980   -0.669  -11.132 1.00 38.83  ? 18  TYR A CZ  1 
ATOM   156  O  OH  . TYR A 1 18  ? 4.909   -0.868  -9.788  1.00 33.91  ? 18  TYR A OH  1 
ATOM   157  N  N   . LYS A 1 19  ? 2.385   0.842   -16.183 1.00 8.07   ? 19  LYS A N   1 
ATOM   158  C  CA  . LYS A 1 19  ? 1.016   1.135   -15.795 1.00 13.96  ? 19  LYS A CA  1 
ATOM   159  C  C   . LYS A 1 19  ? 0.596   0.127   -14.698 1.00 39.54  ? 19  LYS A C   1 
ATOM   160  O  O   . LYS A 1 19  ? 0.886   -1.082  -14.748 1.00 18.37  ? 19  LYS A O   1 
ATOM   161  C  CB  . LYS A 1 19  ? -0.038  1.339   -16.865 1.00 15.64  ? 19  LYS A CB  1 
ATOM   162  C  CG  . LYS A 1 19  ? 0.324   2.232   -18.041 1.00 28.83  ? 19  LYS A CG  1 
ATOM   163  C  CD  . LYS A 1 19  ? -0.912  2.943   -18.595 1.00 36.31  ? 19  LYS A CD  1 
ATOM   164  C  CE  . LYS A 1 19  ? -1.204  2.678   -20.061 1.00 28.01  ? 19  LYS A CE  1 
ATOM   165  N  NZ  . LYS A 1 19  ? -2.298  3.503   -20.601 1.00 72.95  ? 19  LYS A NZ  1 
ATOM   166  N  N   . ASP A 1 20  ? -0.031  0.605   -13.620 1.00 17.56  ? 20  ASP A N   1 
ATOM   167  C  CA  . ASP A 1 20  ? -0.363  -0.342  -12.562 1.00 14.90  ? 20  ASP A CA  1 
ATOM   168  C  C   . ASP A 1 20  ? -1.635  -1.062  -12.915 1.00 16.34  ? 20  ASP A C   1 
ATOM   169  O  O   . ASP A 1 20  ? -2.198  -0.943  -14.005 1.00 16.28  ? 20  ASP A O   1 
ATOM   170  C  CB  . ASP A 1 20  ? -0.485  0.367   -11.177 1.00 10.50  ? 20  ASP A CB  1 
ATOM   171  C  CG  . ASP A 1 20  ? -1.635  1.350   -11.241 1.00 25.60  ? 20  ASP A CG  1 
ATOM   172  O  OD1 . ASP A 1 20  ? -2.432  1.430   -12.155 1.00 21.25  ? 20  ASP A OD1 1 
ATOM   173  O  OD2 . ASP A 1 20  ? -1.767  2.055   -10.173 1.00 15.28  ? 20  ASP A OD2 1 
ATOM   174  N  N   . THR A 1 21  ? -2.172  -1.697  -11.916 1.00 9.53   ? 21  THR A N   1 
ATOM   175  C  CA  . THR A 1 21  ? -3.363  -2.425  -12.214 1.00 12.91  ? 21  THR A CA  1 
ATOM   176  C  C   . THR A 1 21  ? -4.549  -1.567  -12.573 1.00 24.92  ? 21  THR A C   1 
ATOM   177  O  O   . THR A 1 21  ? -5.449  -2.094  -13.214 1.00 12.99  ? 21  THR A O   1 
ATOM   178  C  CB  . THR A 1 21  ? -3.606  -3.538  -11.218 1.00 42.24  ? 21  THR A CB  1 
ATOM   179  O  OG1 . THR A 1 21  ? -3.659  -2.879  -9.963  1.00 31.44  ? 21  THR A OG1 1 
ATOM   180  C  CG2 . THR A 1 21  ? -2.351  -4.400  -11.257 1.00 56.08  ? 21  THR A CG2 1 
ATOM   181  N  N   . GLU A 1 22  ? -4.530  -0.263  -12.203 1.00 10.05  ? 22  GLU A N   1 
ATOM   182  C  CA  . GLU A 1 22  ? -5.629  0.669   -12.567 1.00 7.99   ? 22  GLU A CA  1 
ATOM   183  C  C   . GLU A 1 22  ? -5.359  1.466   -13.842 1.00 7.48   ? 22  GLU A C   1 
ATOM   184  O  O   . GLU A 1 22  ? -6.172  2.306   -14.234 1.00 24.45  ? 22  GLU A O   1 
ATOM   185  C  CB  . GLU A 1 22  ? -6.072  1.610   -11.443 1.00 10.17  ? 22  GLU A CB  1 
ATOM   186  C  CG  . GLU A 1 22  ? -6.336  0.939   -10.082 1.00 16.14  ? 22  GLU A CG  1 
ATOM   187  C  CD  . GLU A 1 22  ? -7.759  1.150   -9.665  1.00 59.23  ? 22  GLU A CD  1 
ATOM   188  O  OE1 . GLU A 1 22  ? -8.168  2.074   -8.967  1.00 78.53  ? 22  GLU A OE1 1 
ATOM   189  O  OE2 . GLU A 1 22  ? -8.518  0.301   -10.273 1.00 41.33  ? 22  GLU A OE2 1 
ATOM   190  N  N   . GLY A 1 23  ? -4.200  1.162   -14.465 1.00 10.33  ? 23  GLY A N   1 
ATOM   191  C  CA  . GLY A 1 23  ? -3.741  1.775   -15.698 1.00 8.38   ? 23  GLY A CA  1 
ATOM   192  C  C   . GLY A 1 23  ? -2.992  3.080   -15.461 1.00 24.57  ? 23  GLY A C   1 
ATOM   193  O  O   . GLY A 1 23  ? -2.876  3.874   -16.356 1.00 19.80  ? 23  GLY A O   1 
ATOM   194  N  N   . TYR A 1 24  ? -2.415  3.268   -14.285 1.00 18.70  ? 24  TYR A N   1 
ATOM   195  C  CA  . TYR A 1 24  ? -1.686  4.489   -14.005 1.00 19.19  ? 24  TYR A CA  1 
ATOM   196  C  C   . TYR A 1 24  ? -0.212  4.318   -14.007 1.00 18.97  ? 24  TYR A C   1 
ATOM   197  O  O   . TYR A 1 24  ? 0.308   3.303   -13.560 1.00 7.08   ? 24  TYR A O   1 
ATOM   198  C  CB  . TYR A 1 24  ? -1.935  4.888   -12.584 1.00 19.54  ? 24  TYR A CB  1 
ATOM   199  C  CG  . TYR A 1 24  ? -3.373  5.222   -12.352 1.00 16.33  ? 24  TYR A CG  1 
ATOM   200  C  CD1 . TYR A 1 24  ? -3.959  4.885   -11.131 1.00 17.45  ? 24  TYR A CD1 1 
ATOM   201  C  CD2 . TYR A 1 24  ? -4.112  5.917   -13.306 1.00 27.79  ? 24  TYR A CD2 1 
ATOM   202  C  CE1 . TYR A 1 24  ? -5.293  5.184   -10.856 1.00 22.31  ? 24  TYR A CE1 1 
ATOM   203  C  CE2 . TYR A 1 24  ? -5.448  6.229   -13.042 1.00 38.03  ? 24  TYR A CE2 1 
ATOM   204  C  CZ  . TYR A 1 24  ? -6.036  5.849   -11.831 1.00 67.55  ? 24  TYR A CZ  1 
ATOM   205  O  OH  . TYR A 1 24  ? -7.343  6.155   -11.544 1.00 32.67  ? 24  TYR A OH  1 
ATOM   206  N  N   . TYR A 1 25  ? 0.445   5.378   -14.440 1.00 10.98  ? 25  TYR A N   1 
ATOM   207  C  CA  . TYR A 1 25  ? 1.899   5.449   -14.464 1.00 13.47  ? 25  TYR A CA  1 
ATOM   208  C  C   . TYR A 1 25  ? 2.551   5.276   -13.088 1.00 11.15  ? 25  TYR A C   1 
ATOM   209  O  O   . TYR A 1 25  ? 2.413   6.065   -12.141 1.00 10.30  ? 25  TYR A O   1 
ATOM   210  C  CB  . TYR A 1 25  ? 2.344   6.782   -15.118 1.00 6.50   ? 25  TYR A CB  1 
ATOM   211  C  CG  . TYR A 1 25  ? 2.054   6.664   -16.581 1.00 21.54  ? 25  TYR A CG  1 
ATOM   212  C  CD1 . TYR A 1 25  ? 1.381   7.677   -17.260 1.00 30.81  ? 25  TYR A CD1 1 
ATOM   213  C  CD2 . TYR A 1 25  ? 2.353   5.484   -17.267 1.00 25.93  ? 25  TYR A CD2 1 
ATOM   214  C  CE1 . TYR A 1 25  ? 1.035   7.539   -18.609 1.00 29.03  ? 25  TYR A CE1 1 
ATOM   215  C  CE2 . TYR A 1 25  ? 2.032   5.342   -18.620 1.00 31.66  ? 25  TYR A CE2 1 
ATOM   216  C  CZ  . TYR A 1 25  ? 1.401   6.386   -19.305 1.00 43.74  ? 25  TYR A CZ  1 
ATOM   217  O  OH  . TYR A 1 25  ? 1.095   6.287   -20.648 1.00 31.13  ? 25  TYR A OH  1 
ATOM   218  N  N   . THR A 1 26  ? 3.359   4.266   -13.045 1.00 7.41   ? 26  THR A N   1 
ATOM   219  C  CA  . THR A 1 26  ? 4.029   3.938   -11.825 1.00 7.17   ? 26  THR A CA  1 
ATOM   220  C  C   . THR A 1 26  ? 5.450   3.553   -12.135 1.00 13.53  ? 26  THR A C   1 
ATOM   221  O  O   . THR A 1 26  ? 5.770   3.262   -13.285 1.00 15.93  ? 26  THR A O   1 
ATOM   222  C  CB  . THR A 1 26  ? 3.219   2.711   -11.244 1.00 16.19  ? 26  THR A CB  1 
ATOM   223  O  OG1 . THR A 1 26  ? 1.845   3.028   -11.179 1.00 12.11  ? 26  THR A OG1 1 
ATOM   224  C  CG2 . THR A 1 26  ? 3.665   2.132   -9.882  1.00 1.00   ? 26  THR A CG2 1 
ATOM   225  N  N   . ILE A 1 27  ? 6.276   3.478   -11.071 1.00 15.56  ? 27  ILE A N   1 
ATOM   226  C  CA  . ILE A 1 27  ? 7.638   3.033   -11.176 1.00 14.21  ? 27  ILE A CA  1 
ATOM   227  C  C   . ILE A 1 27  ? 8.174   2.437   -9.892  1.00 1.36   ? 27  ILE A C   1 
ATOM   228  O  O   . ILE A 1 27  ? 7.682   2.659   -8.796  1.00 2.64   ? 27  ILE A O   1 
ATOM   229  C  CB  . ILE A 1 27  ? 8.579   4.140   -11.630 1.00 18.58  ? 27  ILE A CB  1 
ATOM   230  C  CG1 . ILE A 1 27  ? 9.834   3.531   -12.234 1.00 11.12  ? 27  ILE A CG1 1 
ATOM   231  C  CG2 . ILE A 1 27  ? 8.941   4.959   -10.401 1.00 33.75  ? 27  ILE A CG2 1 
ATOM   232  C  CD1 . ILE A 1 27  ? 10.581  4.440   -13.162 1.00 18.97  ? 27  ILE A CD1 1 
ATOM   233  N  N   . GLY A 1 28  ? 9.295   1.736   -10.015 1.00 4.65   ? 28  GLY A N   1 
ATOM   234  C  CA  . GLY A 1 28  ? 9.966   1.209   -8.821  1.00 5.15   ? 28  GLY A CA  1 
ATOM   235  C  C   . GLY A 1 28  ? 9.141   0.142   -8.106  1.00 24.25  ? 28  GLY A C   1 
ATOM   236  O  O   . GLY A 1 28  ? 8.735   -0.870  -8.693  1.00 8.04   ? 28  GLY A O   1 
ATOM   237  N  N   . ILE A 1 29  ? 8.927   0.384   -6.814  1.00 6.72   ? 29  ILE A N   1 
ATOM   238  C  CA  . ILE A 1 29  ? 8.156   -0.476  -5.937  1.00 7.29   ? 29  ILE A CA  1 
ATOM   239  C  C   . ILE A 1 29  ? 6.811   0.155   -5.610  1.00 13.35  ? 29  ILE A C   1 
ATOM   240  O  O   . ILE A 1 29  ? 6.532   0.676   -4.513  1.00 14.40  ? 29  ILE A O   1 
ATOM   241  C  CB  . ILE A 1 29  ? 8.945   -0.884  -4.697  1.00 15.28  ? 29  ILE A CB  1 
ATOM   242  C  CG1 . ILE A 1 29  ? 10.269  -1.525  -5.165  1.00 17.30  ? 29  ILE A CG1 1 
ATOM   243  C  CG2 . ILE A 1 29  ? 8.094   -1.893  -3.930  1.00 7.34   ? 29  ILE A CG2 1 
ATOM   244  C  CD1 . ILE A 1 29  ? 11.456  -1.346  -4.225  1.00 20.85  ? 29  ILE A CD1 1 
ATOM   245  N  N   . GLY A 1 30  ? 5.932   0.078   -6.601  1.00 9.79   ? 30  GLY A N   1 
ATOM   246  C  CA  . GLY A 1 30  ? 4.601   0.610   -6.443  1.00 8.66   ? 30  GLY A CA  1 
ATOM   247  C  C   . GLY A 1 30  ? 4.604   2.130   -6.278  1.00 9.08   ? 30  GLY A C   1 
ATOM   248  O  O   . GLY A 1 30  ? 3.690   2.704   -5.736  1.00 15.20  ? 30  GLY A O   1 
ATOM   249  N  N   . HIS A 1 31  ? 5.576   2.853   -6.809  1.00 6.25   ? 31  HIS A N   1 
ATOM   250  C  CA  . HIS A 1 31  ? 5.512   4.314   -6.644  1.00 9.76   ? 31  HIS A CA  1 
ATOM   251  C  C   . HIS A 1 31  ? 4.626   4.996   -7.711  1.00 10.94  ? 31  HIS A C   1 
ATOM   252  O  O   . HIS A 1 31  ? 4.974   5.083   -8.913  1.00 9.53   ? 31  HIS A O   1 
ATOM   253  C  CB  . HIS A 1 31  ? 6.961   4.931   -6.538  1.00 5.63   ? 31  HIS A CB  1 
ATOM   254  C  CG  . HIS A 1 31  ? 6.854   6.415   -6.315  1.00 8.28   ? 31  HIS A CG  1 
ATOM   255  N  ND1 . HIS A 1 31  ? 6.853   6.993   -5.054  1.00 3.59   ? 31  HIS A ND1 1 
ATOM   256  C  CD2 . HIS A 1 31  ? 6.755   7.418   -7.200  1.00 7.12   ? 31  HIS A CD2 1 
ATOM   257  C  CE1 . HIS A 1 31  ? 6.641   8.317   -5.166  1.00 6.11   ? 31  HIS A CE1 1 
ATOM   258  N  NE2 . HIS A 1 31  ? 6.630   8.589   -6.464  1.00 8.90   ? 31  HIS A NE2 1 
ATOM   259  N  N   . LEU A 1 32  ? 3.473   5.525   -7.293  1.00 5.81   ? 32  LEU A N   1 
ATOM   260  C  CA  . LEU A 1 32  ? 2.580   6.129   -8.270  1.00 15.08  ? 32  LEU A CA  1 
ATOM   261  C  C   . LEU A 1 32  ? 3.153   7.449   -8.767  1.00 21.43  ? 32  LEU A C   1 
ATOM   262  O  O   . LEU A 1 32  ? 3.594   8.297   -8.007  1.00 11.16  ? 32  LEU A O   1 
ATOM   263  C  CB  . LEU A 1 32  ? 1.180   6.320   -7.658  1.00 18.38  ? 32  LEU A CB  1 
ATOM   264  C  CG  . LEU A 1 32  ? 0.286   7.265   -8.478  1.00 46.59  ? 32  LEU A CG  1 
ATOM   265  C  CD1 . LEU A 1 32  ? 0.081   6.648   -9.867  1.00 49.71  ? 32  LEU A CD1 1 
ATOM   266  C  CD2 . LEU A 1 32  ? -1.053  7.625   -7.788  1.00 12.31  ? 32  LEU A CD2 1 
ATOM   267  N  N   . LEU A 1 33  ? 3.168   7.645   -10.048 1.00 3.92   ? 33  LEU A N   1 
ATOM   268  C  CA  . LEU A 1 33  ? 3.721   8.941   -10.462 1.00 5.39   ? 33  LEU A CA  1 
ATOM   269  C  C   . LEU A 1 33  ? 2.623   9.946   -10.750 1.00 25.42  ? 33  LEU A C   1 
ATOM   270  O  O   . LEU A 1 33  ? 2.710   11.114  -10.369 1.00 12.23  ? 33  LEU A O   1 
ATOM   271  C  CB  . LEU A 1 33  ? 4.399   8.726   -11.814 1.00 7.52   ? 33  LEU A CB  1 
ATOM   272  C  CG  . LEU A 1 33  ? 5.711   7.987   -11.700 1.00 21.13  ? 33  LEU A CG  1 
ATOM   273  C  CD1 . LEU A 1 33  ? 6.266   7.685   -13.096 1.00 12.59  ? 33  LEU A CD1 1 
ATOM   274  C  CD2 . LEU A 1 33  ? 6.689   8.899   -10.964 1.00 10.29  ? 33  LEU A CD2 1 
ATOM   275  N  N   . THR A 1 34  ? 1.610   9.472   -11.511 1.00 6.65   ? 34  THR A N   1 
ATOM   276  C  CA  . THR A 1 34  ? 0.513   10.348  -11.876 1.00 16.08  ? 34  THR A CA  1 
ATOM   277  C  C   . THR A 1 34  ? -0.645  9.566   -12.372 1.00 22.09  ? 34  THR A C   1 
ATOM   278  O  O   . THR A 1 34  ? -0.402  8.479   -12.941 1.00 34.49  ? 34  THR A O   1 
ATOM   279  C  CB  . THR A 1 34  ? 0.881   11.359  -13.003 1.00 46.51  ? 34  THR A CB  1 
ATOM   280  O  OG1 . THR A 1 34  ? -0.206  12.238  -13.258 1.00 39.59  ? 34  THR A OG1 1 
ATOM   281  C  CG2 . THR A 1 34  ? 1.233   10.657  -14.311 1.00 26.39  ? 34  THR A CG2 1 
ATOM   282  N  N   . LYS A 1 35  ? -1.833  10.205  -12.214 1.00 32.25  ? 35  LYS A N   1 
ATOM   283  C  CA  . LYS A 1 35  ? -3.120  9.675   -12.666 1.00 29.04  ? 35  LYS A CA  1 
ATOM   284  C  C   . LYS A 1 35  ? -3.413  10.000  -14.118 1.00 27.58  ? 35  LYS A C   1 
ATOM   285  O  O   . LYS A 1 35  ? -4.179  9.311   -14.797 1.00 29.16  ? 35  LYS A O   1 
ATOM   286  C  CB  . LYS A 1 35  ? -4.325  9.956   -11.777 1.00 18.98  ? 35  LYS A CB  1 
ATOM   287  C  CG  . LYS A 1 35  ? -4.100  9.578   -10.292 1.00 100.00 ? 35  LYS A CG  1 
ATOM   288  C  CD  . LYS A 1 35  ? -5.338  9.206   -9.427  1.00 24.40  ? 35  LYS A CD  1 
ATOM   289  C  CE  . LYS A 1 35  ? -5.338  9.811   -8.012  1.00 100.00 ? 35  LYS A CE  1 
ATOM   290  N  NZ  . LYS A 1 35  ? -6.674  10.373  -7.560  1.00 100.00 ? 35  LYS A NZ  1 
ATOM   291  N  N   . SER A 1 36  ? -2.780  11.052  -14.571 1.00 25.69  ? 36  SER A N   1 
ATOM   292  C  CA  . SER A 1 36  ? -2.913  11.515  -15.934 1.00 32.73  ? 36  SER A CA  1 
ATOM   293  C  C   . SER A 1 36  ? -2.434  10.419  -16.843 1.00 29.55  ? 36  SER A C   1 
ATOM   294  O  O   . SER A 1 36  ? -1.499  9.714   -16.489 1.00 25.41  ? 36  SER A O   1 
ATOM   295  C  CB  . SER A 1 36  ? -2.084  12.798  -16.185 1.00 34.25  ? 36  SER A CB  1 
ATOM   296  O  OG  . SER A 1 36  ? -1.929  13.121  -17.572 1.00 52.08  ? 36  SER A OG  1 
ATOM   297  N  N   . PRO A 1 37  ? -3.071  10.331  -18.024 1.00 42.52  ? 37  PRO A N   1 
ATOM   298  C  CA  . PRO A 1 37  ? -2.754  9.351   -19.042 1.00 29.67  ? 37  PRO A CA  1 
ATOM   299  C  C   . PRO A 1 37  ? -1.679  9.830   -19.999 1.00 32.23  ? 37  PRO A C   1 
ATOM   300  O  O   . PRO A 1 37  ? -1.409  9.151   -21.000 1.00 31.63  ? 37  PRO A O   1 
ATOM   301  C  CB  . PRO A 1 37  ? -4.043  9.140   -19.795 1.00 29.37  ? 37  PRO A CB  1 
ATOM   302  C  CG  . PRO A 1 37  ? -4.823  10.407  -19.629 1.00 28.49  ? 37  PRO A CG  1 
ATOM   303  C  CD  . PRO A 1 37  ? -4.299  11.064  -18.374 1.00 28.15  ? 37  PRO A CD  1 
ATOM   304  N  N   . SER A 1 38  ? -1.046  10.979  -19.664 1.00 27.37  ? 38  SER A N   1 
ATOM   305  C  CA  . SER A 1 38  ? 0.036   11.547  -20.466 1.00 21.80  ? 38  SER A CA  1 
ATOM   306  C  C   . SER A 1 38  ? 1.368   11.047  -19.931 1.00 28.12  ? 38  SER A C   1 
ATOM   307  O  O   . SER A 1 38  ? 1.715   11.261  -18.752 1.00 19.53  ? 38  SER A O   1 
ATOM   308  C  CB  . SER A 1 38  ? -0.018  13.109  -20.601 1.00 44.95  ? 38  SER A CB  1 
ATOM   309  O  OG  . SER A 1 38  ? 1.086   13.656  -21.359 1.00 36.76  ? 38  SER A OG  1 
ATOM   310  N  N   . LEU A 1 39  ? 2.096   10.371  -20.811 1.00 23.15  ? 39  LEU A N   1 
ATOM   311  C  CA  . LEU A 1 39  ? 3.363   9.801   -20.437 1.00 27.07  ? 39  LEU A CA  1 
ATOM   312  C  C   . LEU A 1 39  ? 4.365   10.847  -20.052 1.00 25.32  ? 39  LEU A C   1 
ATOM   313  O  O   . LEU A 1 39  ? 5.295   10.660  -19.245 1.00 21.00  ? 39  LEU A O   1 
ATOM   314  C  CB  . LEU A 1 39  ? 3.865   8.765   -21.483 1.00 16.51  ? 39  LEU A CB  1 
ATOM   315  C  CG  . LEU A 1 39  ? 5.254   8.157   -21.195 1.00 37.77  ? 39  LEU A CG  1 
ATOM   316  C  CD1 . LEU A 1 39  ? 5.340   7.464   -19.825 1.00 36.74  ? 39  LEU A CD1 1 
ATOM   317  C  CD2 . LEU A 1 39  ? 5.604   7.156   -22.276 1.00 49.83  ? 39  LEU A CD2 1 
ATOM   318  N  N   . ASN A 1 40  ? 4.154   11.964  -20.687 1.00 24.37  ? 40  ASN A N   1 
ATOM   319  C  CA  . ASN A 1 40  ? 5.058   13.044  -20.453 1.00 16.58  ? 40  ASN A CA  1 
ATOM   320  C  C   . ASN A 1 40  ? 4.856   13.669  -19.100 1.00 15.91  ? 40  ASN A C   1 
ATOM   321  O  O   . ASN A 1 40  ? 5.791   14.045  -18.404 1.00 14.62  ? 40  ASN A O   1 
ATOM   322  C  CB  . ASN A 1 40  ? 5.351   13.919  -21.704 1.00 59.91  ? 40  ASN A CB  1 
ATOM   323  C  CG  . ASN A 1 40  ? 6.104   13.123  -22.782 1.00 47.63  ? 40  ASN A CG  1 
ATOM   324  O  OD1 . ASN A 1 40  ? 7.331   13.216  -22.929 1.00 77.82  ? 40  ASN A OD1 1 
ATOM   325  N  ND2 . ASN A 1 40  ? 5.393   12.250  -23.484 1.00 100.00 ? 40  ASN A ND2 1 
ATOM   326  N  N   . ALA A 1 41  ? 3.611   13.717  -18.660 1.00 19.25  ? 41  ALA A N   1 
ATOM   327  C  CA  . ALA A 1 41  ? 3.388   14.188  -17.314 1.00 24.18  ? 41  ALA A CA  1 
ATOM   328  C  C   . ALA A 1 41  ? 4.105   13.212  -16.367 1.00 24.47  ? 41  ALA A C   1 
ATOM   329  O  O   . ALA A 1 41  ? 4.700   13.572  -15.336 1.00 22.68  ? 41  ALA A O   1 
ATOM   330  C  CB  . ALA A 1 41  ? 1.915   14.203  -16.939 1.00 19.60  ? 41  ALA A CB  1 
ATOM   331  N  N   . ALA A 1 42  ? 4.022   11.941  -16.733 1.00 22.42  ? 42  ALA A N   1 
ATOM   332  C  CA  . ALA A 1 42  ? 4.664   10.927  -15.925 1.00 24.77  ? 42  ALA A CA  1 
ATOM   333  C  C   . ALA A 1 42  ? 6.209   11.074  -15.836 1.00 14.30  ? 42  ALA A C   1 
ATOM   334  O  O   . ALA A 1 42  ? 6.864   10.992  -14.774 1.00 14.22  ? 42  ALA A O   1 
ATOM   335  C  CB  . ALA A 1 42  ? 4.124   9.550   -16.322 1.00 17.99  ? 42  ALA A CB  1 
ATOM   336  N  N   . LYS A 1 43  ? 6.841   11.304  -16.970 1.00 16.41  ? 43  LYS A N   1 
ATOM   337  C  CA  . LYS A 1 43  ? 8.271   11.461  -16.971 1.00 9.66   ? 43  LYS A CA  1 
ATOM   338  C  C   . LYS A 1 43  ? 8.665   12.716  -16.226 1.00 13.94  ? 43  LYS A C   1 
ATOM   339  O  O   . LYS A 1 43  ? 9.625   12.703  -15.483 1.00 19.04  ? 43  LYS A O   1 
ATOM   340  C  CB  . LYS A 1 43  ? 8.791   11.577  -18.369 1.00 14.94  ? 43  LYS A CB  1 
ATOM   341  C  CG  . LYS A 1 43  ? 8.812   10.246  -19.037 1.00 19.30  ? 43  LYS A CG  1 
ATOM   342  C  CD  . LYS A 1 43  ? 8.648   10.365  -20.532 1.00 29.33  ? 43  LYS A CD  1 
ATOM   343  C  CE  . LYS A 1 43  ? 9.879   9.898   -21.296 1.00 73.89  ? 43  LYS A CE  1 
ATOM   344  N  NZ  . LYS A 1 43  ? 10.641  11.003  -21.908 1.00 85.59  ? 43  LYS A NZ  1 
ATOM   345  N  N   . SER A 1 44  ? 7.858   13.758  -16.345 1.00 12.53  ? 44  SER A N   1 
ATOM   346  C  CA  . SER A 1 44  ? 8.125   15.006  -15.617 1.00 20.20  ? 44  SER A CA  1 
ATOM   347  C  C   . SER A 1 44  ? 8.157   14.779  -14.083 1.00 20.57  ? 44  SER A C   1 
ATOM   348  O  O   . SER A 1 44  ? 9.070   15.132  -13.293 1.00 12.96  ? 44  SER A O   1 
ATOM   349  C  CB  . SER A 1 44  ? 7.186   16.126  -16.135 1.00 13.16  ? 44  SER A CB  1 
ATOM   350  O  OG  . SER A 1 44  ? 6.692   16.978  -15.123 1.00 60.52  ? 44  SER A OG  1 
ATOM   351  N  N   . GLU A 1 45  ? 7.113   14.105  -13.689 1.00 13.10  ? 45  GLU A N   1 
ATOM   352  C  CA  . GLU A 1 45  ? 6.919   13.667  -12.325 1.00 26.10  ? 45  GLU A CA  1 
ATOM   353  C  C   . GLU A 1 45  ? 8.108   12.836  -11.820 1.00 11.87  ? 45  GLU A C   1 
ATOM   354  O  O   . GLU A 1 45  ? 8.655   13.151  -10.718 1.00 15.94  ? 45  GLU A O   1 
ATOM   355  C  CB  . GLU A 1 45  ? 5.603   12.873  -12.194 1.00 26.96  ? 45  GLU A CB  1 
ATOM   356  C  CG  . GLU A 1 45  ? 4.328   13.719  -11.987 1.00 21.54  ? 45  GLU A CG  1 
ATOM   357  C  CD  . GLU A 1 45  ? 4.422   14.867  -10.964 1.00 13.56  ? 45  GLU A CD  1 
ATOM   358  O  OE1 . GLU A 1 45  ? 4.686   14.746  -9.758  1.00 16.36  ? 45  GLU A OE1 1 
ATOM   359  O  OE2 . GLU A 1 45  ? 4.055   16.003  -11.499 1.00 23.92  ? 45  GLU A OE2 1 
ATOM   360  N  N   . LEU A 1 46  ? 8.508   11.818  -12.638 1.00 4.34   ? 46  LEU A N   1 
ATOM   361  C  CA  . LEU A 1 46  ? 9.662   10.966  -12.339 1.00 6.41   ? 46  LEU A CA  1 
ATOM   362  C  C   . LEU A 1 46  ? 10.901  11.837  -12.105 1.00 16.88  ? 46  LEU A C   1 
ATOM   363  O  O   . LEU A 1 46  ? 11.625  11.720  -11.076 1.00 10.22  ? 46  LEU A O   1 
ATOM   364  C  CB  . LEU A 1 46  ? 9.965   9.971   -13.455 1.00 7.05   ? 46  LEU A CB  1 
ATOM   365  C  CG  . LEU A 1 46  ? 11.186  9.133   -13.104 1.00 10.40  ? 46  LEU A CG  1 
ATOM   366  C  CD1 . LEU A 1 46  ? 10.832  8.452   -11.798 1.00 24.83  ? 46  LEU A CD1 1 
ATOM   367  C  CD2 . LEU A 1 46  ? 11.285  7.940   -14.030 1.00 12.59  ? 46  LEU A CD2 1 
ATOM   368  N  N   . ASP A 1 47  ? 11.145  12.764  -13.057 1.00 12.42  ? 47  ASP A N   1 
ATOM   369  C  CA  . ASP A 1 47  ? 12.289  13.681  -12.973 1.00 17.43  ? 47  ASP A CA  1 
ATOM   370  C  C   . ASP A 1 47  ? 12.299  14.491  -11.723 1.00 16.98  ? 47  ASP A C   1 
ATOM   371  O  O   . ASP A 1 47  ? 13.345  14.582  -11.047 1.00 12.65  ? 47  ASP A O   1 
ATOM   372  C  CB  . ASP A 1 47  ? 12.541  14.533  -14.231 1.00 19.58  ? 47  ASP A CB  1 
ATOM   373  C  CG  . ASP A 1 47  ? 12.968  13.597  -15.349 1.00 34.22  ? 47  ASP A CG  1 
ATOM   374  O  OD1 . ASP A 1 47  ? 13.228  12.405  -15.264 1.00 23.54  ? 47  ASP A OD1 1 
ATOM   375  O  OD2 . ASP A 1 47  ? 13.041  14.184  -16.455 1.00 25.33  ? 47  ASP A OD2 1 
ATOM   376  N  N   . LYS A 1 48  ? 11.116  15.040  -11.431 1.00 13.03  ? 48  LYS A N   1 
ATOM   377  C  CA  . LYS A 1 48  ? 10.942  15.819  -10.194 1.00 11.71  ? 48  LYS A CA  1 
ATOM   378  C  C   . LYS A 1 48  ? 11.204  14.991  -8.900  1.00 13.33  ? 48  LYS A C   1 
ATOM   379  O  O   . LYS A 1 48  ? 11.828  15.395  -7.905  1.00 12.69  ? 48  LYS A O   1 
ATOM   380  C  CB  . LYS A 1 48  ? 9.518   16.378  -10.171 1.00 16.57  ? 48  LYS A CB  1 
ATOM   381  C  CG  . LYS A 1 48  ? 9.260   17.104  -8.852  1.00 18.66  ? 48  LYS A CG  1 
ATOM   382  C  CD  . LYS A 1 48  ? 8.092   18.044  -8.853  1.00 24.57  ? 48  LYS A CD  1 
ATOM   383  C  CE  . LYS A 1 48  ? 6.812   17.467  -9.431  1.00 8.63   ? 48  LYS A CE  1 
ATOM   384  N  NZ  . LYS A 1 48  ? 6.044   16.842  -8.358  1.00 9.51   ? 48  LYS A NZ  1 
ATOM   385  N  N   . ALA A 1 49  ? 10.692  13.775  -8.884  1.00 12.77  ? 49  ALA A N   1 
ATOM   386  C  CA  . ALA A 1 49  ? 10.893  12.927  -7.747  1.00 20.35  ? 49  ALA A CA  1 
ATOM   387  C  C   . ALA A 1 49  ? 12.341  12.465  -7.552  1.00 24.64  ? 49  ALA A C   1 
ATOM   388  O  O   . ALA A 1 49  ? 12.763  12.377  -6.416  1.00 11.68  ? 49  ALA A O   1 
ATOM   389  C  CB  . ALA A 1 49  ? 10.033  11.700  -7.900  1.00 20.27  ? 49  ALA A CB  1 
ATOM   390  N  N   . ILE A 1 50  ? 13.107  12.180  -8.607  1.00 14.48  ? 50  ILE A N   1 
ATOM   391  C  CA  . ILE A 1 50  ? 14.473  11.672  -8.448  1.00 11.49  ? 50  ILE A CA  1 
ATOM   392  C  C   . ILE A 1 50  ? 15.516  12.776  -8.315  1.00 24.60  ? 50  ILE A C   1 
ATOM   393  O  O   . ILE A 1 50  ? 16.555  12.681  -7.633  1.00 15.43  ? 50  ILE A O   1 
ATOM   394  C  CB  . ILE A 1 50  ? 14.835  10.781  -9.655  1.00 21.57  ? 50  ILE A CB  1 
ATOM   395  C  CG1 . ILE A 1 50  ? 13.864  9.612   -9.736  1.00 23.16  ? 50  ILE A CG1 1 
ATOM   396  C  CG2 . ILE A 1 50  ? 16.282  10.278  -9.582  1.00 14.73  ? 50  ILE A CG2 1 
ATOM   397  C  CD1 . ILE A 1 50  ? 13.987  8.722   -8.502  1.00 13.21  ? 50  ILE A CD1 1 
ATOM   398  N  N   . GLY A 1 51  ? 15.224  13.857  -9.020  1.00 6.82   ? 51  GLY A N   1 
ATOM   399  C  CA  . GLY A 1 51  ? 16.162  14.977  -8.983  1.00 8.84   ? 51  GLY A CA  1 
ATOM   400  C  C   . GLY A 1 51  ? 17.083  14.915  -10.196 1.00 15.99  ? 51  GLY A C   1 
ATOM   401  O  O   . GLY A 1 51  ? 18.266  15.222  -10.141 1.00 26.01  ? 51  GLY A O   1 
ATOM   402  N  N   . ARG A 1 52  ? 16.556  14.469  -11.291 1.00 18.35  ? 52  ARG A N   1 
ATOM   403  C  CA  . ARG A 1 52  ? 17.368  14.339  -12.457 1.00 21.50  ? 52  ARG A CA  1 
ATOM   404  C  C   . ARG A 1 52  ? 16.518  13.873  -13.588 1.00 12.86  ? 52  ARG A C   1 
ATOM   405  O  O   . ARG A 1 52  ? 15.377  13.461  -13.417 1.00 16.05  ? 52  ARG A O   1 
ATOM   406  C  CB  . ARG A 1 52  ? 18.526  13.384  -12.227 1.00 18.60  ? 52  ARG A CB  1 
ATOM   407  C  CG  . ARG A 1 52  ? 18.198  11.894  -12.391 1.00 43.48  ? 52  ARG A CG  1 
ATOM   408  C  CD  . ARG A 1 52  ? 19.423  11.013  -12.079 1.00 18.60  ? 52  ARG A CD  1 
ATOM   409  N  NE  . ARG A 1 52  ? 19.148  9.583   -12.080 1.00 22.01  ? 52  ARG A NE  1 
ATOM   410  C  CZ  . ARG A 1 52  ? 18.940  8.838   -13.164 1.00 22.71  ? 52  ARG A CZ  1 
ATOM   411  N  NH1 . ARG A 1 52  ? 19.038  9.334   -14.384 1.00 43.78  ? 52  ARG A NH1 1 
ATOM   412  N  NH2 . ARG A 1 52  ? 18.688  7.535   -13.021 1.00 46.96  ? 52  ARG A NH2 1 
ATOM   413  N  N   . ASN A 1 53  ? 17.065  14.065  -14.772 1.00 21.46  ? 53  ASN A N   1 
ATOM   414  C  CA  . ASN A 1 53  ? 16.352  13.668  -15.983 1.00 33.86  ? 53  ASN A CA  1 
ATOM   415  C  C   . ASN A 1 53  ? 16.596  12.161  -16.185 1.00 32.30  ? 53  ASN A C   1 
ATOM   416  O  O   . ASN A 1 53  ? 17.718  11.662  -16.371 1.00 20.94  ? 53  ASN A O   1 
ATOM   417  C  CB  . ASN A 1 53  ? 16.685  14.577  -17.210 1.00 77.13  ? 53  ASN A CB  1 
ATOM   418  C  CG  . ASN A 1 53  ? 15.955  15.927  -17.248 1.00 100.00 ? 53  ASN A CG  1 
ATOM   419  O  OD1 . ASN A 1 53  ? 15.653  16.530  -16.193 1.00 100.00 ? 53  ASN A OD1 1 
ATOM   420  N  ND2 . ASN A 1 53  ? 15.669  16.417  -18.460 1.00 100.00 ? 53  ASN A ND2 1 
ATOM   421  N  N   . CYS A 1 54  ? 15.537  11.398  -16.042 1.00 16.75  ? 54  CYS A N   1 
ATOM   422  C  CA  . CYS A 1 54  ? 15.638  9.946   -16.057 1.00 16.28  ? 54  CYS A CA  1 
ATOM   423  C  C   . CYS A 1 54  ? 15.302  9.341   -17.396 1.00 15.76  ? 54  CYS A C   1 
ATOM   424  O  O   . CYS A 1 54  ? 15.655  8.186   -17.697 1.00 29.18  ? 54  CYS A O   1 
ATOM   425  C  CB  . CYS A 1 54  ? 14.645  9.422   -14.948 1.00 12.45  ? 54  CYS A CB  1 
ATOM   426  S  SG  . CYS A 1 54  ? 15.319  9.977   -13.329 1.00 25.92  ? 54  CYS A SG  1 
ATOM   427  N  N   . ASN A 1 55  ? 14.494  10.099  -18.113 1.00 16.92  ? 55  ASN A N   1 
ATOM   428  C  CA  . ASN A 1 55  ? 13.989  9.571   -19.320 1.00 28.82  ? 55  ASN A CA  1 
ATOM   429  C  C   . ASN A 1 55  ? 13.253  8.240   -19.029 1.00 28.76  ? 55  ASN A C   1 
ATOM   430  O  O   . ASN A 1 55  ? 13.465  7.221   -19.697 1.00 23.22  ? 55  ASN A O   1 
ATOM   431  C  CB  . ASN A 1 55  ? 15.144  9.428   -20.331 1.00 41.46  ? 55  ASN A CB  1 
ATOM   432  C  CG  . ASN A 1 55  ? 14.652  9.244   -21.756 1.00 100.00 ? 55  ASN A CG  1 
ATOM   433  O  OD1 . ASN A 1 55  ? 13.592  9.776   -22.194 1.00 24.07  ? 55  ASN A OD1 1 
ATOM   434  N  ND2 . ASN A 1 55  ? 15.419  8.417   -22.458 1.00 23.02  ? 55  ASN A ND2 1 
ATOM   435  N  N   . GLY A 1 56  ? 12.432  8.199   -17.968 1.00 18.20  ? 56  GLY A N   1 
ATOM   436  C  CA  . GLY A 1 56  ? 11.641  6.998   -17.685 1.00 14.29  ? 56  GLY A CA  1 
ATOM   437  C  C   . GLY A 1 56  ? 12.338  5.795   -17.052 1.00 19.25  ? 56  GLY A C   1 
ATOM   438  O  O   . GLY A 1 56  ? 11.732  4.746   -16.843 1.00 17.93  ? 56  GLY A O   1 
ATOM   439  N  N   . VAL A 1 57  ? 13.602  5.919   -16.699 1.00 9.49   ? 57  VAL A N   1 
ATOM   440  C  CA  . VAL A 1 57  ? 14.280  4.754   -16.094 1.00 8.41   ? 57  VAL A CA  1 
ATOM   441  C  C   . VAL A 1 57  ? 15.060  5.131   -14.846 1.00 23.71  ? 57  VAL A C   1 
ATOM   442  O  O   . VAL A 1 57  ? 15.569  6.236   -14.724 1.00 18.32  ? 57  VAL A O   1 
ATOM   443  C  CB  . VAL A 1 57  ? 15.226  4.194   -17.109 1.00 22.25  ? 57  VAL A CB  1 
ATOM   444  C  CG1 . VAL A 1 57  ? 16.094  3.113   -16.533 1.00 17.30  ? 57  VAL A CG1 1 
ATOM   445  C  CG2 . VAL A 1 57  ? 14.314  3.622   -18.160 1.00 26.78  ? 57  VAL A CG2 1 
ATOM   446  N  N   . ILE A 1 58  ? 15.134  4.231   -13.896 1.00 11.70  ? 58  ILE A N   1 
ATOM   447  C  CA  . ILE A 1 58  ? 15.799  4.580   -12.669 1.00 13.77  ? 58  ILE A CA  1 
ATOM   448  C  C   . ILE A 1 58  ? 16.605  3.391   -12.291 1.00 19.84  ? 58  ILE A C   1 
ATOM   449  O  O   . ILE A 1 58  ? 16.357  2.296   -12.823 1.00 10.85  ? 58  ILE A O   1 
ATOM   450  C  CB  . ILE A 1 58  ? 14.794  4.894   -11.515 1.00 21.34  ? 58  ILE A CB  1 
ATOM   451  C  CG1 . ILE A 1 58  ? 13.908  3.680   -11.105 1.00 5.85   ? 58  ILE A CG1 1 
ATOM   452  C  CG2 . ILE A 1 58  ? 13.963  6.167   -11.796 1.00 13.17  ? 58  ILE A CG2 1 
ATOM   453  C  CD1 . ILE A 1 58  ? 12.996  4.002   -9.892  1.00 10.65  ? 58  ILE A CD1 1 
ATOM   454  N  N   . THR A 1 59  ? 17.493  3.636   -11.330 1.00 10.35  ? 59  THR A N   1 
ATOM   455  C  CA  . THR A 1 59  ? 18.303  2.594   -10.728 1.00 16.72  ? 59  THR A CA  1 
ATOM   456  C  C   . THR A 1 59  ? 17.542  1.961   -9.554  1.00 22.97  ? 59  THR A C   1 
ATOM   457  O  O   . THR A 1 59  ? 16.502  2.447   -9.090  1.00 20.89  ? 59  THR A O   1 
ATOM   458  C  CB  . THR A 1 59  ? 19.662  3.155   -10.244 1.00 28.52  ? 59  THR A CB  1 
ATOM   459  O  OG1 . THR A 1 59  ? 19.451  3.897   -9.056  1.00 19.00  ? 59  THR A OG1 1 
ATOM   460  C  CG2 . THR A 1 59  ? 20.278  4.065   -11.303 1.00 21.14  ? 59  THR A CG2 1 
ATOM   461  N  N   . LYS A 1 60  ? 18.096  0.859   -9.062  1.00 14.74  ? 60  LYS A N   1 
ATOM   462  C  CA  . LYS A 1 60  ? 17.509  0.086   -7.975  1.00 6.75   ? 60  LYS A CA  1 
ATOM   463  C  C   . LYS A 1 60  ? 17.553  0.898   -6.693  1.00 8.20   ? 60  LYS A C   1 
ATOM   464  O  O   . LYS A 1 60  ? 16.634  0.947   -5.840  1.00 14.20  ? 60  LYS A O   1 
ATOM   465  C  CB  . LYS A 1 60  ? 18.266  -1.280  -7.912  1.00 15.10  ? 60  LYS A CB  1 
ATOM   466  C  CG  . LYS A 1 60  ? 17.719  -2.273  -6.887  1.00 39.76  ? 60  LYS A CG  1 
ATOM   467  C  CD  . LYS A 1 60  ? 18.533  -3.560  -6.794  1.00 81.93  ? 60  LYS A CD  1 
ATOM   468  C  CE  . LYS A 1 60  ? 17.802  -4.686  -6.061  1.00 100.00 ? 60  LYS A CE  1 
ATOM   469  N  NZ  . LYS A 1 60  ? 18.568  -5.946  -5.957  1.00 100.00 ? 60  LYS A NZ  1 
ATOM   470  N  N   . ASP A 1 61  ? 18.707  1.558   -6.573  1.00 13.60  ? 61  ASP A N   1 
ATOM   471  C  CA  . ASP A 1 61  ? 18.977  2.404   -5.446  1.00 20.80  ? 61  ASP A CA  1 
ATOM   472  C  C   . ASP A 1 61  ? 17.940  3.517   -5.384  1.00 7.44   ? 61  ASP A C   1 
ATOM   473  O  O   . ASP A 1 61  ? 17.350  3.807   -4.323  1.00 14.22  ? 61  ASP A O   1 
ATOM   474  C  CB  . ASP A 1 61  ? 20.462  2.848   -5.385  1.00 12.38  ? 61  ASP A CB  1 
ATOM   475  C  CG  . ASP A 1 61  ? 21.261  1.669   -4.879  1.00 84.55  ? 61  ASP A CG  1 
ATOM   476  O  OD1 . ASP A 1 61  ? 21.356  1.395   -3.697  1.00 100.00 ? 61  ASP A OD1 1 
ATOM   477  O  OD2 . ASP A 1 61  ? 21.730  0.906   -5.836  1.00 100.00 ? 61  ASP A OD2 1 
ATOM   478  N  N   . GLU A 1 62  ? 17.700  4.098   -6.560  1.00 13.86  ? 62  GLU A N   1 
ATOM   479  C  CA  . GLU A 1 62  ? 16.701  5.116   -6.708  1.00 14.50  ? 62  GLU A CA  1 
ATOM   480  C  C   . GLU A 1 62  ? 15.325  4.534   -6.312  1.00 19.19  ? 62  GLU A C   1 
ATOM   481  O  O   . GLU A 1 62  ? 14.598  5.129   -5.566  1.00 10.84  ? 62  GLU A O   1 
ATOM   482  C  CB  . GLU A 1 62  ? 16.698  5.621   -8.156  1.00 10.69  ? 62  GLU A CB  1 
ATOM   483  C  CG  . GLU A 1 62  ? 17.903  6.554   -8.337  1.00 26.10  ? 62  GLU A CG  1 
ATOM   484  C  CD  . GLU A 1 62  ? 18.109  6.983   -9.736  1.00 13.45  ? 62  GLU A CD  1 
ATOM   485  O  OE1 . GLU A 1 62  ? 17.550  6.434   -10.671 1.00 13.43  ? 62  GLU A OE1 1 
ATOM   486  O  OE2 . GLU A 1 62  ? 18.844  8.079   -9.792  1.00 13.89  ? 62  GLU A OE2 1 
ATOM   487  N  N   . ALA A 1 63  ? 14.988  3.320   -6.743  1.00 14.09  ? 63  ALA A N   1 
ATOM   488  C  CA  . ALA A 1 63  ? 13.688  2.761   -6.406  1.00 13.58  ? 63  ALA A CA  1 
ATOM   489  C  C   . ALA A 1 63  ? 13.550  2.501   -4.945  1.00 10.44  ? 63  ALA A C   1 
ATOM   490  O  O   . ALA A 1 63  ? 12.499  2.723   -4.344  1.00 15.53  ? 63  ALA A O   1 
ATOM   491  C  CB  . ALA A 1 63  ? 13.335  1.526   -7.251  1.00 10.83  ? 63  ALA A CB  1 
ATOM   492  N  N   . GLU A 1 64  ? 14.656  2.047   -4.391  1.00 9.13   ? 64  GLU A N   1 
ATOM   493  C  CA  . GLU A 1 64  ? 14.629  1.792   -3.004  1.00 11.61  ? 64  GLU A CA  1 
ATOM   494  C  C   . GLU A 1 64  ? 14.528  3.045   -2.217  1.00 12.08  ? 64  GLU A C   1 
ATOM   495  O  O   . GLU A 1 64  ? 13.957  3.083   -1.123  1.00 10.76  ? 64  GLU A O   1 
ATOM   496  C  CB  . GLU A 1 64  ? 15.870  1.065   -2.617  1.00 9.17   ? 64  GLU A CB  1 
ATOM   497  C  CG  . GLU A 1 64  ? 15.501  -0.424  -2.552  1.00 27.64  ? 64  GLU A CG  1 
ATOM   498  C  CD  . GLU A 1 64  ? 16.655  -1.295  -2.903  1.00 42.12  ? 64  GLU A CD  1 
ATOM   499  O  OE1 . GLU A 1 64  ? 17.836  -0.949  -2.857  1.00 35.88  ? 64  GLU A OE1 1 
ATOM   500  O  OE2 . GLU A 1 64  ? 16.223  -2.467  -3.250  1.00 29.89  ? 64  GLU A OE2 1 
ATOM   501  N  N   . LYS A 1 65  ? 15.104  4.069   -2.788  1.00 5.32   ? 65  LYS A N   1 
ATOM   502  C  CA  . LYS A 1 65  ? 15.009  5.312   -2.092  1.00 6.27   ? 65  LYS A CA  1 
ATOM   503  C  C   . LYS A 1 65  ? 13.555  5.799   -2.032  1.00 14.52  ? 65  LYS A C   1 
ATOM   504  O  O   . LYS A 1 65  ? 13.032  6.236   -0.966  1.00 19.78  ? 65  LYS A O   1 
ATOM   505  C  CB  . LYS A 1 65  ? 15.935  6.368   -2.611  1.00 13.77  ? 65  LYS A CB  1 
ATOM   506  C  CG  . LYS A 1 65  ? 15.677  7.723   -1.933  1.00 35.97  ? 65  LYS A CG  1 
ATOM   507  C  CD  . LYS A 1 65  ? 16.852  8.694   -2.079  1.00 74.05  ? 65  LYS A CD  1 
ATOM   508  C  CE  . LYS A 1 65  ? 17.179  9.400   -0.777  1.00 47.50  ? 65  LYS A CE  1 
ATOM   509  N  NZ  . LYS A 1 65  ? 18.281  10.367  -0.876  1.00 84.80  ? 65  LYS A NZ  1 
ATOM   510  N  N   . LEU A 1 66  ? 12.887  5.752   -3.195  1.00 10.87  ? 66  LEU A N   1 
ATOM   511  C  CA  . LEU A 1 66  ? 11.456  6.145   -3.238  1.00 6.06   ? 66  LEU A CA  1 
ATOM   512  C  C   . LEU A 1 66  ? 10.598  5.334   -2.268  1.00 8.49   ? 66  LEU A C   1 
ATOM   513  O  O   . LEU A 1 66  ? 9.632   5.835   -1.650  1.00 2.74   ? 66  LEU A O   1 
ATOM   514  C  CB  . LEU A 1 66  ? 10.879  5.876   -4.655  1.00 13.35  ? 66  LEU A CB  1 
ATOM   515  C  CG  . LEU A 1 66  ? 11.468  6.855   -5.673  1.00 13.07  ? 66  LEU A CG  1 
ATOM   516  C  CD1 . LEU A 1 66  ? 10.893  6.583   -7.060  1.00 13.17  ? 66  LEU A CD1 1 
ATOM   517  C  CD2 . LEU A 1 66  ? 11.164  8.303   -5.232  1.00 12.76  ? 66  LEU A CD2 1 
ATOM   518  N  N   . PHE A 1 67  ? 10.934  4.035   -2.234  1.00 10.04  ? 67  PHE A N   1 
ATOM   519  C  CA  . PHE A 1 67  ? 10.266  3.076   -1.366  1.00 7.84   ? 67  PHE A CA  1 
ATOM   520  C  C   . PHE A 1 67  ? 10.382  3.434   0.112   1.00 18.33  ? 67  PHE A C   1 
ATOM   521  O  O   . PHE A 1 67  ? 9.405   3.438   0.902   1.00 12.41  ? 67  PHE A O   1 
ATOM   522  C  CB  . PHE A 1 67  ? 10.866  1.706   -1.689  1.00 9.46   ? 67  PHE A CB  1 
ATOM   523  C  CG  . PHE A 1 67  ? 10.093  0.519   -1.050  1.00 19.91  ? 67  PHE A CG  1 
ATOM   524  C  CD1 . PHE A 1 67  ? 8.710   0.556   -0.854  1.00 8.47   ? 67  PHE A CD1 1 
ATOM   525  C  CD2 . PHE A 1 67  ? 10.743  -0.680  -0.729  1.00 8.08   ? 67  PHE A CD2 1 
ATOM   526  C  CE1 . PHE A 1 67  ? 8.034   -0.537  -0.298  1.00 25.53  ? 67  PHE A CE1 1 
ATOM   527  C  CE2 . PHE A 1 67  ? 10.104  -1.807  -0.209  1.00 10.37  ? 67  PHE A CE2 1 
ATOM   528  C  CZ  . PHE A 1 67  ? 8.731   -1.706  0.041   1.00 16.63  ? 67  PHE A CZ  1 
ATOM   529  N  N   . ASN A 1 68  ? 11.598  3.791   0.533   1.00 13.07  ? 68  ASN A N   1 
ATOM   530  C  CA  . ASN A 1 68  ? 11.751  4.213   1.924   1.00 13.52  ? 68  ASN A CA  1 
ATOM   531  C  C   . ASN A 1 68  ? 10.849  5.400   2.244   1.00 7.68   ? 68  ASN A C   1 
ATOM   532  O  O   . ASN A 1 68  ? 10.138  5.485   3.266   1.00 12.97  ? 68  ASN A O   1 
ATOM   533  C  CB  . ASN A 1 68  ? 13.213  4.689   2.163   1.00 8.66   ? 68  ASN A CB  1 
ATOM   534  C  CG  . ASN A 1 68  ? 14.109  3.507   2.360   1.00 34.62  ? 68  ASN A CG  1 
ATOM   535  O  OD1 . ASN A 1 68  ? 13.579  2.533   2.821   1.00 21.07  ? 68  ASN A OD1 1 
ATOM   536  N  ND2 . ASN A 1 68  ? 15.423  3.570   2.055   1.00 26.01  ? 68  ASN A ND2 1 
ATOM   537  N  N   . GLN A 1 69  ? 10.892  6.357   1.330   1.00 2.95   ? 69  GLN A N   1 
ATOM   538  C  CA  . GLN A 1 69  ? 10.080  7.499   1.578   1.00 2.95   ? 69  GLN A CA  1 
ATOM   539  C  C   . GLN A 1 69  ? 8.627   7.189   1.634   1.00 2.94   ? 69  GLN A C   1 
ATOM   540  O  O   . GLN A 1 69  ? 7.854   7.800   2.339   1.00 10.13  ? 69  GLN A O   1 
ATOM   541  C  CB  . GLN A 1 69  ? 10.343  8.503   0.465   1.00 4.58   ? 69  GLN A CB  1 
ATOM   542  C  CG  . GLN A 1 69  ? 11.824  8.976   0.412   1.00 8.40   ? 69  GLN A CG  1 
ATOM   543  C  CD  . GLN A 1 69  ? 12.194  9.887   -0.767  1.00 25.10  ? 69  GLN A CD  1 
ATOM   544  O  OE1 . GLN A 1 69  ? 13.285  10.414  -0.803  1.00 13.41  ? 69  GLN A OE1 1 
ATOM   545  N  NE2 . GLN A 1 69  ? 11.263  10.179  -1.674  1.00 10.97  ? 69  GLN A NE2 1 
ATOM   546  N  N   . ASP A 1 70  ? 8.242   6.347   0.729   1.00 15.28  ? 70  ASP A N   1 
ATOM   547  C  CA  . ASP A 1 70  ? 6.858   6.007   0.630   1.00 15.18  ? 70  ASP A CA  1 
ATOM   548  C  C   . ASP A 1 70  ? 6.326   5.253   1.841   1.00 22.55  ? 70  ASP A C   1 
ATOM   549  O  O   . ASP A 1 70  ? 5.181   5.508   2.258   1.00 7.22   ? 70  ASP A O   1 
ATOM   550  C  CB  . ASP A 1 70  ? 6.547   5.283   -0.697  1.00 11.18  ? 70  ASP A CB  1 
ATOM   551  C  CG  . ASP A 1 70  ? 6.526   6.188   -1.917  1.00 15.31  ? 70  ASP A CG  1 
ATOM   552  O  OD1 . ASP A 1 70  ? 6.491   7.383   -1.813  1.00 16.29  ? 70  ASP A OD1 1 
ATOM   553  O  OD2 . ASP A 1 70  ? 6.575   5.576   -3.091  1.00 13.05  ? 70  ASP A OD2 1 
ATOM   554  N  N   . VAL A 1 71  ? 7.160   4.367   2.419   1.00 8.74   ? 71  VAL A N   1 
ATOM   555  C  CA  . VAL A 1 71  ? 6.674   3.624   3.573   1.00 14.28  ? 71  VAL A CA  1 
ATOM   556  C  C   . VAL A 1 71  ? 6.475   4.625   4.696   1.00 2.91   ? 71  VAL A C   1 
ATOM   557  O  O   . VAL A 1 71  ? 5.501   4.630   5.464   1.00 12.65  ? 71  VAL A O   1 
ATOM   558  C  CB  . VAL A 1 71  ? 7.624   2.448   3.981   1.00 14.81  ? 71  VAL A CB  1 
ATOM   559  C  CG1 . VAL A 1 71  ? 7.263   1.907   5.378   1.00 3.24   ? 71  VAL A CG1 1 
ATOM   560  C  CG2 . VAL A 1 71  ? 7.515   1.272   2.990   1.00 4.89   ? 71  VAL A CG2 1 
ATOM   561  N  N   . ASP A 1 72  ? 7.473   5.454   4.781   1.00 6.22   ? 72  ASP A N   1 
ATOM   562  C  CA  . ASP A 1 72  ? 7.486   6.425   5.786   1.00 10.91  ? 72  ASP A CA  1 
ATOM   563  C  C   . ASP A 1 72  ? 6.264   7.312   5.701   1.00 16.57  ? 72  ASP A C   1 
ATOM   564  O  O   . ASP A 1 72  ? 5.530   7.535   6.687   1.00 16.36  ? 72  ASP A O   1 
ATOM   565  C  CB  . ASP A 1 72  ? 8.760   7.216   5.611   1.00 10.47  ? 72  ASP A CB  1 
ATOM   566  C  CG  . ASP A 1 72  ? 9.225   7.606   6.945   1.00 47.55  ? 72  ASP A CG  1 
ATOM   567  O  OD1 . ASP A 1 72  ? 9.552   6.788   7.781   1.00 85.38  ? 72  ASP A OD1 1 
ATOM   568  O  OD2 . ASP A 1 72  ? 9.130   8.877   7.118   1.00 20.20  ? 72  ASP A OD2 1 
ATOM   569  N  N   . ALA A 1 73  ? 6.031   7.803   4.491   1.00 13.11  ? 73  ALA A N   1 
ATOM   570  C  CA  . ALA A 1 73  ? 4.841   8.654   4.273   1.00 13.75  ? 73  ALA A CA  1 
ATOM   571  C  C   . ALA A 1 73  ? 3.536   7.951   4.688   1.00 26.14  ? 73  ALA A C   1 
ATOM   572  O  O   . ALA A 1 73  ? 2.619   8.530   5.292   1.00 15.81  ? 73  ALA A O   1 
ATOM   573  C  CB  . ALA A 1 73  ? 4.769   9.202   2.848   1.00 3.61   ? 73  ALA A CB  1 
ATOM   574  N  N   . ALA A 1 74  ? 3.433   6.665   4.373   1.00 23.60  ? 74  ALA A N   1 
ATOM   575  C  CA  . ALA A 1 74  ? 2.220   5.934   4.725   1.00 24.18  ? 74  ALA A CA  1 
ATOM   576  C  C   . ALA A 1 74  ? 1.978   5.885   6.245   1.00 15.37  ? 74  ALA A C   1 
ATOM   577  O  O   . ALA A 1 74  ? 0.853   6.098   6.727   1.00 12.71  ? 74  ALA A O   1 
ATOM   578  C  CB  . ALA A 1 74  ? 2.216   4.487   4.144   1.00 9.66   ? 74  ALA A CB  1 
ATOM   579  N  N   . VAL A 1 75  ? 3.045   5.529   6.962   1.00 13.66  ? 75  VAL A N   1 
ATOM   580  C  CA  . VAL A 1 75  ? 2.895   5.389   8.376   1.00 17.28  ? 75  VAL A CA  1 
ATOM   581  C  C   . VAL A 1 75  ? 2.502   6.722   8.989   1.00 14.57  ? 75  VAL A C   1 
ATOM   582  O  O   . VAL A 1 75  ? 1.586   6.862   9.882   1.00 16.28  ? 75  VAL A O   1 
ATOM   583  C  CB  . VAL A 1 75  ? 4.187   4.939   9.015   1.00 21.56  ? 75  VAL A CB  1 
ATOM   584  C  CG1 . VAL A 1 75  ? 3.850   4.705   10.472  1.00 30.40  ? 75  VAL A CG1 1 
ATOM   585  C  CG2 . VAL A 1 75  ? 4.647   3.640   8.449   1.00 14.43  ? 75  VAL A CG2 1 
ATOM   586  N  N   . ARG A 1 76  ? 3.274   7.680   8.531   1.00 8.42   ? 76  ARG A N   1 
ATOM   587  C  CA  . ARG A 1 76  ? 3.047   8.970   9.050   1.00 11.42  ? 76  ARG A CA  1 
ATOM   588  C  C   . ARG A 1 76  ? 1.614   9.378   8.703   1.00 18.23  ? 76  ARG A C   1 
ATOM   589  O  O   . ARG A 1 76  ? 0.883   10.013  9.494   1.00 19.10  ? 76  ARG A O   1 
ATOM   590  C  CB  . ARG A 1 76  ? 4.182   9.941   8.632   1.00 5.80   ? 76  ARG A CB  1 
ATOM   591  C  CG  . ARG A 1 76  ? 5.379   9.965   9.590   1.00 30.71  ? 76  ARG A CG  1 
ATOM   592  C  CD  . ARG A 1 76  ? 6.462   11.028  9.266   1.00 70.18  ? 76  ARG A CD  1 
ATOM   593  N  NE  . ARG A 1 76  ? 7.418   10.696  8.181   1.00 100.00 ? 76  ARG A NE  1 
ATOM   594  C  CZ  . ARG A 1 76  ? 7.599   11.334  6.981   1.00 100.00 ? 76  ARG A CZ  1 
ATOM   595  N  NH1 . ARG A 1 76  ? 6.917   12.431  6.578   1.00 100.00 ? 76  ARG A NH1 1 
ATOM   596  N  NH2 . ARG A 1 76  ? 8.529   10.848  6.146   1.00 100.00 ? 76  ARG A NH2 1 
ATOM   597  N  N   . GLY A 1 77  ? 1.132   8.989   7.531   1.00 7.01   ? 77  GLY A N   1 
ATOM   598  C  CA  . GLY A 1 77  ? -0.249  9.356   7.230   1.00 7.66   ? 77  GLY A CA  1 
ATOM   599  C  C   . GLY A 1 77  ? -1.240  8.737   8.258   1.00 30.28  ? 77  GLY A C   1 
ATOM   600  O  O   . GLY A 1 77  ? -2.240  9.317   8.746   1.00 15.95  ? 77  GLY A O   1 
ATOM   601  N  N   . ILE A 1 78  ? -0.935  7.500   8.602   1.00 15.16  ? 78  ILE A N   1 
ATOM   602  C  CA  . ILE A 1 78  ? -1.756  6.796   9.548   1.00 13.30  ? 78  ILE A CA  1 
ATOM   603  C  C   . ILE A 1 78  ? -1.825  7.550   10.847  1.00 10.96  ? 78  ILE A C   1 
ATOM   604  O  O   . ILE A 1 78  ? -2.885  7.913   11.345  1.00 20.41  ? 78  ILE A O   1 
ATOM   605  C  CB  . ILE A 1 78  ? -1.249  5.370   9.854   1.00 13.58  ? 78  ILE A CB  1 
ATOM   606  C  CG1 . ILE A 1 78  ? -1.632  4.526   8.619   1.00 15.47  ? 78  ILE A CG1 1 
ATOM   607  C  CG2 . ILE A 1 78  ? -2.030  4.868   11.099  1.00 5.69   ? 78  ILE A CG2 1 
ATOM   608  C  CD1 . ILE A 1 78  ? -0.935  3.152   8.504   1.00 21.50  ? 78  ILE A CD1 1 
ATOM   609  N  N   . LEU A 1 79  ? -0.635  7.785   11.369  1.00 14.20  ? 79  LEU A N   1 
ATOM   610  C  CA  . LEU A 1 79  ? -0.591  8.409   12.639  1.00 15.41  ? 79  LEU A CA  1 
ATOM   611  C  C   . LEU A 1 79  ? -1.191  9.765   12.600  1.00 24.07  ? 79  LEU A C   1 
ATOM   612  O  O   . LEU A 1 79  ? -1.585  10.279  13.596  1.00 21.08  ? 79  LEU A O   1 
ATOM   613  C  CB  . LEU A 1 79  ? 0.812   8.362   13.245  1.00 17.41  ? 79  LEU A CB  1 
ATOM   614  C  CG  . LEU A 1 79  ? 1.264   6.903   13.362  1.00 13.80  ? 79  LEU A CG  1 
ATOM   615  C  CD1 . LEU A 1 79  ? 2.654   6.825   13.932  1.00 19.35  ? 79  LEU A CD1 1 
ATOM   616  C  CD2 . LEU A 1 79  ? 0.339   6.097   14.258  1.00 33.66  ? 79  LEU A CD2 1 
ATOM   617  N  N   . ARG A 1 80  ? -1.299  10.361  11.449  1.00 21.82  ? 80  ARG A N   1 
ATOM   618  C  CA  . ARG A 1 80  ? -1.896  11.686  11.487  1.00 31.59  ? 80  ARG A CA  1 
ATOM   619  C  C   . ARG A 1 80  ? -3.412  11.660  11.325  1.00 33.44  ? 80  ARG A C   1 
ATOM   620  O  O   . ARG A 1 80  ? -4.100  12.668  11.464  1.00 31.24  ? 80  ARG A O   1 
ATOM   621  C  CB  . ARG A 1 80  ? -1.224  12.725  10.550  1.00 52.78  ? 80  ARG A CB  1 
ATOM   622  C  CG  . ARG A 1 80  ? 0.252   13.067  10.875  1.00 100.00 ? 80  ARG A CG  1 
ATOM   623  C  CD  . ARG A 1 80  ? 0.831   14.296  10.142  1.00 100.00 ? 80  ARG A CD  1 
ATOM   624  N  NE  . ARG A 1 80  ? 1.914   13.982  9.195   1.00 100.00 ? 80  ARG A NE  1 
ATOM   625  C  CZ  . ARG A 1 80  ? 1.704   13.621  7.915   1.00 100.00 ? 80  ARG A CZ  1 
ATOM   626  N  NH1 . ARG A 1 80  ? 0.476   13.525  7.396   1.00 100.00 ? 80  ARG A NH1 1 
ATOM   627  N  NH2 . ARG A 1 80  ? 2.748   13.336  7.131   1.00 100.00 ? 80  ARG A NH2 1 
ATOM   628  N  N   . ASN A 1 81  ? -3.942  10.491  11.036  1.00 14.39  ? 81  ASN A N   1 
ATOM   629  C  CA  . ASN A 1 81  ? -5.365  10.374  10.841  1.00 19.01  ? 81  ASN A CA  1 
ATOM   630  C  C   . ASN A 1 81  ? -6.152  10.030  12.143  1.00 41.30  ? 81  ASN A C   1 
ATOM   631  O  O   . ASN A 1 81  ? -5.942  9.000   12.830  1.00 35.24  ? 81  ASN A O   1 
ATOM   632  C  CB  . ASN A 1 81  ? -5.593  9.488   9.618   1.00 12.26  ? 81  ASN A CB  1 
ATOM   633  C  CG  . ASN A 1 81  ? -7.012  9.562   9.149   1.00 22.32  ? 81  ASN A CG  1 
ATOM   634  O  OD1 . ASN A 1 81  ? -7.945  9.268   9.900   1.00 27.35  ? 81  ASN A OD1 1 
ATOM   635  N  ND2 . ASN A 1 81  ? -7.158  9.989   7.912   1.00 36.44  ? 81  ASN A ND2 1 
ATOM   636  N  N   . ALA A 1 82  ? -7.056  10.952  12.537  1.00 30.36  ? 82  ALA A N   1 
ATOM   637  C  CA  . ALA A 1 82  ? -7.845  10.739  13.758  1.00 31.57  ? 82  ALA A CA  1 
ATOM   638  C  C   . ALA A 1 82  ? -8.723  9.484   13.718  1.00 30.89  ? 82  ALA A C   1 
ATOM   639  O  O   . ALA A 1 82  ? -9.028  8.839   14.705  1.00 34.11  ? 82  ALA A O   1 
ATOM   640  C  CB  . ALA A 1 82  ? -8.626  11.973  14.179  1.00 31.59  ? 82  ALA A CB  1 
ATOM   641  N  N   . LYS A 1 83  ? -9.147  9.116   12.542  1.00 18.18  ? 83  LYS A N   1 
ATOM   642  C  CA  . LYS A 1 83  ? -9.922  7.933   12.497  1.00 28.86  ? 83  LYS A CA  1 
ATOM   643  C  C   . LYS A 1 83  ? -9.031  6.701   12.476  1.00 31.33  ? 83  LYS A C   1 
ATOM   644  O  O   . LYS A 1 83  ? -9.360  5.691   13.063  1.00 24.42  ? 83  LYS A O   1 
ATOM   645  C  CB  . LYS A 1 83  ? -10.931 8.010   11.370  1.00 37.19  ? 83  LYS A CB  1 
ATOM   646  C  CG  . LYS A 1 83  ? -12.361 8.225   11.880  1.00 100.00 ? 83  LYS A CG  1 
ATOM   647  C  CD  . LYS A 1 83  ? -12.748 9.688   12.160  1.00 100.00 ? 83  LYS A CD  1 
ATOM   648  C  CE  . LYS A 1 83  ? -14.077 9.907   12.909  1.00 62.54  ? 83  LYS A CE  1 
ATOM   649  N  NZ  . LYS A 1 83  ? -14.356 8.920   13.980  1.00 100.00 ? 83  LYS A NZ  1 
ATOM   650  N  N   . LEU A 1 84  ? -7.876  6.826   11.852  1.00 15.84  ? 84  LEU A N   1 
ATOM   651  C  CA  . LEU A 1 84  ? -6.963  5.724   11.726  1.00 11.71  ? 84  LEU A CA  1 
ATOM   652  C  C   . LEU A 1 84  ? -6.071  5.409   12.971  1.00 17.90  ? 84  LEU A C   1 
ATOM   653  O  O   . LEU A 1 84  ? -5.837  4.262   13.392  1.00 18.31  ? 84  LEU A O   1 
ATOM   654  C  CB  . LEU A 1 84  ? -6.080  6.006   10.468  1.00 6.02   ? 84  LEU A CB  1 
ATOM   655  C  CG  . LEU A 1 84  ? -6.738  6.067   9.090   1.00 30.80  ? 84  LEU A CG  1 
ATOM   656  C  CD1 . LEU A 1 84  ? -5.689  5.932   7.997   1.00 18.97  ? 84  LEU A CD1 1 
ATOM   657  C  CD2 . LEU A 1 84  ? -7.701  4.909   8.922   1.00 27.32  ? 84  LEU A CD2 1 
ATOM   658  N  N   . LYS A 1 85  ? -5.482  6.449   13.516  1.00 6.14   ? 85  LYS A N   1 
ATOM   659  C  CA  . LYS A 1 85  ? -4.526  6.353   14.616  1.00 9.23   ? 85  LYS A CA  1 
ATOM   660  C  C   . LYS A 1 85  ? -4.863  5.395   15.720  1.00 6.41   ? 85  LYS A C   1 
ATOM   661  O  O   . LYS A 1 85  ? -4.051  4.563   16.149  1.00 9.82   ? 85  LYS A O   1 
ATOM   662  C  CB  . LYS A 1 85  ? -4.043  7.690   15.130  1.00 11.13  ? 85  LYS A CB  1 
ATOM   663  C  CG  . LYS A 1 85  ? -2.793  7.503   15.965  1.00 23.56  ? 85  LYS A CG  1 
ATOM   664  C  CD  . LYS A 1 85  ? -2.425  8.657   16.902  1.00 26.47  ? 85  LYS A CD  1 
ATOM   665  C  CE  . LYS A 1 85  ? -1.358  8.220   17.942  1.00 24.38  ? 85  LYS A CE  1 
ATOM   666  N  NZ  . LYS A 1 85  ? -1.841  8.098   19.329  1.00 100.00 ? 85  LYS A NZ  1 
ATOM   667  N  N   . PRO A 1 86  ? -6.082  5.537   16.190  1.00 17.57  ? 86  PRO A N   1 
ATOM   668  C  CA  . PRO A 1 86  ? -6.572  4.735   17.285  1.00 34.52  ? 86  PRO A CA  1 
ATOM   669  C  C   . PRO A 1 86  ? -6.671  3.234   16.960  1.00 19.80  ? 86  PRO A C   1 
ATOM   670  O  O   . PRO A 1 86  ? -6.348  2.345   17.758  1.00 10.21  ? 86  PRO A O   1 
ATOM   671  C  CB  . PRO A 1 86  ? -7.904  5.373   17.699  1.00 26.44  ? 86  PRO A CB  1 
ATOM   672  C  CG  . PRO A 1 86  ? -8.208  6.464   16.691  1.00 28.52  ? 86  PRO A CG  1 
ATOM   673  C  CD  . PRO A 1 86  ? -7.127  6.442   15.653  1.00 19.81  ? 86  PRO A CD  1 
ATOM   674  N  N   . VAL A 1 87  ? -7.068  2.948   15.758  1.00 8.33   ? 87  VAL A N   1 
ATOM   675  C  CA  . VAL A 1 87  ? -7.145  1.571   15.381  1.00 14.36  ? 87  VAL A CA  1 
ATOM   676  C  C   . VAL A 1 87  ? -5.735  1.000   15.278  1.00 6.69   ? 87  VAL A C   1 
ATOM   677  O  O   . VAL A 1 87  ? -5.424  -0.067  15.786  1.00 8.07   ? 87  VAL A O   1 
ATOM   678  C  CB  . VAL A 1 87  ? -7.977  1.349   14.055  1.00 12.52  ? 87  VAL A CB  1 
ATOM   679  C  CG1 . VAL A 1 87  ? -8.184  -0.156  13.689  1.00 8.96   ? 87  VAL A CG1 1 
ATOM   680  C  CG2 . VAL A 1 87  ? -9.318  2.119   14.007  1.00 6.78   ? 87  VAL A CG2 1 
ATOM   681  N  N   . TYR A 1 88  ? -4.939  1.681   14.495  1.00 5.27   ? 88  TYR A N   1 
ATOM   682  C  CA  . TYR A 1 88  ? -3.619  1.230   14.294  1.00 10.65  ? 88  TYR A CA  1 
ATOM   683  C  C   . TYR A 1 88  ? -2.889  0.984   15.592  1.00 10.40  ? 88  TYR A C   1 
ATOM   684  O  O   . TYR A 1 88  ? -2.124  0.046   15.781  1.00 11.07  ? 88  TYR A O   1 
ATOM   685  C  CB  . TYR A 1 88  ? -2.925  2.384   13.607  1.00 8.13   ? 88  TYR A CB  1 
ATOM   686  C  CG  . TYR A 1 88  ? -1.505  2.051   13.264  1.00 13.85  ? 88  TYR A CG  1 
ATOM   687  C  CD1 . TYR A 1 88  ? -1.241  1.254   12.153  1.00 5.32   ? 88  TYR A CD1 1 
ATOM   688  C  CD2 . TYR A 1 88  ? -0.469  2.443   14.113  1.00 7.47   ? 88  TYR A CD2 1 
ATOM   689  C  CE1 . TYR A 1 88  ? 0.077   0.963   11.814  1.00 13.83  ? 88  TYR A CE1 1 
ATOM   690  C  CE2 . TYR A 1 88  ? 0.837   2.075   13.829  1.00 6.99   ? 88  TYR A CE2 1 
ATOM   691  C  CZ  . TYR A 1 88  ? 1.102   1.384   12.651  1.00 18.42  ? 88  TYR A CZ  1 
ATOM   692  O  OH  . TYR A 1 88  ? 2.392   1.077   12.332  1.00 18.52  ? 88  TYR A OH  1 
ATOM   693  N  N   . ASP A 1 89  ? -3.053  1.895   16.527  1.00 12.34  ? 89  ASP A N   1 
ATOM   694  C  CA  . ASP A 1 89  ? -2.336  1.662   17.794  1.00 7.34   ? 89  ASP A CA  1 
ATOM   695  C  C   . ASP A 1 89  ? -2.928  0.550   18.595  1.00 24.99  ? 89  ASP A C   1 
ATOM   696  O  O   . ASP A 1 89  ? -2.239  0.084   19.509  1.00 20.46  ? 89  ASP A O   1 
ATOM   697  C  CB  . ASP A 1 89  ? -2.336  2.832   18.739  1.00 11.50  ? 89  ASP A CB  1 
ATOM   698  C  CG  . ASP A 1 89  ? -1.510  3.941   18.231  1.00 26.86  ? 89  ASP A CG  1 
ATOM   699  O  OD1 . ASP A 1 89  ? -0.677  3.779   17.369  1.00 25.13  ? 89  ASP A OD1 1 
ATOM   700  O  OD2 . ASP A 1 89  ? -1.932  5.076   18.702  1.00 13.26  ? 89  ASP A OD2 1 
ATOM   701  N  N   . SER A 1 90  ? -4.196  0.135   18.282  1.00 6.68   ? 90  SER A N   1 
ATOM   702  C  CA  . SER A 1 90  ? -4.761  -0.911  19.076  1.00 2.99   ? 90  SER A CA  1 
ATOM   703  C  C   . SER A 1 90  ? -4.217  -2.244  18.633  1.00 1.54   ? 90  SER A C   1 
ATOM   704  O  O   . SER A 1 90  ? -4.373  -3.279  19.282  1.00 2.88   ? 90  SER A O   1 
ATOM   705  C  CB  . SER A 1 90  ? -6.260  -0.954  18.907  1.00 11.46  ? 90  SER A CB  1 
ATOM   706  O  OG  . SER A 1 90  ? -6.555  -1.521  17.643  1.00 15.36  ? 90  SER A OG  1 
ATOM   707  N  N   . LEU A 1 91  ? -3.555  -2.238  17.493  1.00 1.00   ? 91  LEU A N   1 
ATOM   708  C  CA  . LEU A 1 91  ? -3.100  -3.521  16.927  1.00 1.20   ? 91  LEU A CA  1 
ATOM   709  C  C   . LEU A 1 91  ? -1.698  -3.985  17.272  1.00 9.94   ? 91  LEU A C   1 
ATOM   710  O  O   . LEU A 1 91  ? -0.858  -3.197  17.627  1.00 9.66   ? 91  LEU A O   1 
ATOM   711  C  CB  . LEU A 1 91  ? -3.070  -3.381  15.408  1.00 1.00   ? 91  LEU A CB  1 
ATOM   712  C  CG  . LEU A 1 91  ? -4.423  -2.980  14.769  1.00 18.08  ? 91  LEU A CG  1 
ATOM   713  C  CD1 . LEU A 1 91  ? -4.238  -2.500  13.327  1.00 16.25  ? 91  LEU A CD1 1 
ATOM   714  C  CD2 . LEU A 1 91  ? -5.390  -4.146  14.720  1.00 20.33  ? 91  LEU A CD2 1 
ATOM   715  N  N   . ASP A 1 92  ? -1.446  -5.279  17.080  1.00 6.12   ? 92  ASP A N   1 
ATOM   716  C  CA  . ASP A 1 92  ? -0.143  -5.874  17.292  1.00 6.48   ? 92  ASP A CA  1 
ATOM   717  C  C   . ASP A 1 92  ? 0.655   -5.612  16.030  1.00 17.38  ? 92  ASP A C   1 
ATOM   718  O  O   . ASP A 1 92  ? 0.166   -5.142  14.975  1.00 9.07   ? 92  ASP A O   1 
ATOM   719  C  CB  . ASP A 1 92  ? -0.302  -7.396  17.476  1.00 10.11  ? 92  ASP A CB  1 
ATOM   720  C  CG  . ASP A 1 92  ? -0.995  -8.015  16.257  1.00 27.81  ? 92  ASP A CG  1 
ATOM   721  O  OD1 . ASP A 1 92  ? -0.377  -8.480  15.313  1.00 4.91   ? 92  ASP A OD1 1 
ATOM   722  O  OD2 . ASP A 1 92  ? -2.314  -7.918  16.294  1.00 12.81  ? 92  ASP A OD2 1 
ATOM   723  N  N   . ALA A 1 93  ? 1.917   -5.916  16.133  1.00 6.42   ? 93  ALA A N   1 
ATOM   724  C  CA  . ALA A 1 93  ? 2.860   -5.655  15.058  1.00 13.49  ? 93  ALA A CA  1 
ATOM   725  C  C   . ALA A 1 93  ? 2.586   -6.255  13.673  1.00 16.43  ? 93  ALA A C   1 
ATOM   726  O  O   . ALA A 1 93  ? 2.794   -5.583  12.630  1.00 13.77  ? 93  ALA A O   1 
ATOM   727  C  CB  . ALA A 1 93  ? 4.309   -5.838  15.572  1.00 15.38  ? 93  ALA A CB  1 
ATOM   728  N  N   . VAL A 1 94  ? 2.167   -7.506  13.616  1.00 10.71  ? 94  VAL A N   1 
ATOM   729  C  CA  . VAL A 1 94  ? 1.989   -8.026  12.297  1.00 10.03  ? 94  VAL A CA  1 
ATOM   730  C  C   . VAL A 1 94  ? 0.827   -7.313  11.706  1.00 7.15   ? 94  VAL A C   1 
ATOM   731  O  O   . VAL A 1 94  ? 0.855   -6.825  10.573  1.00 10.96  ? 94  VAL A O   1 
ATOM   732  C  CB  . VAL A 1 94  ? 1.775   -9.537  12.364  1.00 12.51  ? 94  VAL A CB  1 
ATOM   733  C  CG1 . VAL A 1 94  ? 1.524   -10.156 10.993  1.00 1.00   ? 94  VAL A CG1 1 
ATOM   734  C  CG2 . VAL A 1 94  ? 3.026   -10.165 12.949  1.00 6.89   ? 94  VAL A CG2 1 
ATOM   735  N  N   . ARG A 1 95  ? -0.216  -7.311  12.527  1.00 9.74   ? 95  ARG A N   1 
ATOM   736  C  CA  . ARG A 1 95  ? -1.422  -6.683  12.042  1.00 10.13  ? 95  ARG A CA  1 
ATOM   737  C  C   . ARG A 1 95  ? -1.193  -5.238  11.569  1.00 11.34  ? 95  ARG A C   1 
ATOM   738  O  O   . ARG A 1 95  ? -1.782  -4.710  10.584  1.00 11.40  ? 95  ARG A O   1 
ATOM   739  C  CB  . ARG A 1 95  ? -2.585  -6.868  13.019  1.00 5.41   ? 95  ARG A CB  1 
ATOM   740  C  CG  . ARG A 1 95  ? -3.111  -8.281  13.066  1.00 1.00   ? 95  ARG A CG  1 
ATOM   741  C  CD  . ARG A 1 95  ? -4.462  -8.335  13.787  1.00 7.36   ? 95  ARG A CD  1 
ATOM   742  N  NE  . ARG A 1 95  ? -5.008  -9.693  13.814  1.00 11.86  ? 95  ARG A NE  1 
ATOM   743  C  CZ  . ARG A 1 95  ? -4.634  -10.626 14.694  1.00 32.82  ? 95  ARG A CZ  1 
ATOM   744  N  NH1 . ARG A 1 95  ? -3.685  -10.375 15.612  1.00 15.44  ? 95  ARG A NH1 1 
ATOM   745  N  NH2 . ARG A 1 95  ? -5.221  -11.834 14.623  1.00 10.87  ? 95  ARG A NH2 1 
ATOM   746  N  N   . ARG A 1 96  ? -0.267  -4.573  12.277  1.00 5.18   ? 96  ARG A N   1 
ATOM   747  C  CA  . ARG A 1 96  ? 0.021   -3.217  11.901  1.00 7.92   ? 96  ARG A CA  1 
ATOM   748  C  C   . ARG A 1 96  ? 0.591   -3.234  10.495  1.00 16.90  ? 96  ARG A C   1 
ATOM   749  O  O   . ARG A 1 96  ? 0.325   -2.332  9.712   1.00 11.73  ? 96  ARG A O   1 
ATOM   750  C  CB  . ARG A 1 96  ? 1.033   -2.543  12.851  1.00 4.31   ? 96  ARG A CB  1 
ATOM   751  C  CG  . ARG A 1 96  ? 0.295   -1.982  14.067  1.00 7.06   ? 96  ARG A CG  1 
ATOM   752  C  CD  . ARG A 1 96  ? 1.184   -1.289  15.147  1.00 10.30  ? 96  ARG A CD  1 
ATOM   753  N  NE  . ARG A 1 96  ? 0.438   -0.920  16.383  1.00 38.28  ? 96  ARG A NE  1 
ATOM   754  C  CZ  . ARG A 1 96  ? 1.062   -0.381  17.429  1.00 18.94  ? 96  ARG A CZ  1 
ATOM   755  N  NH1 . ARG A 1 96  ? 2.364   -0.169  17.318  1.00 25.93  ? 96  ARG A NH1 1 
ATOM   756  N  NH2 . ARG A 1 96  ? 0.411   -0.125  18.583  1.00 9.74   ? 96  ARG A NH2 1 
ATOM   757  N  N   . CYS A 1 97  ? 1.323   -4.269  10.132  1.00 11.02  ? 97  CYS A N   1 
ATOM   758  C  CA  . CYS A 1 97  ? 1.879   -4.247  8.767   1.00 7.19   ? 97  CYS A CA  1 
ATOM   759  C  C   . CYS A 1 97  ? 0.798   -4.332  7.733   1.00 11.86  ? 97  CYS A C   1 
ATOM   760  O  O   . CYS A 1 97  ? 0.867   -3.732  6.646   1.00 6.54   ? 97  CYS A O   1 
ATOM   761  C  CB  . CYS A 1 97  ? 2.767   -5.449  8.536   1.00 18.38  ? 97  CYS A CB  1 
ATOM   762  S  SG  . CYS A 1 97  ? 4.265   -5.140  9.469   1.00 16.20  ? 97  CYS A SG  1 
ATOM   763  N  N   . ALA A 1 98  ? -0.195  -5.118  8.098   1.00 9.22   ? 98  ALA A N   1 
ATOM   764  C  CA  . ALA A 1 98  ? -1.323  -5.228  7.205   1.00 12.49  ? 98  ALA A CA  1 
ATOM   765  C  C   . ALA A 1 98  ? -1.960  -3.842  6.951   1.00 22.15  ? 98  ALA A C   1 
ATOM   766  O  O   . ALA A 1 98  ? -2.393  -3.542  5.840   1.00 11.12  ? 98  ALA A O   1 
ATOM   767  C  CB  . ALA A 1 98  ? -2.368  -6.160  7.767   1.00 8.64   ? 98  ALA A CB  1 
ATOM   768  N  N   . ALA A 1 99  ? -2.060  -2.990  7.980   1.00 12.41  ? 99  ALA A N   1 
ATOM   769  C  CA  . ALA A 1 99  ? -2.684  -1.665  7.847   1.00 10.46  ? 99  ALA A CA  1 
ATOM   770  C  C   . ALA A 1 99  ? -1.902  -0.718  6.952   1.00 2.99   ? 99  ALA A C   1 
ATOM   771  O  O   . ALA A 1 99  ? -2.461  0.013   6.145   1.00 12.01  ? 99  ALA A O   1 
ATOM   772  C  CB  . ALA A 1 99  ? -2.973  -1.015  9.259   1.00 8.19   ? 99  ALA A CB  1 
ATOM   773  N  N   . ILE A 1 100 ? -0.551  -0.792  7.052   1.00 9.43   ? 100 ILE A N   1 
ATOM   774  C  CA  . ILE A 1 100 ? 0.337   -0.025  6.235   1.00 10.65  ? 100 ILE A CA  1 
ATOM   775  C  C   . ILE A 1 100 ? 0.182   -0.388  4.750   1.00 7.50   ? 100 ILE A C   1 
ATOM   776  O  O   . ILE A 1 100 ? 0.132   0.496   3.855   1.00 13.69  ? 100 ILE A O   1 
ATOM   777  C  CB  . ILE A 1 100 ? 1.769   -0.137  6.794   1.00 11.80  ? 100 ILE A CB  1 
ATOM   778  C  CG1 . ILE A 1 100 ? 1.870   0.494   8.190   1.00 13.21  ? 100 ILE A CG1 1 
ATOM   779  C  CG2 . ILE A 1 100 ? 2.796   0.516   5.903   1.00 1.02   ? 100 ILE A CG2 1 
ATOM   780  C  CD1 . ILE A 1 100 ? 3.026   -0.030  9.019   1.00 1.80   ? 100 ILE A CD1 1 
ATOM   781  N  N   . ASN A 1 101 ? 0.112   -1.705  4.478   1.00 5.87   ? 101 ASN A N   1 
ATOM   782  C  CA  . ASN A 1 101 ? -0.030  -2.226  3.125   1.00 1.00   ? 101 ASN A CA  1 
ATOM   783  C  C   . ASN A 1 101 ? -1.226  -1.642  2.433   1.00 1.00   ? 101 ASN A C   1 
ATOM   784  O  O   . ASN A 1 101 ? -1.124  -1.179  1.317   1.00 6.80   ? 101 ASN A O   1 
ATOM   785  C  CB  . ASN A 1 101 ? -0.297  -3.749  3.124   1.00 21.80  ? 101 ASN A CB  1 
ATOM   786  C  CG  . ASN A 1 101 ? 0.028   -4.443  1.800   1.00 4.11   ? 101 ASN A CG  1 
ATOM   787  O  OD1 . ASN A 1 101 ? -0.518  -4.083  0.756   1.00 20.79  ? 101 ASN A OD1 1 
ATOM   788  N  ND2 . ASN A 1 101 ? 1.000   -5.389  1.854   1.00 7.59   ? 101 ASN A ND2 1 
ATOM   789  N  N   . GLN A 1 102 ? -2.352  -1.671  3.133   1.00 3.26   ? 102 GLN A N   1 
ATOM   790  C  CA  . GLN A 1 102 ? -3.600  -1.130  2.587   1.00 16.10  ? 102 GLN A CA  1 
ATOM   791  C  C   . GLN A 1 102 ? -3.472  0.348   2.266   1.00 19.18  ? 102 GLN A C   1 
ATOM   792  O  O   . GLN A 1 102 ? -3.918  0.846   1.228   1.00 10.99  ? 102 GLN A O   1 
ATOM   793  C  CB  . GLN A 1 102 ? -4.751  -1.302  3.599   1.00 6.88   ? 102 GLN A CB  1 
ATOM   794  C  CG  . GLN A 1 102 ? -5.795  -2.353  3.223   1.00 22.77  ? 102 GLN A CG  1 
ATOM   795  C  CD  . GLN A 1 102 ? -7.068  -2.229  4.058   1.00 21.45  ? 102 GLN A CD  1 
ATOM   796  O  OE1 . GLN A 1 102 ? -6.949  -2.030  5.279   1.00 26.17  ? 102 GLN A OE1 1 
ATOM   797  N  NE2 . GLN A 1 102 ? -8.257  -2.234  3.405   1.00 26.63  ? 102 GLN A NE2 1 
ATOM   798  N  N   . VAL A 1 103 ? -2.869  1.055   3.233   1.00 13.14  ? 103 VAL A N   1 
ATOM   799  C  CA  . VAL A 1 103 ? -2.663  2.485   3.101   1.00 4.49   ? 103 VAL A CA  1 
ATOM   800  C  C   . VAL A 1 103 ? -1.680  2.761   1.972   1.00 14.60  ? 103 VAL A C   1 
ATOM   801  O  O   . VAL A 1 103 ? -1.838  3.732   1.223   1.00 20.22  ? 103 VAL A O   1 
ATOM   802  C  CB  . VAL A 1 103 ? -2.266  3.174   4.408   1.00 14.93  ? 103 VAL A CB  1 
ATOM   803  C  CG1 . VAL A 1 103 ? -2.025  4.631   4.140   1.00 18.65  ? 103 VAL A CG1 1 
ATOM   804  C  CG2 . VAL A 1 103 ? -3.501  3.228   5.253   1.00 23.43  ? 103 VAL A CG2 1 
ATOM   805  N  N   . PHE A 1 104 ? -0.638  1.916   1.860   1.00 6.01   ? 104 PHE A N   1 
ATOM   806  C  CA  . PHE A 1 104 ? 0.326   2.115   0.776   1.00 3.78   ? 104 PHE A CA  1 
ATOM   807  C  C   . PHE A 1 104 ? -0.383  1.903   -0.534  1.00 15.55  ? 104 PHE A C   1 
ATOM   808  O  O   . PHE A 1 104 ? -0.207  2.643   -1.486  1.00 17.62  ? 104 PHE A O   1 
ATOM   809  C  CB  . PHE A 1 104 ? 1.397   1.022   0.892   1.00 4.24   ? 104 PHE A CB  1 
ATOM   810  C  CG  . PHE A 1 104 ? 2.522   1.269   -0.074  1.00 8.91   ? 104 PHE A CG  1 
ATOM   811  C  CD1 . PHE A 1 104 ? 3.727   1.830   0.359   1.00 8.04   ? 104 PHE A CD1 1 
ATOM   812  C  CD2 . PHE A 1 104 ? 2.431   0.795   -1.381  1.00 2.44   ? 104 PHE A CD2 1 
ATOM   813  C  CE1 . PHE A 1 104 ? 4.815   1.997   -0.501  1.00 9.56   ? 104 PHE A CE1 1 
ATOM   814  C  CE2 . PHE A 1 104 ? 3.510   0.982   -2.258  1.00 10.38  ? 104 PHE A CE2 1 
ATOM   815  C  CZ  . PHE A 1 104 ? 4.710   1.550   -1.822  1.00 9.71   ? 104 PHE A CZ  1 
ATOM   816  N  N   . GLN A 1 105 ? -1.212  0.864   -0.584  1.00 12.00  ? 105 GLN A N   1 
ATOM   817  C  CA  . GLN A 1 105 ? -1.911  0.586   -1.826  1.00 9.99   ? 105 GLN A CA  1 
ATOM   818  C  C   . GLN A 1 105 ? -3.010  1.552   -2.177  1.00 19.58  ? 105 GLN A C   1 
ATOM   819  O  O   . GLN A 1 105 ? -3.234  1.882   -3.345  1.00 11.71  ? 105 GLN A O   1 
ATOM   820  C  CB  . GLN A 1 105 ? -2.500  -0.853  -1.849  1.00 8.51   ? 105 GLN A CB  1 
ATOM   821  C  CG  . GLN A 1 105 ? -3.328  -1.091  -3.138  1.00 8.02   ? 105 GLN A CG  1 
ATOM   822  C  CD  . GLN A 1 105 ? -3.936  -2.484  -3.220  1.00 16.01  ? 105 GLN A CD  1 
ATOM   823  O  OE1 . GLN A 1 105 ? -3.765  -3.295  -2.305  1.00 15.66  ? 105 GLN A OE1 1 
ATOM   824  N  NE2 . GLN A 1 105 ? -4.605  -2.836  -4.325  1.00 10.64  ? 105 GLN A NE2 1 
ATOM   825  N  N   . MET A 1 106 ? -3.795  1.940   -1.187  1.00 14.75  ? 106 MET A N   1 
ATOM   826  C  CA  . MET A 1 106 ? -4.932  2.768   -1.520  1.00 19.73  ? 106 MET A CA  1 
ATOM   827  C  C   . MET A 1 106 ? -5.027  4.169   -0.967  1.00 22.47  ? 106 MET A C   1 
ATOM   828  O  O   . MET A 1 106 ? -5.983  4.867   -1.261  1.00 24.73  ? 106 MET A O   1 
ATOM   829  C  CB  . MET A 1 106 ? -6.282  1.993   -1.412  1.00 25.79  ? 106 MET A CB  1 
ATOM   830  C  CG  . MET A 1 106 ? -6.902  1.693   -0.039  1.00 44.75  ? 106 MET A CG  1 
ATOM   831  S  SD  . MET A 1 106 ? -8.056  0.266   -0.099  1.00 37.16  ? 106 MET A SD  1 
ATOM   832  C  CE  . MET A 1 106 ? -8.464  0.065   1.652   1.00 64.60  ? 106 MET A CE  1 
ATOM   833  N  N   . GLY A 1 107 ? -4.083  4.637   -0.179  1.00 22.50  ? 107 GLY A N   1 
ATOM   834  C  CA  . GLY A 1 107 ? -4.271  5.992   0.343   1.00 23.24  ? 107 GLY A CA  1 
ATOM   835  C  C   . GLY A 1 107 ? -5.152  5.951   1.599   1.00 20.74  ? 107 GLY A C   1 
ATOM   836  O  O   . GLY A 1 107 ? -5.959  5.017   1.813   1.00 25.18  ? 107 GLY A O   1 
ATOM   837  N  N   . GLU A 1 108 ? -4.908  6.980   2.419   1.00 45.56  ? 108 GLU A N   1 
ATOM   838  C  CA  . GLU A 1 108 ? -5.491  7.218   3.736   1.00 43.56  ? 108 GLU A CA  1 
ATOM   839  C  C   . GLU A 1 108 ? -6.974  7.469   3.618   1.00 42.96  ? 108 GLU A C   1 
ATOM   840  O  O   . GLU A 1 108 ? -7.816  7.196   4.475   1.00 53.88  ? 108 GLU A O   1 
ATOM   841  C  CB  . GLU A 1 108 ? -4.606  8.221   4.524   1.00 40.50  ? 108 GLU A CB  1 
ATOM   842  C  CG  . GLU A 1 108 ? -5.235  9.476   5.139   1.00 56.66  ? 108 GLU A CG  1 
ATOM   843  C  CD  . GLU A 1 108 ? -4.142  10.477  5.379   1.00 94.56  ? 108 GLU A CD  1 
ATOM   844  O  OE1 . GLU A 1 108 ? -3.248  10.651  4.564   1.00 88.77  ? 108 GLU A OE1 1 
ATOM   845  O  OE2 . GLU A 1 108 ? -4.207  11.058  6.557   1.00 95.49  ? 108 GLU A OE2 1 
ATOM   846  N  N   . THR A 1 109 ? -7.254  7.916   2.437   1.00 43.21  ? 109 THR A N   1 
ATOM   847  C  CA  . THR A 1 109 ? -8.573  8.192   1.948   1.00 46.07  ? 109 THR A CA  1 
ATOM   848  C  C   . THR A 1 109 ? -9.353  6.876   1.808   1.00 69.15  ? 109 THR A C   1 
ATOM   849  O  O   . THR A 1 109 ? -10.334 6.616   2.514   1.00 72.09  ? 109 THR A O   1 
ATOM   850  C  CB  . THR A 1 109 ? -8.371  8.834   0.546   1.00 100.00 ? 109 THR A CB  1 
ATOM   851  O  OG1 . THR A 1 109 ? -7.246  8.251   -0.128  1.00 100.00 ? 109 THR A OG1 1 
ATOM   852  C  CG2 . THR A 1 109 ? -8.140  10.330  0.714   1.00 100.00 ? 109 THR A CG2 1 
ATOM   853  N  N   . GLY A 1 110 ? -8.895  6.042   0.861   1.00 69.09  ? 110 GLY A N   1 
ATOM   854  C  CA  . GLY A 1 110 ? -9.471  4.743   0.582   1.00 49.71  ? 110 GLY A CA  1 
ATOM   855  C  C   . GLY A 1 110 ? -9.678  3.998   1.876   1.00 48.74  ? 110 GLY A C   1 
ATOM   856  O  O   . GLY A 1 110 ? -10.748 3.472   2.112   1.00 48.31  ? 110 GLY A O   1 
ATOM   857  N  N   . VAL A 1 111 ? -8.672  4.018   2.745   1.00 46.39  ? 111 VAL A N   1 
ATOM   858  C  CA  . VAL A 1 111 ? -8.809  3.330   4.012   1.00 51.97  ? 111 VAL A CA  1 
ATOM   859  C  C   . VAL A 1 111 ? -9.758  3.937   5.032   1.00 63.28  ? 111 VAL A C   1 
ATOM   860  O  O   . VAL A 1 111 ? -10.381 3.217   5.817   1.00 45.64  ? 111 VAL A O   1 
ATOM   861  C  CB  . VAL A 1 111 ? -7.517  2.872   4.644   1.00 42.92  ? 111 VAL A CB  1 
ATOM   862  C  CG1 . VAL A 1 111 ? -7.909  1.829   5.712   1.00 29.19  ? 111 VAL A CG1 1 
ATOM   863  C  CG2 . VAL A 1 111 ? -6.622  2.296   3.525   1.00 33.37  ? 111 VAL A CG2 1 
ATOM   864  N  N   . ALA A 1 112 ? -9.874  5.254   5.039   1.00 65.93  ? 112 ALA A N   1 
ATOM   865  C  CA  . ALA A 1 112 ? -10.780 5.873   5.988   1.00 65.26  ? 112 ALA A CA  1 
ATOM   866  C  C   . ALA A 1 112 ? -12.278 5.463   5.831   1.00 68.72  ? 112 ALA A C   1 
ATOM   867  O  O   . ALA A 1 112 ? -13.025 5.404   6.814   1.00 69.07  ? 112 ALA A O   1 
ATOM   868  C  CB  . ALA A 1 112 ? -10.483 7.353   6.236   1.00 60.97  ? 112 ALA A CB  1 
ATOM   869  N  N   . GLY A 1 113 ? -12.738 5.116   4.612   1.00 42.50  ? 113 GLY A N   1 
ATOM   870  C  CA  . GLY A 1 113 ? -14.140 4.689   4.406   1.00 56.48  ? 113 GLY A CA  1 
ATOM   871  C  C   . GLY A 1 113 ? -14.463 3.206   4.740   1.00 60.76  ? 113 GLY A C   1 
ATOM   872  O  O   . GLY A 1 113 ? -15.529 2.612   4.423   1.00 48.26  ? 113 GLY A O   1 
ATOM   873  N  N   . PHE A 1 114 ? -13.496 2.566   5.356   1.00 28.41  ? 114 PHE A N   1 
ATOM   874  C  CA  . PHE A 1 114 ? -13.641 1.201   5.774   1.00 9.90   ? 114 PHE A CA  1 
ATOM   875  C  C   . PHE A 1 114 ? -14.080 1.170   7.251   1.00 11.95  ? 114 PHE A C   1 
ATOM   876  O  O   . PHE A 1 114 ? -13.721 0.308   8.094   1.00 22.56  ? 114 PHE A O   1 
ATOM   877  C  CB  . PHE A 1 114 ? -12.298 0.511   5.551   1.00 18.03  ? 114 PHE A CB  1 
ATOM   878  C  CG  . PHE A 1 114 ? -12.088 -0.088  4.179   1.00 36.36  ? 114 PHE A CG  1 
ATOM   879  C  CD1 . PHE A 1 114 ? -11.942 0.707   3.040   1.00 42.37  ? 114 PHE A CD1 1 
ATOM   880  C  CD2 . PHE A 1 114 ? -11.889 -1.462  4.036   1.00 33.72  ? 114 PHE A CD2 1 
ATOM   881  C  CE1 . PHE A 1 114 ? -11.669 0.139   1.792   1.00 29.56  ? 114 PHE A CE1 1 
ATOM   882  C  CE2 . PHE A 1 114 ? -11.618 -2.056  2.803   1.00 42.39  ? 114 PHE A CE2 1 
ATOM   883  C  CZ  . PHE A 1 114 ? -11.511 -1.243  1.673   1.00 41.55  ? 114 PHE A CZ  1 
ATOM   884  N  N   . THR A 1 115 ? -14.925 2.153   7.535   1.00 10.88  ? 115 THR A N   1 
ATOM   885  C  CA  . THR A 1 115 ? -15.496 2.375   8.824   1.00 6.39   ? 115 THR A CA  1 
ATOM   886  C  C   . THR A 1 115 ? -15.875 1.184   9.608   1.00 16.82  ? 115 THR A C   1 
ATOM   887  O  O   . THR A 1 115 ? -15.408 1.009   10.744  1.00 18.25  ? 115 THR A O   1 
ATOM   888  C  CB  . THR A 1 115 ? -16.767 3.146   8.564   1.00 29.04  ? 115 THR A CB  1 
ATOM   889  O  OG1 . THR A 1 115 ? -16.347 4.310   7.917   1.00 39.13  ? 115 THR A OG1 1 
ATOM   890  C  CG2 . THR A 1 115 ? -17.341 3.507   9.901   1.00 28.51  ? 115 THR A CG2 1 
ATOM   891  N  N   . ASN A 1 116 ? -16.732 0.383   8.977   1.00 10.47  ? 116 ASN A N   1 
ATOM   892  C  CA  . ASN A 1 116 ? -17.199 -0.819  9.663   1.00 17.46  ? 116 ASN A CA  1 
ATOM   893  C  C   . ASN A 1 116 ? -16.091 -1.804  9.997   1.00 12.92  ? 116 ASN A C   1 
ATOM   894  O  O   . ASN A 1 116 ? -16.028 -2.409  11.072  1.00 20.27  ? 116 ASN A O   1 
ATOM   895  C  CB  . ASN A 1 116 ? -18.344 -1.546  8.899   1.00 11.75  ? 116 ASN A CB  1 
ATOM   896  C  CG  . ASN A 1 116 ? -19.509 -0.577  8.716   1.00 30.10  ? 116 ASN A CG  1 
ATOM   897  O  OD1 . ASN A 1 116 ? -19.854 0.076   9.688   1.00 22.22  ? 116 ASN A OD1 1 
ATOM   898  N  ND2 . ASN A 1 116 ? -20.093 -0.409  7.516   1.00 12.81  ? 116 ASN A ND2 1 
ATOM   899  N  N   . SER A 1 117 ? -15.205 -1.959  9.042   1.00 7.47   ? 117 SER A N   1 
ATOM   900  C  CA  . SER A 1 117 ? -14.080 -2.887  9.231   1.00 10.23  ? 117 SER A CA  1 
ATOM   901  C  C   . SER A 1 117 ? -13.198 -2.361  10.296  1.00 10.08  ? 117 SER A C   1 
ATOM   902  O  O   . SER A 1 117 ? -12.650 -3.090  11.124  1.00 8.49   ? 117 SER A O   1 
ATOM   903  C  CB  . SER A 1 117 ? -13.203 -2.875  7.980   1.00 17.72  ? 117 SER A CB  1 
ATOM   904  O  OG  . SER A 1 117 ? -13.812 -3.614  6.939   1.00 29.52  ? 117 SER A OG  1 
ATOM   905  N  N   . LEU A 1 118 ? -13.058 -1.028  10.240  1.00 5.04   ? 118 LEU A N   1 
ATOM   906  C  CA  . LEU A 1 118 ? -12.191 -0.399  11.200  1.00 13.76  ? 118 LEU A CA  1 
ATOM   907  C  C   . LEU A 1 118 ? -12.652 -0.697  12.564  1.00 17.17  ? 118 LEU A C   1 
ATOM   908  O  O   . LEU A 1 118 ? -11.902 -1.046  13.498  1.00 17.82  ? 118 LEU A O   1 
ATOM   909  C  CB  . LEU A 1 118 ? -12.262 1.118   11.062  1.00 16.67  ? 118 LEU A CB  1 
ATOM   910  C  CG  . LEU A 1 118 ? -11.499 1.495   9.810   1.00 29.25  ? 118 LEU A CG  1 
ATOM   911  C  CD1 . LEU A 1 118 ? -11.673 2.993   9.573   1.00 28.06  ? 118 LEU A CD1 1 
ATOM   912  C  CD2 . LEU A 1 118 ? -10.030 1.040   9.937   1.00 30.02  ? 118 LEU A CD2 1 
ATOM   913  N  N   . ARG A 1 119 ? -13.912 -0.446  12.693  1.00 13.70  ? 119 ARG A N   1 
ATOM   914  C  CA  . ARG A 1 119 ? -14.469 -0.695  14.010  1.00 13.43  ? 119 ARG A CA  1 
ATOM   915  C  C   . ARG A 1 119 ? -14.250 -2.152  14.409  1.00 15.59  ? 119 ARG A C   1 
ATOM   916  O  O   . ARG A 1 119 ? -13.919 -2.460  15.563  1.00 14.90  ? 119 ARG A O   1 
ATOM   917  C  CB  . ARG A 1 119 ? -15.990 -0.570  13.979  1.00 22.49  ? 119 ARG A CB  1 
ATOM   918  C  CG  . ARG A 1 119 ? -16.647 0.761   14.237  1.00 86.23  ? 119 ARG A CG  1 
ATOM   919  C  CD  . ARG A 1 119 ? -18.126 0.503   14.565  1.00 100.00 ? 119 ARG A CD  1 
ATOM   920  N  NE  . ARG A 1 119 ? -19.093 0.946   13.539  1.00 100.00 ? 119 ARG A NE  1 
ATOM   921  C  CZ  . ARG A 1 119 ? -19.785 0.177   12.660  1.00 100.00 ? 119 ARG A CZ  1 
ATOM   922  N  NH1 . ARG A 1 119 ? -19.678 -1.160  12.601  1.00 100.00 ? 119 ARG A NH1 1 
ATOM   923  N  NH2 . ARG A 1 119 ? -20.631 0.770   11.806  1.00 100.00 ? 119 ARG A NH2 1 
ATOM   924  N  N   . MET A 1 120 ? -14.521 -3.083  13.480  1.00 13.02  ? 120 MET A N   1 
ATOM   925  C  CA  . MET A 1 120 ? -14.384 -4.471  13.907  1.00 7.87   ? 120 MET A CA  1 
ATOM   926  C  C   . MET A 1 120 ? -12.972 -4.791  14.240  1.00 18.70  ? 120 MET A C   1 
ATOM   927  O  O   . MET A 1 120 ? -12.735 -5.589  15.132  1.00 16.19  ? 120 MET A O   1 
ATOM   928  C  CB  . MET A 1 120 ? -14.855 -5.481  12.869  1.00 4.19   ? 120 MET A CB  1 
ATOM   929  C  CG  . MET A 1 120 ? -16.318 -5.287  12.605  1.00 20.33  ? 120 MET A CG  1 
ATOM   930  S  SD  . MET A 1 120 ? -16.652 -6.264  11.136  1.00 30.55  ? 120 MET A SD  1 
ATOM   931  C  CE  . MET A 1 120 ? -18.237 -5.672  10.547  1.00 31.66  ? 120 MET A CE  1 
ATOM   932  N  N   . LEU A 1 121 ? -12.038 -4.217  13.450  1.00 8.94   ? 121 LEU A N   1 
ATOM   933  C  CA  . LEU A 1 121 ? -10.634 -4.501  13.757  1.00 9.50   ? 121 LEU A CA  1 
ATOM   934  C  C   . LEU A 1 121 ? -10.324 -4.004  15.204  1.00 29.58  ? 121 LEU A C   1 
ATOM   935  O  O   . LEU A 1 121 ? -9.605  -4.597  16.010  1.00 14.44  ? 121 LEU A O   1 
ATOM   936  C  CB  . LEU A 1 121 ? -9.784  -3.759  12.694  1.00 5.89   ? 121 LEU A CB  1 
ATOM   937  C  CG  . LEU A 1 121 ? -9.862  -4.519  11.366  1.00 17.45  ? 121 LEU A CG  1 
ATOM   938  C  CD1 . LEU A 1 121 ? -9.015  -3.816  10.312  1.00 25.35  ? 121 LEU A CD1 1 
ATOM   939  C  CD2 . LEU A 1 121 ? -9.285  -5.900  11.585  1.00 15.10  ? 121 LEU A CD2 1 
ATOM   940  N  N   . GLN A 1 122 ? -10.863 -2.851  15.561  1.00 12.94  ? 122 GLN A N   1 
ATOM   941  C  CA  . GLN A 1 122 ? -10.568 -2.308  16.847  1.00 21.56  ? 122 GLN A CA  1 
ATOM   942  C  C   . GLN A 1 122 ? -11.076 -3.215  17.998  1.00 30.50  ? 122 GLN A C   1 
ATOM   943  O  O   . GLN A 1 122 ? -10.511 -3.371  19.119  1.00 12.54  ? 122 GLN A O   1 
ATOM   944  C  CB  . GLN A 1 122 ? -11.120 -0.864  16.848  1.00 18.20  ? 122 GLN A CB  1 
ATOM   945  C  CG  . GLN A 1 122 ? -10.661 0.009   18.021  1.00 27.76  ? 122 GLN A CG  1 
ATOM   946  C  CD  . GLN A 1 122 ? -11.337 1.358   18.018  1.00 54.08  ? 122 GLN A CD  1 
ATOM   947  O  OE1 . GLN A 1 122 ? -12.169 1.665   17.132  1.00 99.89  ? 122 GLN A OE1 1 
ATOM   948  N  NE2 . GLN A 1 122 ? -11.023 2.140   19.046  1.00 100.00 ? 122 GLN A NE2 1 
ATOM   949  N  N   . GLN A 1 123 ? -12.153 -3.875  17.696  1.00 9.07   ? 123 GLN A N   1 
ATOM   950  C  CA  . GLN A 1 123 ? -12.728 -4.722  18.705  1.00 8.46   ? 123 GLN A CA  1 
ATOM   951  C  C   . GLN A 1 123 ? -12.151 -6.064  18.733  1.00 19.82  ? 123 GLN A C   1 
ATOM   952  O  O   . GLN A 1 123 ? -12.639 -6.900  19.517  1.00 13.33  ? 123 GLN A O   1 
ATOM   953  C  CB  . GLN A 1 123 ? -14.179 -4.967  18.382  1.00 15.70  ? 123 GLN A CB  1 
ATOM   954  C  CG  . GLN A 1 123 ? -14.949 -3.688  18.515  1.00 32.86  ? 123 GLN A CG  1 
ATOM   955  C  CD  . GLN A 1 123 ? -16.393 -3.892  18.159  1.00 76.37  ? 123 GLN A CD  1 
ATOM   956  O  OE1 . GLN A 1 123 ? -17.243 -3.415  18.900  1.00 36.36  ? 123 GLN A OE1 1 
ATOM   957  N  NE2 . GLN A 1 123 ? -16.668 -4.617  17.062  1.00 73.49  ? 123 GLN A NE2 1 
ATOM   958  N  N   . LYS A 1 124 ? -11.209 -6.306  17.832  1.00 20.32  ? 124 LYS A N   1 
ATOM   959  C  CA  . LYS A 1 124 ? -10.553 -7.627  17.758  1.00 5.96   ? 124 LYS A CA  1 
ATOM   960  C  C   . LYS A 1 124 ? -11.469 -8.763  17.307  1.00 8.36   ? 124 LYS A C   1 
ATOM   961  O  O   . LYS A 1 124 ? -11.262 -9.942  17.641  1.00 20.86  ? 124 LYS A O   1 
ATOM   962  C  CB  . LYS A 1 124 ? -9.680  -8.057  18.955  1.00 20.96  ? 124 LYS A CB  1 
ATOM   963  C  CG  . LYS A 1 124 ? -8.867  -6.904  19.506  1.00 4.27   ? 124 LYS A CG  1 
ATOM   964  C  CD  . LYS A 1 124 ? -7.637  -7.260  20.365  1.00 10.81  ? 124 LYS A CD  1 
ATOM   965  C  CE  . LYS A 1 124 ? -6.705  -6.034  20.461  1.00 1.00   ? 124 LYS A CE  1 
ATOM   966  N  NZ  . LYS A 1 124 ? -5.879  -5.836  19.214  1.00 12.66  ? 124 LYS A NZ  1 
ATOM   967  N  N   . ARG A 1 125 ? -12.452 -8.381  16.513  1.00 8.95   ? 125 ARG A N   1 
ATOM   968  C  CA  . ARG A 1 125 ? -13.395 -9.305  15.887  1.00 11.84  ? 125 ARG A CA  1 
ATOM   969  C  C   . ARG A 1 125 ? -12.818 -9.713  14.505  1.00 15.57  ? 125 ARG A C   1 
ATOM   970  O  O   . ARG A 1 125 ? -13.368 -9.373  13.468  1.00 11.56  ? 125 ARG A O   1 
ATOM   971  C  CB  . ARG A 1 125 ? -14.770 -8.625  15.771  1.00 6.82   ? 125 ARG A CB  1 
ATOM   972  C  CG  . ARG A 1 125 ? -15.442 -8.332  17.136  1.00 18.94  ? 125 ARG A CG  1 
ATOM   973  C  CD  . ARG A 1 125 ? -16.604 -7.388  16.889  1.00 17.31  ? 125 ARG A CD  1 
ATOM   974  N  NE  . ARG A 1 125 ? -17.834 -7.578  17.611  1.00 57.77  ? 125 ARG A NE  1 
ATOM   975  C  CZ  . ARG A 1 125 ? -17.942 -7.236  18.892  1.00 100.00 ? 125 ARG A CZ  1 
ATOM   976  N  NH1 . ARG A 1 125 ? -16.906 -6.751  19.593  1.00 100.00 ? 125 ARG A NH1 1 
ATOM   977  N  NH2 . ARG A 1 125 ? -19.114 -7.400  19.495  1.00 48.52  ? 125 ARG A NH2 1 
ATOM   978  N  N   . TRP A 1 126 ? -11.736 -10.517 14.558  1.00 6.21   ? 126 TRP A N   1 
ATOM   979  C  CA  . TRP A 1 126 ? -10.922 -10.956 13.407  1.00 6.69   ? 126 TRP A CA  1 
ATOM   980  C  C   . TRP A 1 126 ? -11.683 -11.540 12.258  1.00 8.50   ? 126 TRP A C   1 
ATOM   981  O  O   . TRP A 1 126 ? -11.644 -11.058 11.127  1.00 9.84   ? 126 TRP A O   1 
ATOM   982  C  CB  . TRP A 1 126 ? -9.683  -11.789 13.812  1.00 1.00   ? 126 TRP A CB  1 
ATOM   983  C  CG  . TRP A 1 126 ? -8.908  -11.181 14.974  1.00 9.22   ? 126 TRP A CG  1 
ATOM   984  C  CD1 . TRP A 1 126 ? -8.481  -11.843 16.117  1.00 7.73   ? 126 TRP A CD1 1 
ATOM   985  C  CD2 . TRP A 1 126 ? -8.377  -9.870  15.109  1.00 6.83   ? 126 TRP A CD2 1 
ATOM   986  N  NE1 . TRP A 1 126 ? -7.749  -11.048 16.974  1.00 3.77   ? 126 TRP A NE1 1 
ATOM   987  C  CE2 . TRP A 1 126 ? -7.655  -9.821  16.396  1.00 10.12  ? 126 TRP A CE2 1 
ATOM   988  C  CE3 . TRP A 1 126 ? -8.429  -8.720  14.331  1.00 1.23   ? 126 TRP A CE3 1 
ATOM   989  C  CZ2 . TRP A 1 126 ? -6.972  -8.685  16.847  1.00 8.25   ? 126 TRP A CZ2 1 
ATOM   990  C  CZ3 . TRP A 1 126 ? -7.835  -7.570  14.842  1.00 3.75   ? 126 TRP A CZ3 1 
ATOM   991  C  CH2 . TRP A 1 126 ? -7.090  -7.564  16.077  1.00 9.17   ? 126 TRP A CH2 1 
ATOM   992  N  N   . ASP A 1 127 ? -12.402 -12.611 12.511  1.00 11.76  ? 127 ASP A N   1 
ATOM   993  C  CA  . ASP A 1 127 ? -13.074 -13.190 11.384  1.00 12.96  ? 127 ASP A CA  1 
ATOM   994  C  C   . ASP A 1 127 ? -14.139 -12.267 10.840  1.00 20.21  ? 127 ASP A C   1 
ATOM   995  O  O   . ASP A 1 127 ? -14.445 -12.227 9.658   1.00 12.31  ? 127 ASP A O   1 
ATOM   996  C  CB  . ASP A 1 127 ? -13.642 -14.587 11.698  1.00 11.94  ? 127 ASP A CB  1 
ATOM   997  C  CG  . ASP A 1 127 ? -12.619 -15.607 12.176  1.00 12.27  ? 127 ASP A CG  1 
ATOM   998  O  OD1 . ASP A 1 127 ? -11.408 -15.424 12.372  1.00 26.44  ? 127 ASP A OD1 1 
ATOM   999  O  OD2 . ASP A 1 127 ? -13.206 -16.729 12.408  1.00 31.66  ? 127 ASP A OD2 1 
ATOM   1000 N  N   . GLU A 1 128 ? -14.728 -11.508 11.733  1.00 19.63  ? 128 GLU A N   1 
ATOM   1001 C  CA  . GLU A 1 128 ? -15.779 -10.667 11.305  1.00 18.91  ? 128 GLU A CA  1 
ATOM   1002 C  C   . GLU A 1 128 ? -15.251 -9.625  10.426  1.00 15.97  ? 128 GLU A C   1 
ATOM   1003 O  O   . GLU A 1 128 ? -15.807 -9.291  9.396   1.00 14.25  ? 128 GLU A O   1 
ATOM   1004 C  CB  . GLU A 1 128 ? -16.480 -10.007 12.477  1.00 26.85  ? 128 GLU A CB  1 
ATOM   1005 C  CG  . GLU A 1 128 ? -17.458 -11.019 13.101  1.00 30.46  ? 128 GLU A CG  1 
ATOM   1006 C  CD  . GLU A 1 128 ? -18.078 -10.468 14.356  1.00 100.00 ? 128 GLU A CD  1 
ATOM   1007 O  OE1 . GLU A 1 128 ? -19.029 -9.692  14.378  1.00 100.00 ? 128 GLU A OE1 1 
ATOM   1008 O  OE2 . GLU A 1 128 ? -17.438 -10.874 15.419  1.00 59.57  ? 128 GLU A OE2 1 
ATOM   1009 N  N   . ALA A 1 129 ? -14.168 -9.088  10.875  1.00 7.90   ? 129 ALA A N   1 
ATOM   1010 C  CA  . ALA A 1 129 ? -13.565 -8.030  10.061  1.00 10.66  ? 129 ALA A CA  1 
ATOM   1011 C  C   . ALA A 1 129 ? -13.140 -8.526  8.644   1.00 3.65   ? 129 ALA A C   1 
ATOM   1012 O  O   . ALA A 1 129 ? -13.245 -7.798  7.607   1.00 6.40   ? 129 ALA A O   1 
ATOM   1013 C  CB  . ALA A 1 129 ? -12.392 -7.486  10.866  1.00 2.18   ? 129 ALA A CB  1 
ATOM   1014 N  N   . ALA A 1 130 ? -12.636 -9.786  8.636   1.00 3.31   ? 130 ALA A N   1 
ATOM   1015 C  CA  . ALA A 1 130 ? -12.106 -10.380 7.427   1.00 8.12   ? 130 ALA A CA  1 
ATOM   1016 C  C   . ALA A 1 130 ? -13.169 -10.548 6.336   1.00 17.87  ? 130 ALA A C   1 
ATOM   1017 O  O   . ALA A 1 130 ? -12.968 -10.249 5.163   1.00 22.43  ? 130 ALA A O   1 
ATOM   1018 C  CB  . ALA A 1 130 ? -11.456 -11.680 7.842   1.00 10.68  ? 130 ALA A CB  1 
ATOM   1019 N  N   . VAL A 1 131 ? -14.364 -10.901 6.753   1.00 8.15   ? 131 VAL A N   1 
ATOM   1020 C  CA  . VAL A 1 131 ? -15.507 -11.013 5.859   1.00 20.18  ? 131 VAL A CA  1 
ATOM   1021 C  C   . VAL A 1 131 ? -15.895 -9.632  5.282   1.00 14.46  ? 131 VAL A C   1 
ATOM   1022 O  O   . VAL A 1 131 ? -15.996 -9.389  4.073   1.00 26.21  ? 131 VAL A O   1 
ATOM   1023 C  CB  . VAL A 1 131 ? -16.651 -11.715 6.626   1.00 18.31  ? 131 VAL A CB  1 
ATOM   1024 C  CG1 . VAL A 1 131 ? -18.037 -11.416 6.079   1.00 22.61  ? 131 VAL A CG1 1 
ATOM   1025 C  CG2 . VAL A 1 131 ? -16.417 -13.200 6.611   1.00 19.80  ? 131 VAL A CG2 1 
ATOM   1026 N  N   . ASN A 1 132 ? -16.057 -8.681  6.170   1.00 13.42  ? 132 ASN A N   1 
ATOM   1027 C  CA  . ASN A 1 132 ? -16.358 -7.302  5.801   1.00 5.75   ? 132 ASN A CA  1 
ATOM   1028 C  C   . ASN A 1 132 ? -15.370 -6.750  4.806   1.00 11.39  ? 132 ASN A C   1 
ATOM   1029 O  O   . ASN A 1 132 ? -15.648 -6.077  3.776   1.00 8.44   ? 132 ASN A O   1 
ATOM   1030 C  CB  . ASN A 1 132 ? -16.306 -6.447  7.091   1.00 10.37  ? 132 ASN A CB  1 
ATOM   1031 C  CG  . ASN A 1 132 ? -16.931 -5.086  6.913   1.00 17.85  ? 132 ASN A CG  1 
ATOM   1032 O  OD1 . ASN A 1 132 ? -16.252 -4.076  6.644   1.00 24.48  ? 132 ASN A OD1 1 
ATOM   1033 N  ND2 . ASN A 1 132 ? -18.254 -5.084  6.851   1.00 13.59  ? 132 ASN A ND2 1 
ATOM   1034 N  N   . LEU A 1 133 ? -14.131 -7.004  5.162   1.00 12.07  ? 133 LEU A N   1 
ATOM   1035 C  CA  . LEU A 1 133 ? -13.075 -6.525  4.282   1.00 19.99  ? 133 LEU A CA  1 
ATOM   1036 C  C   . LEU A 1 133 ? -13.251 -6.991  2.832   1.00 13.53  ? 133 LEU A C   1 
ATOM   1037 O  O   . LEU A 1 133 ? -12.981 -6.269  1.868   1.00 11.48  ? 133 LEU A O   1 
ATOM   1038 C  CB  . LEU A 1 133 ? -11.591 -6.802  4.819   1.00 11.45  ? 133 LEU A CB  1 
ATOM   1039 C  CG  . LEU A 1 133 ? -11.108 -5.798  5.900   1.00 13.76  ? 133 LEU A CG  1 
ATOM   1040 C  CD1 . LEU A 1 133 ? -9.880  -6.425  6.570   1.00 11.24  ? 133 LEU A CD1 1 
ATOM   1041 C  CD2 . LEU A 1 133 ? -10.761 -4.388  5.339   1.00 8.72   ? 133 LEU A CD2 1 
ATOM   1042 N  N   . ALA A 1 134 ? -13.741 -8.199  2.695   1.00 7.83   ? 134 ALA A N   1 
ATOM   1043 C  CA  . ALA A 1 134 ? -13.855 -8.831  1.384   1.00 9.66   ? 134 ALA A CA  1 
ATOM   1044 C  C   . ALA A 1 134 ? -14.980 -8.250  0.610   1.00 12.64  ? 134 ALA A C   1 
ATOM   1045 O  O   . ALA A 1 134 ? -14.964 -8.257  -0.610  1.00 10.32  ? 134 ALA A O   1 
ATOM   1046 C  CB  . ALA A 1 134 ? -13.878 -10.362 1.436   1.00 18.06  ? 134 ALA A CB  1 
ATOM   1047 N  N   . LYS A 1 135 ? -15.903 -7.634  1.324   1.00 12.56  ? 135 LYS A N   1 
ATOM   1048 C  CA  . LYS A 1 135 ? -16.975 -7.019  0.580   1.00 4.09   ? 135 LYS A CA  1 
ATOM   1049 C  C   . LYS A 1 135 ? -16.571 -5.635  0.061   1.00 6.25   ? 135 LYS A C   1 
ATOM   1050 O  O   . LYS A 1 135 ? -17.020 -4.587  0.562   1.00 10.80  ? 135 LYS A O   1 
ATOM   1051 C  CB  . LYS A 1 135 ? -18.338 -7.042  1.305   1.00 22.53  ? 135 LYS A CB  1 
ATOM   1052 C  CG  . LYS A 1 135 ? -18.727 -8.421  1.857   1.00 16.95  ? 135 LYS A CG  1 
ATOM   1053 C  CD  . LYS A 1 135 ? -20.049 -8.515  2.689   1.00 25.62  ? 135 LYS A CD  1 
ATOM   1054 C  CE  . LYS A 1 135 ? -20.033 -7.986  4.132   1.00 100.00 ? 135 LYS A CE  1 
ATOM   1055 N  NZ  . LYS A 1 135 ? -21.315 -8.127  4.864   1.00 69.36  ? 135 LYS A NZ  1 
ATOM   1056 N  N   . SER A 1 136 ? -15.725 -5.632  -0.975  1.00 8.48   ? 136 SER A N   1 
ATOM   1057 C  CA  . SER A 1 136 ? -15.251 -4.330  -1.373  1.00 9.67   ? 136 SER A CA  1 
ATOM   1058 C  C   . SER A 1 136 ? -14.720 -4.360  -2.765  1.00 15.72  ? 136 SER A C   1 
ATOM   1059 O  O   . SER A 1 136 ? -14.352 -5.407  -3.276  1.00 6.43   ? 136 SER A O   1 
ATOM   1060 C  CB  . SER A 1 136 ? -14.052 -3.968  -0.440  1.00 35.27  ? 136 SER A CB  1 
ATOM   1061 O  OG  . SER A 1 136 ? -12.961 -4.931  -0.555  1.00 9.57   ? 136 SER A OG  1 
ATOM   1062 N  N   . ARG A 1 137 ? -14.661 -3.182  -3.372  1.00 7.13   ? 137 ARG A N   1 
ATOM   1063 C  CA  . ARG A 1 137 ? -14.112 -3.140  -4.710  1.00 2.73   ? 137 ARG A CA  1 
ATOM   1064 C  C   . ARG A 1 137 ? -12.668 -3.635  -4.674  1.00 13.14  ? 137 ARG A C   1 
ATOM   1065 O  O   . ARG A 1 137 ? -12.185 -4.365  -5.551  1.00 9.58   ? 137 ARG A O   1 
ATOM   1066 C  CB  . ARG A 1 137 ? -14.095 -1.710  -5.149  1.00 10.24  ? 137 ARG A CB  1 
ATOM   1067 C  CG  . ARG A 1 137 ? -13.443 -1.648  -6.525  1.00 21.44  ? 137 ARG A CG  1 
ATOM   1068 C  CD  . ARG A 1 137 ? -13.217 -0.201  -7.010  1.00 16.96  ? 137 ARG A CD  1 
ATOM   1069 N  NE  . ARG A 1 137 ? -12.901 -0.035  -8.461  1.00 33.17  ? 137 ARG A NE  1 
ATOM   1070 C  CZ  . ARG A 1 137 ? -11.704 -0.032  -9.052  1.00 40.88  ? 137 ARG A CZ  1 
ATOM   1071 N  NH1 . ARG A 1 137 ? -10.562 -0.234  -8.383  1.00 20.44  ? 137 ARG A NH1 1 
ATOM   1072 N  NH2 . ARG A 1 137 ? -11.645 0.154   -10.372 1.00 55.53  ? 137 ARG A NH2 1 
ATOM   1073 N  N   . TRP A 1 138 ? -11.931 -3.171  -3.638  1.00 4.01   ? 138 TRP A N   1 
ATOM   1074 C  CA  . TRP A 1 138 ? -10.523 -3.570  -3.426  1.00 4.68   ? 138 TRP A CA  1 
ATOM   1075 C  C   . TRP A 1 138 ? -10.337 -5.090  -3.535  1.00 15.75  ? 138 TRP A C   1 
ATOM   1076 O  O   . TRP A 1 138 ? -9.476  -5.639  -4.270  1.00 12.25  ? 138 TRP A O   1 
ATOM   1077 C  CB  . TRP A 1 138 ? -10.081 -3.089  -2.033  1.00 7.36   ? 138 TRP A CB  1 
ATOM   1078 C  CG  . TRP A 1 138 ? -8.747  -3.602  -1.527  1.00 13.12  ? 138 TRP A CG  1 
ATOM   1079 C  CD1 . TRP A 1 138 ? -7.524  -3.335  -2.025  1.00 12.12  ? 138 TRP A CD1 1 
ATOM   1080 C  CD2 . TRP A 1 138 ? -8.529  -4.350  -0.328  1.00 7.10   ? 138 TRP A CD2 1 
ATOM   1081 N  NE1 . TRP A 1 138 ? -6.568  -3.909  -1.227  1.00 11.14  ? 138 TRP A NE1 1 
ATOM   1082 C  CE2 . TRP A 1 138 ? -7.167  -4.527  -0.176  1.00 10.83  ? 138 TRP A CE2 1 
ATOM   1083 C  CE3 . TRP A 1 138 ? -9.379  -4.819  0.669   1.00 12.42  ? 138 TRP A CE3 1 
ATOM   1084 C  CZ2 . TRP A 1 138 ? -6.630  -5.231  0.921   1.00 13.27  ? 138 TRP A CZ2 1 
ATOM   1085 C  CZ3 . TRP A 1 138 ? -8.868  -5.511  1.742   1.00 18.01  ? 138 TRP A CZ3 1 
ATOM   1086 C  CH2 . TRP A 1 138 ? -7.498  -5.732  1.849   1.00 17.27  ? 138 TRP A CH2 1 
ATOM   1087 N  N   . TYR A 1 139 ? -11.153 -5.809  -2.758  1.00 12.35  ? 139 TYR A N   1 
ATOM   1088 C  CA  . TYR A 1 139 ? -10.986 -7.261  -2.824  1.00 10.63  ? 139 TYR A CA  1 
ATOM   1089 C  C   . TYR A 1 139 ? -11.266 -7.803  -4.226  1.00 18.70  ? 139 TYR A C   1 
ATOM   1090 O  O   . TYR A 1 139 ? -10.530 -8.603  -4.806  1.00 21.15  ? 139 TYR A O   1 
ATOM   1091 C  CB  . TYR A 1 139 ? -11.959 -7.840  -1.794  1.00 10.76  ? 139 TYR A CB  1 
ATOM   1092 C  CG  . TYR A 1 139 ? -12.049 -9.293  -1.931  1.00 10.81  ? 139 TYR A CG  1 
ATOM   1093 C  CD1 . TYR A 1 139 ? -11.115 -10.052 -1.234  1.00 23.13  ? 139 TYR A CD1 1 
ATOM   1094 C  CD2 . TYR A 1 139 ? -13.010 -9.924  -2.722  1.00 15.31  ? 139 TYR A CD2 1 
ATOM   1095 C  CE1 . TYR A 1 139 ? -11.124 -11.443 -1.284  1.00 39.51  ? 139 TYR A CE1 1 
ATOM   1096 C  CE2 . TYR A 1 139 ? -13.044 -11.320 -2.742  1.00 25.42  ? 139 TYR A CE2 1 
ATOM   1097 C  CZ  . TYR A 1 139 ? -12.102 -12.081 -2.046  1.00 58.11  ? 139 TYR A CZ  1 
ATOM   1098 O  OH  . TYR A 1 139 ? -12.140 -13.459 -2.095  1.00 100.00 ? 139 TYR A OH  1 
ATOM   1099 N  N   . ASN A 1 140 ? -12.364 -7.303  -4.796  1.00 15.69  ? 140 ASN A N   1 
ATOM   1100 C  CA  . ASN A 1 140 ? -12.750 -7.716  -6.123  1.00 6.15   ? 140 ASN A CA  1 
ATOM   1101 C  C   . ASN A 1 140 ? -11.805 -7.305  -7.232  1.00 22.14  ? 140 ASN A C   1 
ATOM   1102 O  O   . ASN A 1 140 ? -11.718 -8.050  -8.202  1.00 26.27  ? 140 ASN A O   1 
ATOM   1103 C  CB  . ASN A 1 140 ? -14.192 -7.326  -6.544  1.00 11.97  ? 140 ASN A CB  1 
ATOM   1104 C  CG  . ASN A 1 140 ? -15.167 -8.060  -5.689  1.00 26.56  ? 140 ASN A CG  1 
ATOM   1105 O  OD1 . ASN A 1 140 ? -15.581 -7.574  -4.635  1.00 21.98  ? 140 ASN A OD1 1 
ATOM   1106 N  ND2 . ASN A 1 140 ? -15.514 -9.260  -6.132  1.00 23.94  ? 140 ASN A ND2 1 
ATOM   1107 N  N   . GLN A 1 141 ? -11.123 -6.147  -7.163  1.00 12.40  ? 141 GLN A N   1 
ATOM   1108 C  CA  . GLN A 1 141 ? -10.207 -5.870  -8.249  1.00 10.11  ? 141 GLN A CA  1 
ATOM   1109 C  C   . GLN A 1 141 ? -8.846  -6.582  -8.092  1.00 19.09  ? 141 GLN A C   1 
ATOM   1110 O  O   . GLN A 1 141 ? -8.196  -7.017  -9.053  1.00 17.62  ? 141 GLN A O   1 
ATOM   1111 C  CB  . GLN A 1 141 ? -9.980  -4.392  -8.475  1.00 16.88  ? 141 GLN A CB  1 
ATOM   1112 C  CG  . GLN A 1 141 ? -11.279 -3.679  -8.812  1.00 28.26  ? 141 GLN A CG  1 
ATOM   1113 C  CD  . GLN A 1 141 ? -11.877 -4.107  -10.142 1.00 71.83  ? 141 GLN A CD  1 
ATOM   1114 O  OE1 . GLN A 1 141 ? -13.069 -4.471  -10.234 1.00 20.80  ? 141 GLN A OE1 1 
ATOM   1115 N  NE2 . GLN A 1 141 ? -11.067 -4.009  -11.183 1.00 24.53  ? 141 GLN A NE2 1 
ATOM   1116 N  N   . THR A 1 142 ? -8.359  -6.675  -6.882  1.00 6.41   ? 142 THR A N   1 
ATOM   1117 C  CA  . THR A 1 142 ? -7.052  -7.308  -6.666  1.00 1.00   ? 142 THR A CA  1 
ATOM   1118 C  C   . THR A 1 142 ? -7.186  -8.344  -5.610  1.00 12.56  ? 142 THR A C   1 
ATOM   1119 O  O   . THR A 1 142 ? -6.666  -8.221  -4.492  1.00 5.09   ? 142 THR A O   1 
ATOM   1120 C  CB  . THR A 1 142 ? -5.992  -6.332  -6.176  1.00 3.22   ? 142 THR A CB  1 
ATOM   1121 O  OG1 . THR A 1 142 ? -6.358  -5.670  -4.968  1.00 10.07  ? 142 THR A OG1 1 
ATOM   1122 C  CG2 . THR A 1 142 ? -5.732  -5.306  -7.274  1.00 3.62   ? 142 THR A CG2 1 
ATOM   1123 N  N   . PRO A 1 143 ? -7.893  -9.364  -5.998  1.00 14.33  ? 143 PRO A N   1 
ATOM   1124 C  CA  . PRO A 1 143 ? -8.154  -10.454 -5.073  1.00 17.80  ? 143 PRO A CA  1 
ATOM   1125 C  C   . PRO A 1 143 ? -6.934  -11.225 -4.471  1.00 9.16   ? 143 PRO A C   1 
ATOM   1126 O  O   . PRO A 1 143 ? -6.907  -11.615 -3.258  1.00 7.32   ? 143 PRO A O   1 
ATOM   1127 C  CB  . PRO A 1 143 ? -9.129  -11.372 -5.819  1.00 7.57   ? 143 PRO A CB  1 
ATOM   1128 C  CG  . PRO A 1 143 ? -8.962  -11.091 -7.327  1.00 8.89   ? 143 PRO A CG  1 
ATOM   1129 C  CD  . PRO A 1 143 ? -8.433  -9.661  -7.378  1.00 21.50  ? 143 PRO A CD  1 
ATOM   1130 N  N   . ASN A 1 144 ? -5.932  -11.561 -5.274  1.00 7.95   ? 144 ASN A N   1 
ATOM   1131 C  CA  . ASN A 1 144 ? -4.846  -12.337 -4.680  1.00 8.06   ? 144 ASN A CA  1 
ATOM   1132 C  C   . ASN A 1 144 ? -4.182  -11.559 -3.562  1.00 15.92  ? 144 ASN A C   1 
ATOM   1133 O  O   . ASN A 1 144 ? -3.876  -12.075 -2.512  1.00 10.66  ? 144 ASN A O   1 
ATOM   1134 C  CB  . ASN A 1 144 ? -3.744  -12.690 -5.707  1.00 13.86  ? 144 ASN A CB  1 
ATOM   1135 C  CG  . ASN A 1 144 ? -4.207  -13.560 -6.885  1.00 89.47  ? 144 ASN A CG  1 
ATOM   1136 O  OD1 . ASN A 1 144 ? -5.169  -14.300 -6.768  1.00 31.27  ? 144 ASN A OD1 1 
ATOM   1137 N  ND2 . ASN A 1 144 ? -3.530  -13.553 -8.042  1.00 21.56  ? 144 ASN A ND2 1 
ATOM   1138 N  N   . ARG A 1 145 ? -3.918  -10.283 -3.865  1.00 7.85   ? 145 ARG A N   1 
ATOM   1139 C  CA  . ARG A 1 145 ? -3.294  -9.409  -2.897  1.00 1.00   ? 145 ARG A CA  1 
ATOM   1140 C  C   . ARG A 1 145 ? -4.193  -9.164  -1.663  1.00 9.97   ? 145 ARG A C   1 
ATOM   1141 O  O   . ARG A 1 145 ? -3.755  -9.257  -0.491  1.00 10.90  ? 145 ARG A O   1 
ATOM   1142 C  CB  . ARG A 1 145 ? -2.942  -8.025  -3.448  1.00 14.94  ? 145 ARG A CB  1 
ATOM   1143 C  CG  . ARG A 1 145 ? -1.876  -7.321  -2.537  1.00 15.12  ? 145 ARG A CG  1 
ATOM   1144 C  CD  . ARG A 1 145 ? -1.790  -5.851  -2.825  1.00 17.58  ? 145 ARG A CD  1 
ATOM   1145 N  NE  . ARG A 1 145 ? -1.025  -5.056  -1.860  1.00 19.08  ? 145 ARG A NE  1 
ATOM   1146 C  CZ  . ARG A 1 145 ? -0.399  -4.009  -2.334  1.00 17.56  ? 145 ARG A CZ  1 
ATOM   1147 N  NH1 . ARG A 1 145 ? -0.439  -3.743  -3.626  1.00 16.50  ? 145 ARG A NH1 1 
ATOM   1148 N  NH2 . ARG A 1 145 ? 0.258   -3.194  -1.551  1.00 9.29   ? 145 ARG A NH2 1 
ATOM   1149 N  N   . ALA A 1 146 ? -5.452  -8.766  -1.927  1.00 10.58  ? 146 ALA A N   1 
ATOM   1150 C  CA  . ALA A 1 146 ? -6.398  -8.497  -0.824  1.00 10.76  ? 146 ALA A CA  1 
ATOM   1151 C  C   . ALA A 1 146 ? -6.438  -9.717  0.079   1.00 11.07  ? 146 ALA A C   1 
ATOM   1152 O  O   . ALA A 1 146 ? -6.502  -9.616  1.310   1.00 11.46  ? 146 ALA A O   1 
ATOM   1153 C  CB  . ALA A 1 146 ? -7.789  -8.167  -1.358  1.00 9.24   ? 146 ALA A CB  1 
ATOM   1154 N  N   . LYS A 1 147 ? -6.386  -10.897 -0.576  1.00 6.76   ? 147 LYS A N   1 
ATOM   1155 C  CA  . LYS A 1 147 ? -6.428  -12.138 0.185   1.00 11.01  ? 147 LYS A CA  1 
ATOM   1156 C  C   . LYS A 1 147 ? -5.327  -12.241 1.197   1.00 11.78  ? 147 LYS A C   1 
ATOM   1157 O  O   . LYS A 1 147 ? -5.597  -12.649 2.336   1.00 12.27  ? 147 LYS A O   1 
ATOM   1158 C  CB  . LYS A 1 147 ? -6.521  -13.430 -0.622  1.00 13.45  ? 147 LYS A CB  1 
ATOM   1159 C  CG  . LYS A 1 147 ? -7.880  -13.564 -1.293  1.00 40.24  ? 147 LYS A CG  1 
ATOM   1160 C  CD  . LYS A 1 147 ? -8.052  -14.849 -2.085  1.00 44.84  ? 147 LYS A CD  1 
ATOM   1161 C  CE  . LYS A 1 147 ? -8.681  -14.619 -3.460  1.00 100.00 ? 147 LYS A CE  1 
ATOM   1162 N  NZ  . LYS A 1 147 ? -7.735  -14.714 -4.596  1.00 100.00 ? 147 LYS A NZ  1 
ATOM   1163 N  N   . ARG A 1 148 ? -4.135  -11.869 0.761   1.00 10.33  ? 148 ARG A N   1 
ATOM   1164 C  CA  . ARG A 1 148 ? -2.968  -11.914 1.634   1.00 6.01   ? 148 ARG A CA  1 
ATOM   1165 C  C   . ARG A 1 148 ? -3.080  -10.978 2.816   1.00 7.95   ? 148 ARG A C   1 
ATOM   1166 O  O   . ARG A 1 148 ? -2.789  -11.339 3.970   1.00 8.93   ? 148 ARG A O   1 
ATOM   1167 C  CB  . ARG A 1 148 ? -1.665  -11.702 0.856   1.00 7.34   ? 148 ARG A CB  1 
ATOM   1168 C  CG  . ARG A 1 148 ? -1.303  -12.964 0.079   1.00 9.12   ? 148 ARG A CG  1 
ATOM   1169 C  CD  . ARG A 1 148 ? 0.081   -12.891 -0.526  1.00 10.60  ? 148 ARG A CD  1 
ATOM   1170 N  NE  . ARG A 1 148 ? 0.300   -11.758 -1.423  1.00 15.30  ? 148 ARG A NE  1 
ATOM   1171 C  CZ  . ARG A 1 148 ? 0.069   -11.750 -2.751  1.00 19.60  ? 148 ARG A CZ  1 
ATOM   1172 N  NH1 . ARG A 1 148 ? -0.509  -12.769 -3.431  1.00 16.39  ? 148 ARG A NH1 1 
ATOM   1173 N  NH2 . ARG A 1 148 ? 0.350   -10.639 -3.416  1.00 19.46  ? 148 ARG A NH2 1 
ATOM   1174 N  N   . VAL A 1 149 ? -3.511  -9.775  2.494   1.00 1.75   ? 149 VAL A N   1 
ATOM   1175 C  CA  . VAL A 1 149 ? -3.632  -8.775  3.550   1.00 2.05   ? 149 VAL A CA  1 
ATOM   1176 C  C   . VAL A 1 149 ? -4.693  -9.162  4.559   1.00 8.03   ? 149 VAL A C   1 
ATOM   1177 O  O   . VAL A 1 149 ? -4.512  -9.050  5.790   1.00 10.29  ? 149 VAL A O   1 
ATOM   1178 C  CB  . VAL A 1 149 ? -3.915  -7.382  2.948   1.00 9.68   ? 149 VAL A CB  1 
ATOM   1179 C  CG1 . VAL A 1 149 ? -4.190  -6.316  4.033   1.00 3.92   ? 149 VAL A CG1 1 
ATOM   1180 C  CG2 . VAL A 1 149 ? -2.681  -6.970  2.156   1.00 3.95   ? 149 VAL A CG2 1 
ATOM   1181 N  N   . ILE A 1 150 ? -5.844  -9.653  3.993   1.00 6.39   ? 150 ILE A N   1 
ATOM   1182 C  CA  . ILE A 1 150 ? -6.957  -10.042 4.876   1.00 2.24   ? 150 ILE A CA  1 
ATOM   1183 C  C   . ILE A 1 150 ? -6.579  -11.151 5.823   1.00 17.06  ? 150 ILE A C   1 
ATOM   1184 O  O   . ILE A 1 150 ? -7.000  -11.199 7.007   1.00 12.13  ? 150 ILE A O   1 
ATOM   1185 C  CB  . ILE A 1 150 ? -8.237  -10.371 4.071   1.00 11.15  ? 150 ILE A CB  1 
ATOM   1186 C  CG1 . ILE A 1 150 ? -8.770  -9.036  3.543   1.00 4.82   ? 150 ILE A CG1 1 
ATOM   1187 C  CG2 . ILE A 1 150 ? -9.256  -11.017 5.006   1.00 18.84  ? 150 ILE A CG2 1 
ATOM   1188 C  CD1 . ILE A 1 150 ? -9.767  -9.208  2.424   1.00 11.83  ? 150 ILE A CD1 1 
ATOM   1189 N  N   . THR A 1 151 ? -5.807  -12.068 5.261   1.00 8.79   ? 151 THR A N   1 
ATOM   1190 C  CA  . THR A 1 151 ? -5.388  -13.165 6.099   1.00 19.26  ? 151 THR A CA  1 
ATOM   1191 C  C   . THR A 1 151 ? -4.489  -12.687 7.160   1.00 9.14   ? 151 THR A C   1 
ATOM   1192 O  O   . THR A 1 151 ? -4.404  -13.265 8.235   1.00 12.44  ? 151 THR A O   1 
ATOM   1193 C  CB  . THR A 1 151 ? -4.534  -14.158 5.324   1.00 28.79  ? 151 THR A CB  1 
ATOM   1194 O  OG1 . THR A 1 151 ? -5.367  -14.743 4.363   1.00 29.91  ? 151 THR A OG1 1 
ATOM   1195 C  CG2 . THR A 1 151 ? -4.001  -15.224 6.280   1.00 20.58  ? 151 THR A CG2 1 
ATOM   1196 N  N   . THR A 1 152 ? -3.783  -11.654 6.776   1.00 7.65   ? 152 THR A N   1 
ATOM   1197 C  CA  . THR A 1 152 ? -2.843  -11.110 7.693   1.00 21.17  ? 152 THR A CA  1 
ATOM   1198 C  C   . THR A 1 152 ? -3.642  -10.485 8.834   1.00 14.94  ? 152 THR A C   1 
ATOM   1199 O  O   . THR A 1 152 ? -3.384  -10.736 10.015  1.00 11.30  ? 152 THR A O   1 
ATOM   1200 C  CB  . THR A 1 152 ? -1.771  -10.246 6.977   1.00 12.04  ? 152 THR A CB  1 
ATOM   1201 O  OG1 . THR A 1 152 ? -1.195  -11.019 5.953   1.00 9.88   ? 152 THR A OG1 1 
ATOM   1202 C  CG2 . THR A 1 152 ? -0.659  -9.786  7.911   1.00 4.24   ? 152 THR A CG2 1 
ATOM   1203 N  N   . PHE A 1 153 ? -4.671  -9.730  8.490   1.00 7.93   ? 153 PHE A N   1 
ATOM   1204 C  CA  . PHE A 1 153 ? -5.500  -9.160  9.581   1.00 17.28  ? 153 PHE A CA  1 
ATOM   1205 C  C   . PHE A 1 153 ? -6.184  -10.229 10.477  1.00 18.85  ? 153 PHE A C   1 
ATOM   1206 O  O   . PHE A 1 153 ? -6.277  -10.186 11.714  1.00 11.86  ? 153 PHE A O   1 
ATOM   1207 C  CB  . PHE A 1 153 ? -6.589  -8.295  8.945   1.00 4.95   ? 153 PHE A CB  1 
ATOM   1208 C  CG  . PHE A 1 153 ? -6.185  -6.898  8.483   1.00 12.26  ? 153 PHE A CG  1 
ATOM   1209 C  CD1 . PHE A 1 153 ? -6.342  -6.517  7.151   1.00 28.30  ? 153 PHE A CD1 1 
ATOM   1210 C  CD2 . PHE A 1 153 ? -5.650  -5.953  9.370   1.00 21.62  ? 153 PHE A CD2 1 
ATOM   1211 C  CE1 . PHE A 1 153 ? -6.014  -5.216  6.747   1.00 26.71  ? 153 PHE A CE1 1 
ATOM   1212 C  CE2 . PHE A 1 153 ? -5.291  -4.653  8.972   1.00 19.33  ? 153 PHE A CE2 1 
ATOM   1213 C  CZ  . PHE A 1 153 ? -5.496  -4.276  7.642   1.00 11.85  ? 153 PHE A CZ  1 
ATOM   1214 N  N   . ARG A 1 154 ? -6.694  -11.234 9.785   1.00 13.85  ? 154 ARG A N   1 
ATOM   1215 C  CA  . ARG A 1 154 ? -7.412  -12.277 10.442  1.00 21.30  ? 154 ARG A CA  1 
ATOM   1216 C  C   . ARG A 1 154 ? -6.615  -13.064 11.435  1.00 18.67  ? 154 ARG A C   1 
ATOM   1217 O  O   . ARG A 1 154 ? -7.117  -13.442 12.500  1.00 16.45  ? 154 ARG A O   1 
ATOM   1218 C  CB  . ARG A 1 154 ? -7.942  -13.243 9.403   1.00 26.53  ? 154 ARG A CB  1 
ATOM   1219 C  CG  . ARG A 1 154 ? -9.047  -14.151 9.948   1.00 16.73  ? 154 ARG A CG  1 
ATOM   1220 C  CD  . ARG A 1 154 ? -9.524  -15.154 8.887   1.00 17.36  ? 154 ARG A CD  1 
ATOM   1221 N  NE  . ARG A 1 154 ? -10.906 -15.585 9.162   1.00 100.00 ? 154 ARG A NE  1 
ATOM   1222 C  CZ  . ARG A 1 154 ? -11.959 -15.598 8.311   1.00 100.00 ? 154 ARG A CZ  1 
ATOM   1223 N  NH1 . ARG A 1 154 ? -11.879 -15.201 7.022   1.00 100.00 ? 154 ARG A NH1 1 
ATOM   1224 N  NH2 . ARG A 1 154 ? -13.147 -16.024 8.777   1.00 100.00 ? 154 ARG A NH2 1 
ATOM   1225 N  N   . THR A 1 155 ? -5.383  -13.369 11.055  1.00 9.89   ? 155 THR A N   1 
ATOM   1226 C  CA  . THR A 1 155 ? -4.590  -14.247 11.914  1.00 17.52  ? 155 THR A CA  1 
ATOM   1227 C  C   . THR A 1 155 ? -3.525  -13.623 12.716  1.00 15.78  ? 155 THR A C   1 
ATOM   1228 O  O   . THR A 1 155 ? -3.036  -14.272 13.613  1.00 25.83  ? 155 THR A O   1 
ATOM   1229 C  CB  . THR A 1 155 ? -3.841  -15.344 11.145  1.00 14.00  ? 155 THR A CB  1 
ATOM   1230 O  OG1 . THR A 1 155 ? -2.901  -14.773 10.213  1.00 16.67  ? 155 THR A OG1 1 
ATOM   1231 C  CG2 . THR A 1 155 ? -4.850  -16.182 10.419  1.00 15.92  ? 155 THR A CG2 1 
ATOM   1232 N  N   . GLY A 1 156 ? -3.063  -12.459 12.340  1.00 16.21  ? 156 GLY A N   1 
ATOM   1233 C  CA  . GLY A 1 156 ? -1.918  -11.922 13.016  1.00 6.78   ? 156 GLY A CA  1 
ATOM   1234 C  C   . GLY A 1 156 ? -0.605  -12.748 12.752  1.00 17.93  ? 156 GLY A C   1 
ATOM   1235 O  O   . GLY A 1 156 ? 0.343   -12.728 13.540  1.00 20.40  ? 156 GLY A O   1 
ATOM   1236 N  N   . THR A 1 157 ? -0.453  -13.498 11.655  1.00 8.56   ? 157 THR A N   1 
ATOM   1237 C  CA  . THR A 1 157 ? 0.806   -14.230 11.455  1.00 10.62  ? 157 THR A CA  1 
ATOM   1238 C  C   . THR A 1 157 ? 1.248   -13.913 10.048  1.00 15.36  ? 157 THR A C   1 
ATOM   1239 O  O   . THR A 1 157 ? 0.476   -13.288 9.333   1.00 7.56   ? 157 THR A O   1 
ATOM   1240 C  CB  . THR A 1 157 ? 0.528   -15.740 11.467  1.00 19.03  ? 157 THR A CB  1 
ATOM   1241 O  OG1 . THR A 1 157 ? -0.163  -16.066 10.297  1.00 14.27  ? 157 THR A OG1 1 
ATOM   1242 C  CG2 . THR A 1 157 ? -0.303  -16.166 12.668  1.00 28.23  ? 157 THR A CG2 1 
ATOM   1243 N  N   . TRP A 1 158 ? 2.412   -14.374 9.624   1.00 9.25   ? 158 TRP A N   1 
ATOM   1244 C  CA  . TRP A 1 158 ? 2.833   -14.126 8.259   1.00 1.00   ? 158 TRP A CA  1 
ATOM   1245 C  C   . TRP A 1 158 ? 2.506   -15.282 7.299   1.00 24.67  ? 158 TRP A C   1 
ATOM   1246 O  O   . TRP A 1 158 ? 3.019   -15.385 6.211   1.00 10.34  ? 158 TRP A O   1 
ATOM   1247 C  CB  . TRP A 1 158 ? 4.361   -13.906 8.238   1.00 8.01   ? 158 TRP A CB  1 
ATOM   1248 C  CG  . TRP A 1 158 ? 4.740   -12.590 8.839   1.00 7.69   ? 158 TRP A CG  1 
ATOM   1249 C  CD1 . TRP A 1 158 ? 5.339   -12.447 10.037  1.00 9.61   ? 158 TRP A CD1 1 
ATOM   1250 C  CD2 . TRP A 1 158 ? 4.524   -11.227 8.353   1.00 12.98  ? 158 TRP A CD2 1 
ATOM   1251 N  NE1 . TRP A 1 158 ? 5.539   -11.118 10.297  1.00 16.06  ? 158 TRP A NE1 1 
ATOM   1252 C  CE2 . TRP A 1 158 ? 5.055   -10.341 9.306   1.00 12.36  ? 158 TRP A CE2 1 
ATOM   1253 C  CE3 . TRP A 1 158 ? 3.932   -10.667 7.241   1.00 15.70  ? 158 TRP A CE3 1 
ATOM   1254 C  CZ2 . TRP A 1 158 ? 5.029   -8.926  9.192   1.00 14.81  ? 158 TRP A CZ2 1 
ATOM   1255 C  CZ3 . TRP A 1 158 ? 3.917   -9.275  7.100   1.00 19.33  ? 158 TRP A CZ3 1 
ATOM   1256 C  CH2 . TRP A 1 158 ? 4.433   -8.402  8.068   1.00 15.10  ? 158 TRP A CH2 1 
ATOM   1257 N  N   . ASP A 1 159 ? 1.640   -16.188 7.659   1.00 14.70  ? 159 ASP A N   1 
ATOM   1258 C  CA  . ASP A 1 159 ? 1.405   -17.310 6.755   1.00 5.72   ? 159 ASP A CA  1 
ATOM   1259 C  C   . ASP A 1 159 ? 1.085   -17.067 5.317   1.00 19.71  ? 159 ASP A C   1 
ATOM   1260 O  O   . ASP A 1 159 ? 1.473   -17.902 4.522   1.00 18.69  ? 159 ASP A O   1 
ATOM   1261 C  CB  . ASP A 1 159 ? 0.508   -18.436 7.318   1.00 11.15  ? 159 ASP A CB  1 
ATOM   1262 C  CG  . ASP A 1 159 ? 0.635   -18.685 8.819   1.00 58.76  ? 159 ASP A CG  1 
ATOM   1263 O  OD1 . ASP A 1 159 ? 1.684   -18.976 9.392   1.00 31.91  ? 159 ASP A OD1 1 
ATOM   1264 O  OD2 . ASP A 1 159 ? -0.525  -18.600 9.442   1.00 69.63  ? 159 ASP A OD2 1 
ATOM   1265 N  N   . ALA A 1 160 ? 0.376   -15.985 5.000   1.00 13.05  ? 160 ALA A N   1 
ATOM   1266 C  CA  . ALA A 1 160 ? -0.059  -15.679 3.652   1.00 12.69  ? 160 ALA A CA  1 
ATOM   1267 C  C   . ALA A 1 160 ? 1.150   -15.316 2.827   1.00 20.29  ? 160 ALA A C   1 
ATOM   1268 O  O   . ALA A 1 160 ? 1.213   -15.321 1.607   1.00 19.81  ? 160 ALA A O   1 
ATOM   1269 C  CB  . ALA A 1 160 ? -1.109  -14.541 3.707   1.00 15.54  ? 160 ALA A CB  1 
ATOM   1270 N  N   . TYR A 1 161 ? 2.180   -14.971 3.534   1.00 13.14  ? 161 TYR A N   1 
ATOM   1271 C  CA  . TYR A 1 161 ? 3.287   -14.580 2.782   1.00 7.00   ? 161 TYR A CA  1 
ATOM   1272 C  C   . TYR A 1 161 ? 4.333   -15.641 2.870   1.00 34.26  ? 161 TYR A C   1 
ATOM   1273 O  O   . TYR A 1 161 ? 5.432   -15.385 2.442   1.00 23.60  ? 161 TYR A O   1 
ATOM   1274 C  CB  . TYR A 1 161 ? 3.793   -13.256 3.323   1.00 9.51   ? 161 TYR A CB  1 
ATOM   1275 C  CG  . TYR A 1 161 ? 2.904   -12.124 2.855   1.00 10.19  ? 161 TYR A CG  1 
ATOM   1276 C  CD1 . TYR A 1 161 ? 1.762   -11.837 3.592   1.00 6.24   ? 161 TYR A CD1 1 
ATOM   1277 C  CD2 . TYR A 1 161 ? 3.181   -11.336 1.728   1.00 4.17   ? 161 TYR A CD2 1 
ATOM   1278 C  CE1 . TYR A 1 161 ? 0.903   -10.803 3.213   1.00 13.76  ? 161 TYR A CE1 1 
ATOM   1279 C  CE2 . TYR A 1 161 ? 2.382   -10.238 1.391   1.00 9.03   ? 161 TYR A CE2 1 
ATOM   1280 C  CZ  . TYR A 1 161 ? 1.223   -9.980  2.132   1.00 15.96  ? 161 TYR A CZ  1 
ATOM   1281 O  OH  . TYR A 1 161 ? 0.390   -8.921  1.830   1.00 8.33   ? 161 TYR A OH  1 
ATOM   1282 N  N   . LYS A 1 162 ? 3.928   -16.810 3.396   1.00 51.35  ? 162 LYS A N   1 
ATOM   1283 C  CA  . LYS A 1 162 ? 4.723   -18.025 3.559   1.00 37.78  ? 162 LYS A CA  1 
ATOM   1284 C  C   . LYS A 1 162 ? 6.043   -17.798 4.277   1.00 100.00 ? 162 LYS A C   1 
ATOM   1285 O  O   . LYS A 1 162 ? 6.068   -17.332 5.428   1.00 100.00 ? 162 LYS A O   1 
ATOM   1286 C  CB  . LYS A 1 162 ? 4.773   -18.917 2.317   1.00 34.71  ? 162 LYS A CB  1 
ATOM   1287 C  CG  . LYS A 1 162 ? 6.120   -18.910 1.614   1.00 32.42  ? 162 LYS A CG  1 
ATOM   1288 C  CD  . LYS A 1 162 ? 6.020   -19.423 0.175   1.00 75.76  ? 162 LYS A CD  1 
ATOM   1289 C  CE  . LYS A 1 162 ? 6.599   -18.472 -0.881  1.00 57.78  ? 162 LYS A CE  1 
ATOM   1290 N  NZ  . LYS A 1 162 ? 5.580   -17.702 -1.628  1.00 100.00 ? 162 LYS A NZ  1 
HETATM 1291 CL CL  . CL  B 2 .   ? -4.185  -9.322  -6.825  1.00 53.75  ? 173 CL  A CL  1 
HETATM 1292 CL CL  . CL  C 2 .   ? 11.134  12.133  -3.992  1.00 42.89  ? 178 CL  A CL  1 
HETATM 1293 C  C1  . LYL D 3 .   ? -6.526  -0.021  9.094   1.00 45.79  ? 407 LYL A C1  1 
HETATM 1294 C  C2  . LYL D 3 .   ? -5.787  0.806   8.254   1.00 59.38  ? 407 LYL A C2  1 
HETATM 1295 C  C3  . LYL D 3 .   ? -6.497  0.155   10.478  1.00 38.74  ? 407 LYL A C3  1 
HETATM 1296 C  C4  . LYL D 3 .   ? -7.323  -1.147  8.481   1.00 33.94  ? 407 LYL A C4  1 
HETATM 1297 C  C5  . LYL D 3 .   ? -4.999  1.822   8.814   1.00 35.58  ? 407 LYL A C5  1 
HETATM 1298 C  C15 . LYL D 3 .   ? -4.161  2.794   8.021   1.00 0.00   ? 407 LYL A C15 1 
HETATM 1299 O  O6  . LYL D 3 .   ? -5.885  0.531   6.907   1.00 47.55  ? 407 LYL A O6  1 
HETATM 1300 C  C7  . LYL D 3 .   ? -5.709  1.170   11.031  1.00 34.37  ? 407 LYL A C7  1 
HETATM 1301 C  C8  . LYL D 3 .   ? -4.981  2.011   10.192  1.00 26.99  ? 407 LYL A C8  1 
HETATM 1302 C  C13 . LYL D 3 .   ? -8.433  -0.601  7.609   1.00 0.00   ? 407 LYL A C13 1 
HETATM 1303 C  C14 . LYL D 3 .   ? -9.209  -1.451  6.912   1.00 28.95  ? 407 LYL A C14 1 
HETATM 1304 C  C1  . BME E 4 .   ? 8.218   8.017   10.571  1.00 51.42  ? 169 BME A C1  1 
HETATM 1305 C  C2  . BME E 4 .   ? 7.226   6.909   10.203  1.00 80.59  ? 169 BME A C2  1 
HETATM 1306 O  O1  . BME E 4 .   ? 9.381   7.888   9.782   1.00 64.24  ? 169 BME A O1  1 
HETATM 1307 S  S2  . BME E 4 .   ? 5.897   6.793   11.422  1.00 82.54  ? 169 BME A S2  1 
HETATM 1308 C  C1  . BME F 4 .   ? 7.065   -0.839  11.505  1.00 25.27  ? 170 BME A C1  1 
HETATM 1309 C  C2  . BME F 4 .   ? 7.287   0.352   10.576  1.00 64.01  ? 170 BME A C2  1 
HETATM 1310 O  O1  . BME F 4 .   ? 5.975   -1.604  11.010  1.00 37.90  ? 170 BME A O1  1 
HETATM 1311 S  S2  . BME F 4 .   ? 7.858   1.768   11.517  1.00 66.04  ? 170 BME A S2  1 
HETATM 1312 O  O   . HOH G 5 .   ? 7.797   3.109   -3.673  1.00 11.37  ? 171 HOH A O   1 
HETATM 1313 O  O   . HOH G 5 .   ? -8.246  -7.061  -11.991 1.00 10.25  ? 174 HOH A O   1 
HETATM 1314 O  O   . HOH G 5 .   ? -0.367  -13.606 6.416   1.00 15.60  ? 175 HOH A O   1 
HETATM 1315 O  O   . HOH G 5 .   ? 11.782  10.753  -16.886 1.00 17.63  ? 176 HOH A O   1 
HETATM 1316 O  O   . HOH G 5 .   ? 14.749  11.549  1.148   1.00 18.17  ? 177 HOH A O   1 
HETATM 1317 O  O   . HOH G 5 .   ? 9.946   2.616   -5.484  1.00 4.93   ? 179 HOH A O   1 
HETATM 1318 O  O   . HOH G 5 .   ? -4.128  -14.520 -2.371  1.00 21.83  ? 180 HOH A O   1 
HETATM 1319 O  O   . HOH G 5 .   ? 0.755   -3.633  19.681  1.00 23.12  ? 181 HOH A O   1 
HETATM 1320 O  O   . HOH G 5 .   ? 8.261   9.292   -1.973  1.00 24.61  ? 182 HOH A O   1 
HETATM 1321 O  O   . HOH G 5 .   ? 14.311  12.011  -2.522  1.00 26.92  ? 183 HOH A O   1 
HETATM 1322 O  O   . HOH G 5 .   ? 11.339  9.297   5.069   1.00 31.15  ? 185 HOH A O   1 
HETATM 1323 O  O   . HOH G 5 .   ? 13.752  0.127   0.709   1.00 33.48  ? 186 HOH A O   1 
HETATM 1324 O  O   . HOH G 5 .   ? 12.847  -10.702 8.400   1.00 37.23  ? 187 HOH A O   1 
HETATM 1325 O  O   . HOH G 5 .   ? -15.174 -10.284 -8.790  1.00 44.37  ? 188 HOH A O   1 
HETATM 1326 O  O   . HOH G 5 .   ? -1.326  7.582   -15.145 1.00 25.08  ? 190 HOH A O   1 
HETATM 1327 O  O   . HOH G 5 .   ? -5.790  2.612   20.400  1.00 19.20  ? 193 HOH A O   1 
HETATM 1328 O  O   . HOH G 5 .   ? 7.787   -4.138  9.860   1.00 17.66  ? 195 HOH A O   1 
HETATM 1329 O  O   . HOH G 5 .   ? 17.702  6.906   -16.363 1.00 37.18  ? 196 HOH A O   1 
HETATM 1330 O  O   . HOH G 5 .   ? 5.980   18.172  -13.325 1.00 22.62  ? 198 HOH A O   1 
HETATM 1331 O  O   . HOH G 5 .   ? 5.505   -3.101  13.196  1.00 28.26  ? 199 HOH A O   1 
HETATM 1332 O  O   . HOH G 5 .   ? 5.927   10.937  -7.139  1.00 28.11  ? 200 HOH A O   1 
HETATM 1333 O  O   . HOH G 5 .   ? 8.476   10.319  3.261   1.00 26.78  ? 201 HOH A O   1 
HETATM 1334 O  O   . HOH G 5 .   ? 0.382   2.719   -8.432  1.00 24.71  ? 203 HOH A O   1 
HETATM 1335 O  O   . HOH G 5 .   ? 1.253   -0.364  -7.987  1.00 28.89  ? 204 HOH A O   1 
HETATM 1336 O  O   . HOH G 5 .   ? -1.696  -5.318  -6.014  1.00 25.70  ? 207 HOH A O   1 
HETATM 1337 O  O   . HOH G 5 .   ? -3.237  -3.776  0.411   1.00 9.42   ? 208 HOH A O   1 
HETATM 1338 O  O   . HOH G 5 .   ? 0.513   -11.112 15.849  1.00 33.55  ? 210 HOH A O   1 
HETATM 1339 O  O   . HOH G 5 .   ? -0.897  -15.216 -2.692  1.00 24.52  ? 211 HOH A O   1 
HETATM 1340 O  O   . HOH G 5 .   ? -7.153  -4.116  17.377  1.00 9.84   ? 213 HOH A O   1 
HETATM 1341 O  O   . HOH G 5 .   ? -9.891  -15.003 14.107  1.00 43.76  ? 217 HOH A O   1 
HETATM 1342 O  O   . HOH G 5 .   ? -18.732 -9.412  9.275   1.00 37.80  ? 218 HOH A O   1 
HETATM 1343 O  O   . HOH G 5 .   ? -19.880 -7.717  7.051   1.00 20.09  ? 219 HOH A O   1 
HETATM 1344 O  O   . HOH G 5 .   ? -16.390 -10.730 -1.365  1.00 48.59  ? 220 HOH A O   1 
HETATM 1345 O  O   . HOH G 5 .   ? 13.162  -8.458  9.449   1.00 34.34  ? 223 HOH A O   1 
HETATM 1346 O  O   . HOH G 5 .   ? 1.881   5.828   17.825  1.00 30.22  ? 226 HOH A O   1 
HETATM 1347 O  O   . HOH G 5 .   ? 3.011   -2.285  -8.291  1.00 28.80  ? 229 HOH A O   1 
HETATM 1348 O  O   . HOH G 5 .   ? 3.885   -15.660 11.171  1.00 33.77  ? 231 HOH A O   1 
HETATM 1349 O  O   . HOH G 5 .   ? -13.185 -13.696 15.031  1.00 34.02  ? 235 HOH A O   1 
HETATM 1350 O  O   . HOH G 5 .   ? -7.191  -15.119 14.798  1.00 27.27  ? 238 HOH A O   1 
HETATM 1351 O  O   . HOH G 5 .   ? 14.594  10.845  -4.452  1.00 32.04  ? 239 HOH A O   1 
HETATM 1352 O  O   . HOH G 5 .   ? 18.703  3.251   -2.039  1.00 26.67  ? 240 HOH A O   1 
HETATM 1353 O  O   . HOH G 5 .   ? -16.991 -11.786 2.476   1.00 44.27  ? 251 HOH A O   1 
HETATM 1354 O  O   . HOH G 5 .   ? 0.071   -0.037  -4.839  1.00 36.79  ? 256 HOH A O   1 
HETATM 1355 O  O   . HOH G 5 .   ? 0.953   2.270   -5.259  1.00 35.45  ? 265 HOH A O   1 
HETATM 1356 O  O   . HOH G 5 .   ? -8.321  12.640  10.853  1.00 51.61  ? 268 HOH A O   1 
HETATM 1357 O  O   . HOH G 5 .   ? 0.053   -3.598  -13.495 1.00 44.49  ? 269 HOH A O   1 
HETATM 1358 O  O   . HOH G 5 .   ? -13.036 -0.872  -2.004  1.00 14.78  ? 270 HOH A O   1 
HETATM 1359 O  O   . HOH G 5 .   ? 1.993   -3.060  -16.993 1.00 36.78  ? 271 HOH A O   1 
HETATM 1360 O  O   . HOH G 5 .   ? 2.590   -13.849 14.626  1.00 28.82  ? 273 HOH A O   1 
HETATM 1361 O  O   . HOH G 5 .   ? -5.365  -13.371 16.819  1.00 27.32  ? 277 HOH A O   1 
HETATM 1362 O  O   . HOH G 5 .   ? 13.693  12.724  -18.734 1.00 41.95  ? 278 HOH A O   1 
HETATM 1363 O  O   . HOH G 5 .   ? 2.974   9.319   -5.771  1.00 50.72  ? 280 HOH A O   1 
HETATM 1364 O  O   . HOH G 5 .   ? 3.818   11.895  -8.492  1.00 27.97  ? 281 HOH A O   1 
HETATM 1365 O  O   . HOH G 5 .   ? 7.986   11.900  -4.302  1.00 16.51  ? 282 HOH A O   1 
HETATM 1366 O  O   . HOH G 5 .   ? -5.328  -2.895  21.773  1.00 19.48  ? 291 HOH A O   1 
HETATM 1367 O  O   . HOH G 5 .   ? -15.039 -12.204 14.714  1.00 15.91  ? 293 HOH A O   1 
HETATM 1368 O  O   . HOH G 5 .   ? 9.528   -13.208 10.746  1.00 42.67  ? 296 HOH A O   1 
HETATM 1369 O  O   . HOH G 5 .   ? -10.811 -1.704  -13.979 1.00 47.72  ? 309 HOH A O   1 
HETATM 1370 O  O   . HOH G 5 .   ? -11.506 -13.019 17.376  1.00 37.35  ? 311 HOH A O   1 
HETATM 1371 O  O   . HOH G 5 .   ? 17.328  4.172   0.145   1.00 27.43  ? 320 HOH A O   1 
# 
loop_
_pdbx_poly_seq_scheme.asym_id 
_pdbx_poly_seq_scheme.entity_id 
_pdbx_poly_seq_scheme.seq_id 
_pdbx_poly_seq_scheme.mon_id 
_pdbx_poly_seq_scheme.ndb_seq_num 
_pdbx_poly_seq_scheme.pdb_seq_num 
_pdbx_poly_seq_scheme.auth_seq_num 
_pdbx_poly_seq_scheme.pdb_mon_id 
_pdbx_poly_seq_scheme.auth_mon_id 
_pdbx_poly_seq_scheme.pdb_strand_id 
_pdbx_poly_seq_scheme.pdb_ins_code 
_pdbx_poly_seq_scheme.hetero 
A 1 1   MET 1   1   1   MET MET A . n 
A 1 2   ASN 2   2   2   ASN ASN A . n 
A 1 3   ILE 3   3   3   ILE ILE A . n 
A 1 4   PHE 4   4   4   PHE PHE A . n 
A 1 5   GLU 5   5   5   GLU GLU A . n 
A 1 6   MET 6   6   6   MET MET A . n 
A 1 7   LEU 7   7   7   LEU LEU A . n 
A 1 8   ARG 8   8   8   ARG ARG A . n 
A 1 9   ILE 9   9   9   ILE ILE A . n 
A 1 10  ASP 10  10  10  ASP ASP A . n 
A 1 11  GLU 11  11  11  GLU GLU A . n 
A 1 12  GLY 12  12  12  GLY GLY A . n 
A 1 13  LEU 13  13  13  LEU LEU A . n 
A 1 14  ARG 14  14  14  ARG ARG A . n 
A 1 15  LEU 15  15  15  LEU LEU A . n 
A 1 16  LYS 16  16  16  LYS LYS A . n 
A 1 17  ILE 17  17  17  ILE ILE A . n 
A 1 18  TYR 18  18  18  TYR TYR A . n 
A 1 19  LYS 19  19  19  LYS LYS A . n 
A 1 20  ASP 20  20  20  ASP ASP A . n 
A 1 21  THR 21  21  21  THR THR A . n 
A 1 22  GLU 22  22  22  GLU GLU A . n 
A 1 23  GLY 23  23  23  GLY GLY A . n 
A 1 24  TYR 24  24  24  TYR TYR A . n 
A 1 25  TYR 25  25  25  TYR TYR A . n 
A 1 26  THR 26  26  26  THR THR A . n 
A 1 27  ILE 27  27  27  ILE ILE A . n 
A 1 28  GLY 28  28  28  GLY GLY A . n 
A 1 29  ILE 29  29  29  ILE ILE A . n 
A 1 30  GLY 30  30  30  GLY GLY A . n 
A 1 31  HIS 31  31  31  HIS HIS A . n 
A 1 32  LEU 32  32  32  LEU LEU A . n 
A 1 33  LEU 33  33  33  LEU LEU A . n 
A 1 34  THR 34  34  34  THR THR A . n 
A 1 35  LYS 35  35  35  LYS LYS A . n 
A 1 36  SER 36  36  36  SER SER A . n 
A 1 37  PRO 37  37  37  PRO PRO A . n 
A 1 38  SER 38  38  38  SER SER A . n 
A 1 39  LEU 39  39  39  LEU LEU A . n 
A 1 40  ASN 40  40  40  ASN ASN A . n 
A 1 41  ALA 41  41  41  ALA ALA A . n 
A 1 42  ALA 42  42  42  ALA ALA A . n 
A 1 43  LYS 43  43  43  LYS LYS A . n 
A 1 44  SER 44  44  44  SER SER A . n 
A 1 45  GLU 45  45  45  GLU GLU A . n 
A 1 46  LEU 46  46  46  LEU LEU A . n 
A 1 47  ASP 47  47  47  ASP ASP A . n 
A 1 48  LYS 48  48  48  LYS LYS A . n 
A 1 49  ALA 49  49  49  ALA ALA A . n 
A 1 50  ILE 50  50  50  ILE ILE A . n 
A 1 51  GLY 51  51  51  GLY GLY A . n 
A 1 52  ARG 52  52  52  ARG ARG A . n 
A 1 53  ASN 53  53  53  ASN ASN A . n 
A 1 54  CYS 54  54  54  CYS CYS A . n 
A 1 55  ASN 55  55  55  ASN ASN A . n 
A 1 56  GLY 56  56  56  GLY GLY A . n 
A 1 57  VAL 57  57  57  VAL VAL A . n 
A 1 58  ILE 58  58  58  ILE ILE A . n 
A 1 59  THR 59  59  59  THR THR A . n 
A 1 60  LYS 60  60  60  LYS LYS A . n 
A 1 61  ASP 61  61  61  ASP ASP A . n 
A 1 62  GLU 62  62  62  GLU GLU A . n 
A 1 63  ALA 63  63  63  ALA ALA A . n 
A 1 64  GLU 64  64  64  GLU GLU A . n 
A 1 65  LYS 65  65  65  LYS LYS A . n 
A 1 66  LEU 66  66  66  LEU LEU A . n 
A 1 67  PHE 67  67  67  PHE PHE A . n 
A 1 68  ASN 68  68  68  ASN ASN A . n 
A 1 69  GLN 69  69  69  GLN GLN A . n 
A 1 70  ASP 70  70  70  ASP ASP A . n 
A 1 71  VAL 71  71  71  VAL VAL A . n 
A 1 72  ASP 72  72  72  ASP ASP A . n 
A 1 73  ALA 73  73  73  ALA ALA A . n 
A 1 74  ALA 74  74  74  ALA ALA A . n 
A 1 75  VAL 75  75  75  VAL VAL A . n 
A 1 76  ARG 76  76  76  ARG ARG A . n 
A 1 77  GLY 77  77  77  GLY GLY A . n 
A 1 78  ILE 78  78  78  ILE ILE A . n 
A 1 79  LEU 79  79  79  LEU LEU A . n 
A 1 80  ARG 80  80  80  ARG ARG A . n 
A 1 81  ASN 81  81  81  ASN ASN A . n 
A 1 82  ALA 82  82  82  ALA ALA A . n 
A 1 83  LYS 83  83  83  LYS LYS A . n 
A 1 84  LEU 84  84  84  LEU LEU A . n 
A 1 85  LYS 85  85  85  LYS LYS A . n 
A 1 86  PRO 86  86  86  PRO PRO A . n 
A 1 87  VAL 87  87  87  VAL VAL A . n 
A 1 88  TYR 88  88  88  TYR TYR A . n 
A 1 89  ASP 89  89  89  ASP ASP A . n 
A 1 90  SER 90  90  90  SER SER A . n 
A 1 91  LEU 91  91  91  LEU LEU A . n 
A 1 92  ASP 92  92  92  ASP ASP A . n 
A 1 93  ALA 93  93  93  ALA ALA A . n 
A 1 94  VAL 94  94  94  VAL VAL A . n 
A 1 95  ARG 95  95  95  ARG ARG A . n 
A 1 96  ARG 96  96  96  ARG ARG A . n 
A 1 97  CYS 97  97  97  CYS CYS A . n 
A 1 98  ALA 98  98  98  ALA ALA A . n 
A 1 99  ALA 99  99  99  ALA ALA A . n 
A 1 100 ILE 100 100 100 ILE ILE A . n 
A 1 101 ASN 101 101 101 ASN ASN A . n 
A 1 102 GLN 102 102 102 GLN GLN A . n 
A 1 103 VAL 103 103 103 VAL VAL A . n 
A 1 104 PHE 104 104 104 PHE PHE A . n 
A 1 105 GLN 105 105 105 GLN GLN A . n 
A 1 106 MET 106 106 106 MET MET A . n 
A 1 107 GLY 107 107 107 GLY GLY A . n 
A 1 108 GLU 108 108 108 GLU GLU A . n 
A 1 109 THR 109 109 109 THR THR A . n 
A 1 110 GLY 110 110 110 GLY GLY A . n 
A 1 111 VAL 111 111 111 VAL VAL A . n 
A 1 112 ALA 112 112 112 ALA ALA A . n 
A 1 113 GLY 113 113 113 GLY GLY A . n 
A 1 114 PHE 114 114 114 PHE PHE A . n 
A 1 115 THR 115 115 115 THR THR A . n 
A 1 116 ASN 116 116 116 ASN ASN A . n 
A 1 117 SER 117 117 117 SER SER A . n 
A 1 118 LEU 118 118 118 LEU LEU A . n 
A 1 119 ARG 119 119 119 ARG ARG A . n 
A 1 120 MET 120 120 120 MET MET A . n 
A 1 121 LEU 121 121 121 LEU LEU A . n 
A 1 122 GLN 122 122 122 GLN GLN A . n 
A 1 123 GLN 123 123 123 GLN GLN A . n 
A 1 124 LYS 124 124 124 LYS LYS A . n 
A 1 125 ARG 125 125 125 ARG ARG A . n 
A 1 126 TRP 126 126 126 TRP TRP A . n 
A 1 127 ASP 127 127 127 ASP ASP A . n 
A 1 128 GLU 128 128 128 GLU GLU A . n 
A 1 129 ALA 129 129 129 ALA ALA A . n 
A 1 130 ALA 130 130 130 ALA ALA A . n 
A 1 131 VAL 131 131 131 VAL VAL A . n 
A 1 132 ASN 132 132 132 ASN ASN A . n 
A 1 133 LEU 133 133 133 LEU LEU A . n 
A 1 134 ALA 134 134 134 ALA ALA A . n 
A 1 135 LYS 135 135 135 LYS LYS A . n 
A 1 136 SER 136 136 136 SER SER A . n 
A 1 137 ARG 137 137 137 ARG ARG A . n 
A 1 138 TRP 138 138 138 TRP TRP A . n 
A 1 139 TYR 139 139 139 TYR TYR A . n 
A 1 140 ASN 140 140 140 ASN ASN A . n 
A 1 141 GLN 141 141 141 GLN GLN A . n 
A 1 142 THR 142 142 142 THR THR A . n 
A 1 143 PRO 143 143 143 PRO PRO A . n 
A 1 144 ASN 144 144 144 ASN ASN A . n 
A 1 145 ARG 145 145 145 ARG ARG A . n 
A 1 146 ALA 146 146 146 ALA ALA A . n 
A 1 147 LYS 147 147 147 LYS LYS A . n 
A 1 148 ARG 148 148 148 ARG ARG A . n 
A 1 149 VAL 149 149 149 VAL VAL A . n 
A 1 150 ILE 150 150 150 ILE ILE A . n 
A 1 151 THR 151 151 151 THR THR A . n 
A 1 152 THR 152 152 152 THR THR A . n 
A 1 153 PHE 153 153 153 PHE PHE A . n 
A 1 154 ARG 154 154 154 ARG ARG A . n 
A 1 155 THR 155 155 155 THR THR A . n 
A 1 156 GLY 156 156 156 GLY GLY A . n 
A 1 157 THR 157 157 157 THR THR A . n 
A 1 158 TRP 158 158 158 TRP TRP A . n 
A 1 159 ASP 159 159 159 ASP ASP A . n 
A 1 160 ALA 160 160 160 ALA ALA A . n 
A 1 161 TYR 161 161 161 TYR TYR A . n 
A 1 162 LYS 162 162 162 LYS LYS A . n 
A 1 163 ASN 163 163 ?   ?   ?   A . n 
A 1 164 LEU 164 164 ?   ?   ?   A . n 
# 
loop_
_pdbx_nonpoly_scheme.asym_id 
_pdbx_nonpoly_scheme.entity_id 
_pdbx_nonpoly_scheme.mon_id 
_pdbx_nonpoly_scheme.ndb_seq_num 
_pdbx_nonpoly_scheme.pdb_seq_num 
_pdbx_nonpoly_scheme.auth_seq_num 
_pdbx_nonpoly_scheme.pdb_mon_id 
_pdbx_nonpoly_scheme.auth_mon_id 
_pdbx_nonpoly_scheme.pdb_strand_id 
_pdbx_nonpoly_scheme.pdb_ins_code 
B 2 CL  1  173 173 CL  CL  A . 
C 2 CL  1  178 178 CL  CL  A . 
D 3 LYL 1  407 407 LYL LYL A . 
E 4 BME 1  169 169 BME BME A . 
F 4 BME 1  170 170 BME BME A . 
G 5 HOH 1  171 171 HOH HOH A . 
G 5 HOH 2  174 174 HOH HOH A . 
G 5 HOH 3  175 175 HOH HOH A . 
G 5 HOH 4  176 176 HOH HOH A . 
G 5 HOH 5  177 177 HOH HOH A . 
G 5 HOH 6  179 179 HOH HOH A . 
G 5 HOH 7  180 180 HOH HOH A . 
G 5 HOH 8  181 181 HOH HOH A . 
G 5 HOH 9  182 182 HOH HOH A . 
G 5 HOH 10 183 183 HOH HOH A . 
G 5 HOH 11 185 185 HOH HOH A . 
G 5 HOH 12 186 186 HOH HOH A . 
G 5 HOH 13 187 187 HOH HOH A . 
G 5 HOH 14 188 188 HOH HOH A . 
G 5 HOH 15 190 190 HOH HOH A . 
G 5 HOH 16 193 193 HOH HOH A . 
G 5 HOH 17 195 195 HOH HOH A . 
G 5 HOH 18 196 196 HOH HOH A . 
G 5 HOH 19 198 198 HOH HOH A . 
G 5 HOH 20 199 199 HOH HOH A . 
G 5 HOH 21 200 200 HOH HOH A . 
G 5 HOH 22 201 201 HOH HOH A . 
G 5 HOH 23 203 203 HOH HOH A . 
G 5 HOH 24 204 204 HOH HOH A . 
G 5 HOH 25 207 207 HOH HOH A . 
G 5 HOH 26 208 208 HOH HOH A . 
G 5 HOH 27 210 210 HOH HOH A . 
G 5 HOH 28 211 211 HOH HOH A . 
G 5 HOH 29 213 213 HOH HOH A . 
G 5 HOH 30 217 217 HOH HOH A . 
G 5 HOH 31 218 218 HOH HOH A . 
G 5 HOH 32 219 219 HOH HOH A . 
G 5 HOH 33 220 220 HOH HOH A . 
G 5 HOH 34 223 223 HOH HOH A . 
G 5 HOH 35 226 226 HOH HOH A . 
G 5 HOH 36 229 229 HOH HOH A . 
G 5 HOH 37 231 231 HOH HOH A . 
G 5 HOH 38 235 235 HOH HOH A . 
G 5 HOH 39 238 238 HOH HOH A . 
G 5 HOH 40 239 239 HOH HOH A . 
G 5 HOH 41 240 240 HOH HOH A . 
G 5 HOH 42 251 251 HOH HOH A . 
G 5 HOH 43 256 256 HOH HOH A . 
G 5 HOH 44 265 265 HOH HOH A . 
G 5 HOH 45 268 268 HOH HOH A . 
G 5 HOH 46 269 269 HOH HOH A . 
G 5 HOH 47 270 270 HOH HOH A . 
G 5 HOH 48 271 271 HOH HOH A . 
G 5 HOH 49 273 273 HOH HOH A . 
G 5 HOH 50 277 277 HOH HOH A . 
G 5 HOH 51 278 278 HOH HOH A . 
G 5 HOH 52 280 280 HOH HOH A . 
G 5 HOH 53 281 281 HOH HOH A . 
G 5 HOH 54 282 282 HOH HOH A . 
G 5 HOH 55 291 291 HOH HOH A . 
G 5 HOH 56 293 293 HOH HOH A . 
G 5 HOH 57 296 296 HOH HOH A . 
G 5 HOH 58 309 309 HOH HOH A . 
G 5 HOH 59 311 311 HOH HOH A . 
G 5 HOH 60 320 320 HOH HOH A . 
# 
_pdbx_struct_assembly.id                   1 
_pdbx_struct_assembly.details              author_defined_assembly 
_pdbx_struct_assembly.method_details       ? 
_pdbx_struct_assembly.oligomeric_details   monomeric 
_pdbx_struct_assembly.oligomeric_count     1 
# 
_pdbx_struct_assembly_gen.assembly_id       1 
_pdbx_struct_assembly_gen.oper_expression   1 
_pdbx_struct_assembly_gen.asym_id_list      A,B,C,D,E,F,G 
# 
_pdbx_struct_oper_list.id                   1 
_pdbx_struct_oper_list.type                 'identity operation' 
_pdbx_struct_oper_list.name                 1_555 
_pdbx_struct_oper_list.symmetry_operation   x,y,z 
_pdbx_struct_oper_list.matrix[1][1]         1.0000000000 
_pdbx_struct_oper_list.matrix[1][2]         0.0000000000 
_pdbx_struct_oper_list.matrix[1][3]         0.0000000000 
_pdbx_struct_oper_list.vector[1]            0.0000000000 
_pdbx_struct_oper_list.matrix[2][1]         0.0000000000 
_pdbx_struct_oper_list.matrix[2][2]         1.0000000000 
_pdbx_struct_oper_list.matrix[2][3]         0.0000000000 
_pdbx_struct_oper_list.vector[2]            0.0000000000 
_pdbx_struct_oper_list.matrix[3][1]         0.0000000000 
_pdbx_struct_oper_list.matrix[3][2]         0.0000000000 
_pdbx_struct_oper_list.matrix[3][3]         1.0000000000 
_pdbx_struct_oper_list.vector[3]            0.0000000000 
# 
loop_
_pdbx_audit_revision_history.ordinal 
_pdbx_audit_revision_history.data_content_type 
_pdbx_audit_revision_history.major_revision 
_pdbx_audit_revision_history.minor_revision 
_pdbx_audit_revision_history.revision_date 
1 'Structure model' 1 0 2004-04-06 
2 'Structure model' 1 1 2008-04-29 
3 'Structure model' 1 2 2011-07-13 
4 'Structure model' 1 3 2021-10-27 
5 'Structure model' 1 4 2023-08-16 
# 
_pdbx_audit_revision_details.ordinal             1 
_pdbx_audit_revision_details.revision_ordinal    1 
_pdbx_audit_revision_details.data_content_type   'Structure model' 
_pdbx_audit_revision_details.provider            repository 
_pdbx_audit_revision_details.type                'Initial release' 
_pdbx_audit_revision_details.description         ? 
_pdbx_audit_revision_details.details             ? 
# 
loop_
_pdbx_audit_revision_group.ordinal 
_pdbx_audit_revision_group.revision_ordinal 
_pdbx_audit_revision_group.data_content_type 
_pdbx_audit_revision_group.group 
1 2 'Structure model' 'Version format compliance' 
2 3 'Structure model' 'Version format compliance' 
3 4 'Structure model' 'Database references'       
4 4 'Structure model' 'Derived calculations'      
5 5 'Structure model' 'Data collection'           
6 5 'Structure model' 'Refinement description'    
# 
loop_
_pdbx_audit_revision_category.ordinal 
_pdbx_audit_revision_category.revision_ordinal 
_pdbx_audit_revision_category.data_content_type 
_pdbx_audit_revision_category.category 
1 4 'Structure model' database_2                    
2 4 'Structure model' struct_ref_seq_dif            
3 4 'Structure model' struct_site                   
4 5 'Structure model' chem_comp_atom                
5 5 'Structure model' chem_comp_bond                
6 5 'Structure model' pdbx_initial_refinement_model 
# 
loop_
_pdbx_audit_revision_item.ordinal 
_pdbx_audit_revision_item.revision_ordinal 
_pdbx_audit_revision_item.data_content_type 
_pdbx_audit_revision_item.item 
1 4 'Structure model' '_database_2.pdbx_DOI'                
2 4 'Structure model' '_database_2.pdbx_database_accession' 
3 4 'Structure model' '_struct_ref_seq_dif.details'         
4 4 'Structure model' '_struct_site.pdbx_auth_asym_id'      
5 4 'Structure model' '_struct_site.pdbx_auth_comp_id'      
6 4 'Structure model' '_struct_site.pdbx_auth_seq_id'       
# 
loop_
_software.name 
_software.classification 
_software.version 
_software.citation_id 
_software.pdbx_ordinal 
San  'data collection' 'Diego Multiwire' ? 1 
San  'data reduction'  'Diego Multiwire' ? 2 
TNT  refinement        .                 ? 3 
SDMS 'data reduction'  .                 ? 4 
SDMS 'data scaling'    .                 ? 5 
TNT  phasing           .                 ? 6 
# 
_pdbx_validate_rmsd_bond.id                        1 
_pdbx_validate_rmsd_bond.PDB_model_num             1 
_pdbx_validate_rmsd_bond.auth_atom_id_1            CD 
_pdbx_validate_rmsd_bond.auth_asym_id_1            A 
_pdbx_validate_rmsd_bond.auth_comp_id_1            GLU 
_pdbx_validate_rmsd_bond.auth_seq_id_1             62 
_pdbx_validate_rmsd_bond.PDB_ins_code_1            ? 
_pdbx_validate_rmsd_bond.label_alt_id_1            ? 
_pdbx_validate_rmsd_bond.auth_atom_id_2            OE2 
_pdbx_validate_rmsd_bond.auth_asym_id_2            A 
_pdbx_validate_rmsd_bond.auth_comp_id_2            GLU 
_pdbx_validate_rmsd_bond.auth_seq_id_2             62 
_pdbx_validate_rmsd_bond.PDB_ins_code_2            ? 
_pdbx_validate_rmsd_bond.label_alt_id_2            ? 
_pdbx_validate_rmsd_bond.bond_value                1.321 
_pdbx_validate_rmsd_bond.bond_target_value         1.252 
_pdbx_validate_rmsd_bond.bond_deviation            0.069 
_pdbx_validate_rmsd_bond.bond_standard_deviation   0.011 
_pdbx_validate_rmsd_bond.linker_flag               N 
# 
loop_
_pdbx_validate_rmsd_angle.id 
_pdbx_validate_rmsd_angle.PDB_model_num 
_pdbx_validate_rmsd_angle.auth_atom_id_1 
_pdbx_validate_rmsd_angle.auth_asym_id_1 
_pdbx_validate_rmsd_angle.auth_comp_id_1 
_pdbx_validate_rmsd_angle.auth_seq_id_1 
_pdbx_validate_rmsd_angle.PDB_ins_code_1 
_pdbx_validate_rmsd_angle.label_alt_id_1 
_pdbx_validate_rmsd_angle.auth_atom_id_2 
_pdbx_validate_rmsd_angle.auth_asym_id_2 
_pdbx_validate_rmsd_angle.auth_comp_id_2 
_pdbx_validate_rmsd_angle.auth_seq_id_2 
_pdbx_validate_rmsd_angle.PDB_ins_code_2 
_pdbx_validate_rmsd_angle.label_alt_id_2 
_pdbx_validate_rmsd_angle.auth_atom_id_3 
_pdbx_validate_rmsd_angle.auth_asym_id_3 
_pdbx_validate_rmsd_angle.auth_comp_id_3 
_pdbx_validate_rmsd_angle.auth_seq_id_3 
_pdbx_validate_rmsd_angle.PDB_ins_code_3 
_pdbx_validate_rmsd_angle.label_alt_id_3 
_pdbx_validate_rmsd_angle.angle_value 
_pdbx_validate_rmsd_angle.angle_target_value 
_pdbx_validate_rmsd_angle.angle_deviation 
_pdbx_validate_rmsd_angle.angle_standard_deviation 
_pdbx_validate_rmsd_angle.linker_flag 
1  1 CB A ASP 10  ? ? CG A ASP 10  ? ? OD2 A ASP 10  ? ? 111.74 118.30 -6.56 0.90 N 
2  1 CB A ASP 20  ? ? CG A ASP 20  ? ? OD1 A ASP 20  ? ? 124.90 118.30 6.60  0.90 N 
3  1 CB A ASP 47  ? ? CG A ASP 47  ? ? OD1 A ASP 47  ? ? 127.57 118.30 9.27  0.90 N 
4  1 CB A ASP 47  ? ? CG A ASP 47  ? ? OD2 A ASP 47  ? ? 112.13 118.30 -6.17 0.90 N 
5  1 CB A ASP 72  ? ? CG A ASP 72  ? ? OD2 A ASP 72  ? ? 111.22 118.30 -7.08 0.90 N 
6  1 NE A ARG 76  ? ? CZ A ARG 76  ? ? NH1 A ARG 76  ? ? 124.84 120.30 4.54  0.50 N 
7  1 CB A ASP 89  ? ? CG A ASP 89  ? ? OD2 A ASP 89  ? ? 110.52 118.30 -7.78 0.90 N 
8  1 NE A ARG 119 ? ? CZ A ARG 119 ? ? NH1 A ARG 119 ? ? 123.55 120.30 3.25  0.50 N 
9  1 CB A ASP 127 ? ? CG A ASP 127 ? ? OD1 A ASP 127 ? ? 127.41 118.30 9.11  0.90 N 
10 1 CB A ASP 127 ? ? CG A ASP 127 ? ? OD2 A ASP 127 ? ? 109.53 118.30 -8.77 0.90 N 
11 1 CB A TYR 139 ? ? CG A TYR 139 ? ? CD1 A TYR 139 ? ? 117.01 121.00 -3.99 0.60 N 
12 1 NE A ARG 148 ? ? CZ A ARG 148 ? ? NH1 A ARG 148 ? ? 124.28 120.30 3.98  0.50 N 
13 1 NE A ARG 154 ? ? CZ A ARG 154 ? ? NH1 A ARG 154 ? ? 123.42 120.30 3.12  0.50 N 
14 1 CB A ASP 159 ? ? CG A ASP 159 ? ? OD1 A ASP 159 ? ? 124.59 118.30 6.29  0.90 N 
15 1 CB A ASP 159 ? ? CG A ASP 159 ? ? OD2 A ASP 159 ? ? 112.37 118.30 -5.93 0.90 N 
# 
loop_
_pdbx_validate_torsion.id 
_pdbx_validate_torsion.PDB_model_num 
_pdbx_validate_torsion.auth_comp_id 
_pdbx_validate_torsion.auth_asym_id 
_pdbx_validate_torsion.auth_seq_id 
_pdbx_validate_torsion.PDB_ins_code 
_pdbx_validate_torsion.label_alt_id 
_pdbx_validate_torsion.phi 
_pdbx_validate_torsion.psi 
1 1 ILE A 29  ? ? -107.09 76.02 
2 1 PHE A 114 ? ? -95.54  37.09 
# 
loop_
_pdbx_unobs_or_zero_occ_residues.id 
_pdbx_unobs_or_zero_occ_residues.PDB_model_num 
_pdbx_unobs_or_zero_occ_residues.polymer_flag 
_pdbx_unobs_or_zero_occ_residues.occupancy_flag 
_pdbx_unobs_or_zero_occ_residues.auth_asym_id 
_pdbx_unobs_or_zero_occ_residues.auth_comp_id 
_pdbx_unobs_or_zero_occ_residues.auth_seq_id 
_pdbx_unobs_or_zero_occ_residues.PDB_ins_code 
_pdbx_unobs_or_zero_occ_residues.label_asym_id 
_pdbx_unobs_or_zero_occ_residues.label_comp_id 
_pdbx_unobs_or_zero_occ_residues.label_seq_id 
1 1 Y 1 A ASN 163 ? A ASN 163 
2 1 Y 1 A LEU 164 ? A LEU 164 
# 
loop_
_chem_comp_atom.comp_id 
_chem_comp_atom.atom_id 
_chem_comp_atom.type_symbol 
_chem_comp_atom.pdbx_aromatic_flag 
_chem_comp_atom.pdbx_stereo_config 
_chem_comp_atom.pdbx_ordinal 
ALA N    N  N N 1   
ALA CA   C  N S 2   
ALA C    C  N N 3   
ALA O    O  N N 4   
ALA CB   C  N N 5   
ALA OXT  O  N N 6   
ALA H    H  N N 7   
ALA H2   H  N N 8   
ALA HA   H  N N 9   
ALA HB1  H  N N 10  
ALA HB2  H  N N 11  
ALA HB3  H  N N 12  
ALA HXT  H  N N 13  
ARG N    N  N N 14  
ARG CA   C  N S 15  
ARG C    C  N N 16  
ARG O    O  N N 17  
ARG CB   C  N N 18  
ARG CG   C  N N 19  
ARG CD   C  N N 20  
ARG NE   N  N N 21  
ARG CZ   C  N N 22  
ARG NH1  N  N N 23  
ARG NH2  N  N N 24  
ARG OXT  O  N N 25  
ARG H    H  N N 26  
ARG H2   H  N N 27  
ARG HA   H  N N 28  
ARG HB2  H  N N 29  
ARG HB3  H  N N 30  
ARG HG2  H  N N 31  
ARG HG3  H  N N 32  
ARG HD2  H  N N 33  
ARG HD3  H  N N 34  
ARG HE   H  N N 35  
ARG HH11 H  N N 36  
ARG HH12 H  N N 37  
ARG HH21 H  N N 38  
ARG HH22 H  N N 39  
ARG HXT  H  N N 40  
ASN N    N  N N 41  
ASN CA   C  N S 42  
ASN C    C  N N 43  
ASN O    O  N N 44  
ASN CB   C  N N 45  
ASN CG   C  N N 46  
ASN OD1  O  N N 47  
ASN ND2  N  N N 48  
ASN OXT  O  N N 49  
ASN H    H  N N 50  
ASN H2   H  N N 51  
ASN HA   H  N N 52  
ASN HB2  H  N N 53  
ASN HB3  H  N N 54  
ASN HD21 H  N N 55  
ASN HD22 H  N N 56  
ASN HXT  H  N N 57  
ASP N    N  N N 58  
ASP CA   C  N S 59  
ASP C    C  N N 60  
ASP O    O  N N 61  
ASP CB   C  N N 62  
ASP CG   C  N N 63  
ASP OD1  O  N N 64  
ASP OD2  O  N N 65  
ASP OXT  O  N N 66  
ASP H    H  N N 67  
ASP H2   H  N N 68  
ASP HA   H  N N 69  
ASP HB2  H  N N 70  
ASP HB3  H  N N 71  
ASP HD2  H  N N 72  
ASP HXT  H  N N 73  
BME C1   C  N N 74  
BME C2   C  N N 75  
BME O1   O  N N 76  
BME S2   S  N N 77  
BME H11  H  N N 78  
BME H12  H  N N 79  
BME H21  H  N N 80  
BME H22  H  N N 81  
BME HO1  H  N N 82  
BME HS2  H  N N 83  
CL  CL   CL N N 84  
CYS N    N  N N 85  
CYS CA   C  N R 86  
CYS C    C  N N 87  
CYS O    O  N N 88  
CYS CB   C  N N 89  
CYS SG   S  N N 90  
CYS OXT  O  N N 91  
CYS H    H  N N 92  
CYS H2   H  N N 93  
CYS HA   H  N N 94  
CYS HB2  H  N N 95  
CYS HB3  H  N N 96  
CYS HG   H  N N 97  
CYS HXT  H  N N 98  
GLN N    N  N N 99  
GLN CA   C  N S 100 
GLN C    C  N N 101 
GLN O    O  N N 102 
GLN CB   C  N N 103 
GLN CG   C  N N 104 
GLN CD   C  N N 105 
GLN OE1  O  N N 106 
GLN NE2  N  N N 107 
GLN OXT  O  N N 108 
GLN H    H  N N 109 
GLN H2   H  N N 110 
GLN HA   H  N N 111 
GLN HB2  H  N N 112 
GLN HB3  H  N N 113 
GLN HG2  H  N N 114 
GLN HG3  H  N N 115 
GLN HE21 H  N N 116 
GLN HE22 H  N N 117 
GLN HXT  H  N N 118 
GLU N    N  N N 119 
GLU CA   C  N S 120 
GLU C    C  N N 121 
GLU O    O  N N 122 
GLU CB   C  N N 123 
GLU CG   C  N N 124 
GLU CD   C  N N 125 
GLU OE1  O  N N 126 
GLU OE2  O  N N 127 
GLU OXT  O  N N 128 
GLU H    H  N N 129 
GLU H2   H  N N 130 
GLU HA   H  N N 131 
GLU HB2  H  N N 132 
GLU HB3  H  N N 133 
GLU HG2  H  N N 134 
GLU HG3  H  N N 135 
GLU HE2  H  N N 136 
GLU HXT  H  N N 137 
GLY N    N  N N 138 
GLY CA   C  N N 139 
GLY C    C  N N 140 
GLY O    O  N N 141 
GLY OXT  O  N N 142 
GLY H    H  N N 143 
GLY H2   H  N N 144 
GLY HA2  H  N N 145 
GLY HA3  H  N N 146 
GLY HXT  H  N N 147 
HIS N    N  N N 148 
HIS CA   C  N S 149 
HIS C    C  N N 150 
HIS O    O  N N 151 
HIS CB   C  N N 152 
HIS CG   C  Y N 153 
HIS ND1  N  Y N 154 
HIS CD2  C  Y N 155 
HIS CE1  C  Y N 156 
HIS NE2  N  Y N 157 
HIS OXT  O  N N 158 
HIS H    H  N N 159 
HIS H2   H  N N 160 
HIS HA   H  N N 161 
HIS HB2  H  N N 162 
HIS HB3  H  N N 163 
HIS HD1  H  N N 164 
HIS HD2  H  N N 165 
HIS HE1  H  N N 166 
HIS HE2  H  N N 167 
HIS HXT  H  N N 168 
HOH O    O  N N 169 
HOH H1   H  N N 170 
HOH H2   H  N N 171 
ILE N    N  N N 172 
ILE CA   C  N S 173 
ILE C    C  N N 174 
ILE O    O  N N 175 
ILE CB   C  N S 176 
ILE CG1  C  N N 177 
ILE CG2  C  N N 178 
ILE CD1  C  N N 179 
ILE OXT  O  N N 180 
ILE H    H  N N 181 
ILE H2   H  N N 182 
ILE HA   H  N N 183 
ILE HB   H  N N 184 
ILE HG12 H  N N 185 
ILE HG13 H  N N 186 
ILE HG21 H  N N 187 
ILE HG22 H  N N 188 
ILE HG23 H  N N 189 
ILE HD11 H  N N 190 
ILE HD12 H  N N 191 
ILE HD13 H  N N 192 
ILE HXT  H  N N 193 
LEU N    N  N N 194 
LEU CA   C  N S 195 
LEU C    C  N N 196 
LEU O    O  N N 197 
LEU CB   C  N N 198 
LEU CG   C  N N 199 
LEU CD1  C  N N 200 
LEU CD2  C  N N 201 
LEU OXT  O  N N 202 
LEU H    H  N N 203 
LEU H2   H  N N 204 
LEU HA   H  N N 205 
LEU HB2  H  N N 206 
LEU HB3  H  N N 207 
LEU HG   H  N N 208 
LEU HD11 H  N N 209 
LEU HD12 H  N N 210 
LEU HD13 H  N N 211 
LEU HD21 H  N N 212 
LEU HD22 H  N N 213 
LEU HD23 H  N N 214 
LEU HXT  H  N N 215 
LYL C1   C  Y N 216 
LYL C2   C  Y N 217 
LYL C3   C  Y N 218 
LYL C4   C  N N 219 
LYL C5   C  Y N 220 
LYL C15  C  N N 221 
LYL O6   O  N N 222 
LYL C7   C  Y N 223 
LYL C8   C  Y N 224 
LYL C13  C  N N 225 
LYL C14  C  N N 226 
LYL HC3  H  N N 227 
LYL HC41 H  N N 228 
LYL HC42 H  N N 229 
LYL H151 H  N N 230 
LYL H152 H  N N 231 
LYL H153 H  N N 232 
LYL HO6  H  N N 233 
LYL HC7  H  N N 234 
LYL HC8  H  N N 235 
LYL H13  H  N N 236 
LYL H141 H  N N 237 
LYL H142 H  N N 238 
LYS N    N  N N 239 
LYS CA   C  N S 240 
LYS C    C  N N 241 
LYS O    O  N N 242 
LYS CB   C  N N 243 
LYS CG   C  N N 244 
LYS CD   C  N N 245 
LYS CE   C  N N 246 
LYS NZ   N  N N 247 
LYS OXT  O  N N 248 
LYS H    H  N N 249 
LYS H2   H  N N 250 
LYS HA   H  N N 251 
LYS HB2  H  N N 252 
LYS HB3  H  N N 253 
LYS HG2  H  N N 254 
LYS HG3  H  N N 255 
LYS HD2  H  N N 256 
LYS HD3  H  N N 257 
LYS HE2  H  N N 258 
LYS HE3  H  N N 259 
LYS HZ1  H  N N 260 
LYS HZ2  H  N N 261 
LYS HZ3  H  N N 262 
LYS HXT  H  N N 263 
MET N    N  N N 264 
MET CA   C  N S 265 
MET C    C  N N 266 
MET O    O  N N 267 
MET CB   C  N N 268 
MET CG   C  N N 269 
MET SD   S  N N 270 
MET CE   C  N N 271 
MET OXT  O  N N 272 
MET H    H  N N 273 
MET H2   H  N N 274 
MET HA   H  N N 275 
MET HB2  H  N N 276 
MET HB3  H  N N 277 
MET HG2  H  N N 278 
MET HG3  H  N N 279 
MET HE1  H  N N 280 
MET HE2  H  N N 281 
MET HE3  H  N N 282 
MET HXT  H  N N 283 
PHE N    N  N N 284 
PHE CA   C  N S 285 
PHE C    C  N N 286 
PHE O    O  N N 287 
PHE CB   C  N N 288 
PHE CG   C  Y N 289 
PHE CD1  C  Y N 290 
PHE CD2  C  Y N 291 
PHE CE1  C  Y N 292 
PHE CE2  C  Y N 293 
PHE CZ   C  Y N 294 
PHE OXT  O  N N 295 
PHE H    H  N N 296 
PHE H2   H  N N 297 
PHE HA   H  N N 298 
PHE HB2  H  N N 299 
PHE HB3  H  N N 300 
PHE HD1  H  N N 301 
PHE HD2  H  N N 302 
PHE HE1  H  N N 303 
PHE HE2  H  N N 304 
PHE HZ   H  N N 305 
PHE HXT  H  N N 306 
PRO N    N  N N 307 
PRO CA   C  N S 308 
PRO C    C  N N 309 
PRO O    O  N N 310 
PRO CB   C  N N 311 
PRO CG   C  N N 312 
PRO CD   C  N N 313 
PRO OXT  O  N N 314 
PRO H    H  N N 315 
PRO HA   H  N N 316 
PRO HB2  H  N N 317 
PRO HB3  H  N N 318 
PRO HG2  H  N N 319 
PRO HG3  H  N N 320 
PRO HD2  H  N N 321 
PRO HD3  H  N N 322 
PRO HXT  H  N N 323 
SER N    N  N N 324 
SER CA   C  N S 325 
SER C    C  N N 326 
SER O    O  N N 327 
SER CB   C  N N 328 
SER OG   O  N N 329 
SER OXT  O  N N 330 
SER H    H  N N 331 
SER H2   H  N N 332 
SER HA   H  N N 333 
SER HB2  H  N N 334 
SER HB3  H  N N 335 
SER HG   H  N N 336 
SER HXT  H  N N 337 
THR N    N  N N 338 
THR CA   C  N S 339 
THR C    C  N N 340 
THR O    O  N N 341 
THR CB   C  N R 342 
THR OG1  O  N N 343 
THR CG2  C  N N 344 
THR OXT  O  N N 345 
THR H    H  N N 346 
THR H2   H  N N 347 
THR HA   H  N N 348 
THR HB   H  N N 349 
THR HG1  H  N N 350 
THR HG21 H  N N 351 
THR HG22 H  N N 352 
THR HG23 H  N N 353 
THR HXT  H  N N 354 
TRP N    N  N N 355 
TRP CA   C  N S 356 
TRP C    C  N N 357 
TRP O    O  N N 358 
TRP CB   C  N N 359 
TRP CG   C  Y N 360 
TRP CD1  C  Y N 361 
TRP CD2  C  Y N 362 
TRP NE1  N  Y N 363 
TRP CE2  C  Y N 364 
TRP CE3  C  Y N 365 
TRP CZ2  C  Y N 366 
TRP CZ3  C  Y N 367 
TRP CH2  C  Y N 368 
TRP OXT  O  N N 369 
TRP H    H  N N 370 
TRP H2   H  N N 371 
TRP HA   H  N N 372 
TRP HB2  H  N N 373 
TRP HB3  H  N N 374 
TRP HD1  H  N N 375 
TRP HE1  H  N N 376 
TRP HE3  H  N N 377 
TRP HZ2  H  N N 378 
TRP HZ3  H  N N 379 
TRP HH2  H  N N 380 
TRP HXT  H  N N 381 
TYR N    N  N N 382 
TYR CA   C  N S 383 
TYR C    C  N N 384 
TYR O    O  N N 385 
TYR CB   C  N N 386 
TYR CG   C  Y N 387 
TYR CD1  C  Y N 388 
TYR CD2  C  Y N 389 
TYR CE1  C  Y N 390 
TYR CE2  C  Y N 391 
TYR CZ   C  Y N 392 
TYR OH   O  N N 393 
TYR OXT  O  N N 394 
TYR H    H  N N 395 
TYR H2   H  N N 396 
TYR HA   H  N N 397 
TYR HB2  H  N N 398 
TYR HB3  H  N N 399 
TYR HD1  H  N N 400 
TYR HD2  H  N N 401 
TYR HE1  H  N N 402 
TYR HE2  H  N N 403 
TYR HH   H  N N 404 
TYR HXT  H  N N 405 
VAL N    N  N N 406 
VAL CA   C  N S 407 
VAL C    C  N N 408 
VAL O    O  N N 409 
VAL CB   C  N N 410 
VAL CG1  C  N N 411 
VAL CG2  C  N N 412 
VAL OXT  O  N N 413 
VAL H    H  N N 414 
VAL H2   H  N N 415 
VAL HA   H  N N 416 
VAL HB   H  N N 417 
VAL HG11 H  N N 418 
VAL HG12 H  N N 419 
VAL HG13 H  N N 420 
VAL HG21 H  N N 421 
VAL HG22 H  N N 422 
VAL HG23 H  N N 423 
VAL HXT  H  N N 424 
# 
loop_
_chem_comp_bond.comp_id 
_chem_comp_bond.atom_id_1 
_chem_comp_bond.atom_id_2 
_chem_comp_bond.value_order 
_chem_comp_bond.pdbx_aromatic_flag 
_chem_comp_bond.pdbx_stereo_config 
_chem_comp_bond.pdbx_ordinal 
ALA N   CA   sing N N 1   
ALA N   H    sing N N 2   
ALA N   H2   sing N N 3   
ALA CA  C    sing N N 4   
ALA CA  CB   sing N N 5   
ALA CA  HA   sing N N 6   
ALA C   O    doub N N 7   
ALA C   OXT  sing N N 8   
ALA CB  HB1  sing N N 9   
ALA CB  HB2  sing N N 10  
ALA CB  HB3  sing N N 11  
ALA OXT HXT  sing N N 12  
ARG N   CA   sing N N 13  
ARG N   H    sing N N 14  
ARG N   H2   sing N N 15  
ARG CA  C    sing N N 16  
ARG CA  CB   sing N N 17  
ARG CA  HA   sing N N 18  
ARG C   O    doub N N 19  
ARG C   OXT  sing N N 20  
ARG CB  CG   sing N N 21  
ARG CB  HB2  sing N N 22  
ARG CB  HB3  sing N N 23  
ARG CG  CD   sing N N 24  
ARG CG  HG2  sing N N 25  
ARG CG  HG3  sing N N 26  
ARG CD  NE   sing N N 27  
ARG CD  HD2  sing N N 28  
ARG CD  HD3  sing N N 29  
ARG NE  CZ   sing N N 30  
ARG NE  HE   sing N N 31  
ARG CZ  NH1  sing N N 32  
ARG CZ  NH2  doub N N 33  
ARG NH1 HH11 sing N N 34  
ARG NH1 HH12 sing N N 35  
ARG NH2 HH21 sing N N 36  
ARG NH2 HH22 sing N N 37  
ARG OXT HXT  sing N N 38  
ASN N   CA   sing N N 39  
ASN N   H    sing N N 40  
ASN N   H2   sing N N 41  
ASN CA  C    sing N N 42  
ASN CA  CB   sing N N 43  
ASN CA  HA   sing N N 44  
ASN C   O    doub N N 45  
ASN C   OXT  sing N N 46  
ASN CB  CG   sing N N 47  
ASN CB  HB2  sing N N 48  
ASN CB  HB3  sing N N 49  
ASN CG  OD1  doub N N 50  
ASN CG  ND2  sing N N 51  
ASN ND2 HD21 sing N N 52  
ASN ND2 HD22 sing N N 53  
ASN OXT HXT  sing N N 54  
ASP N   CA   sing N N 55  
ASP N   H    sing N N 56  
ASP N   H2   sing N N 57  
ASP CA  C    sing N N 58  
ASP CA  CB   sing N N 59  
ASP CA  HA   sing N N 60  
ASP C   O    doub N N 61  
ASP C   OXT  sing N N 62  
ASP CB  CG   sing N N 63  
ASP CB  HB2  sing N N 64  
ASP CB  HB3  sing N N 65  
ASP CG  OD1  doub N N 66  
ASP CG  OD2  sing N N 67  
ASP OD2 HD2  sing N N 68  
ASP OXT HXT  sing N N 69  
BME C1  C2   sing N N 70  
BME C1  O1   sing N N 71  
BME C1  H11  sing N N 72  
BME C1  H12  sing N N 73  
BME C2  S2   sing N N 74  
BME C2  H21  sing N N 75  
BME C2  H22  sing N N 76  
BME O1  HO1  sing N N 77  
BME S2  HS2  sing N N 78  
CYS N   CA   sing N N 79  
CYS N   H    sing N N 80  
CYS N   H2   sing N N 81  
CYS CA  C    sing N N 82  
CYS CA  CB   sing N N 83  
CYS CA  HA   sing N N 84  
CYS C   O    doub N N 85  
CYS C   OXT  sing N N 86  
CYS CB  SG   sing N N 87  
CYS CB  HB2  sing N N 88  
CYS CB  HB3  sing N N 89  
CYS SG  HG   sing N N 90  
CYS OXT HXT  sing N N 91  
GLN N   CA   sing N N 92  
GLN N   H    sing N N 93  
GLN N   H2   sing N N 94  
GLN CA  C    sing N N 95  
GLN CA  CB   sing N N 96  
GLN CA  HA   sing N N 97  
GLN C   O    doub N N 98  
GLN C   OXT  sing N N 99  
GLN CB  CG   sing N N 100 
GLN CB  HB2  sing N N 101 
GLN CB  HB3  sing N N 102 
GLN CG  CD   sing N N 103 
GLN CG  HG2  sing N N 104 
GLN CG  HG3  sing N N 105 
GLN CD  OE1  doub N N 106 
GLN CD  NE2  sing N N 107 
GLN NE2 HE21 sing N N 108 
GLN NE2 HE22 sing N N 109 
GLN OXT HXT  sing N N 110 
GLU N   CA   sing N N 111 
GLU N   H    sing N N 112 
GLU N   H2   sing N N 113 
GLU CA  C    sing N N 114 
GLU CA  CB   sing N N 115 
GLU CA  HA   sing N N 116 
GLU C   O    doub N N 117 
GLU C   OXT  sing N N 118 
GLU CB  CG   sing N N 119 
GLU CB  HB2  sing N N 120 
GLU CB  HB3  sing N N 121 
GLU CG  CD   sing N N 122 
GLU CG  HG2  sing N N 123 
GLU CG  HG3  sing N N 124 
GLU CD  OE1  doub N N 125 
GLU CD  OE2  sing N N 126 
GLU OE2 HE2  sing N N 127 
GLU OXT HXT  sing N N 128 
GLY N   CA   sing N N 129 
GLY N   H    sing N N 130 
GLY N   H2   sing N N 131 
GLY CA  C    sing N N 132 
GLY CA  HA2  sing N N 133 
GLY CA  HA3  sing N N 134 
GLY C   O    doub N N 135 
GLY C   OXT  sing N N 136 
GLY OXT HXT  sing N N 137 
HIS N   CA   sing N N 138 
HIS N   H    sing N N 139 
HIS N   H2   sing N N 140 
HIS CA  C    sing N N 141 
HIS CA  CB   sing N N 142 
HIS CA  HA   sing N N 143 
HIS C   O    doub N N 144 
HIS C   OXT  sing N N 145 
HIS CB  CG   sing N N 146 
HIS CB  HB2  sing N N 147 
HIS CB  HB3  sing N N 148 
HIS CG  ND1  sing Y N 149 
HIS CG  CD2  doub Y N 150 
HIS ND1 CE1  doub Y N 151 
HIS ND1 HD1  sing N N 152 
HIS CD2 NE2  sing Y N 153 
HIS CD2 HD2  sing N N 154 
HIS CE1 NE2  sing Y N 155 
HIS CE1 HE1  sing N N 156 
HIS NE2 HE2  sing N N 157 
HIS OXT HXT  sing N N 158 
HOH O   H1   sing N N 159 
HOH O   H2   sing N N 160 
ILE N   CA   sing N N 161 
ILE N   H    sing N N 162 
ILE N   H2   sing N N 163 
ILE CA  C    sing N N 164 
ILE CA  CB   sing N N 165 
ILE CA  HA   sing N N 166 
ILE C   O    doub N N 167 
ILE C   OXT  sing N N 168 
ILE CB  CG1  sing N N 169 
ILE CB  CG2  sing N N 170 
ILE CB  HB   sing N N 171 
ILE CG1 CD1  sing N N 172 
ILE CG1 HG12 sing N N 173 
ILE CG1 HG13 sing N N 174 
ILE CG2 HG21 sing N N 175 
ILE CG2 HG22 sing N N 176 
ILE CG2 HG23 sing N N 177 
ILE CD1 HD11 sing N N 178 
ILE CD1 HD12 sing N N 179 
ILE CD1 HD13 sing N N 180 
ILE OXT HXT  sing N N 181 
LEU N   CA   sing N N 182 
LEU N   H    sing N N 183 
LEU N   H2   sing N N 184 
LEU CA  C    sing N N 185 
LEU CA  CB   sing N N 186 
LEU CA  HA   sing N N 187 
LEU C   O    doub N N 188 
LEU C   OXT  sing N N 189 
LEU CB  CG   sing N N 190 
LEU CB  HB2  sing N N 191 
LEU CB  HB3  sing N N 192 
LEU CG  CD1  sing N N 193 
LEU CG  CD2  sing N N 194 
LEU CG  HG   sing N N 195 
LEU CD1 HD11 sing N N 196 
LEU CD1 HD12 sing N N 197 
LEU CD1 HD13 sing N N 198 
LEU CD2 HD21 sing N N 199 
LEU CD2 HD22 sing N N 200 
LEU CD2 HD23 sing N N 201 
LEU OXT HXT  sing N N 202 
LYL C1  C2   doub Y N 203 
LYL C1  C3   sing Y N 204 
LYL C1  C4   sing N N 205 
LYL C2  C5   sing Y N 206 
LYL C2  O6   sing N N 207 
LYL C3  C7   doub Y N 208 
LYL C3  HC3  sing N N 209 
LYL C4  C13  sing N N 210 
LYL C4  HC41 sing N N 211 
LYL C4  HC42 sing N N 212 
LYL C5  C15  sing N N 213 
LYL C5  C8   doub Y N 214 
LYL C15 H151 sing N N 215 
LYL C15 H152 sing N N 216 
LYL C15 H153 sing N N 217 
LYL O6  HO6  sing N N 218 
LYL C7  C8   sing Y N 219 
LYL C7  HC7  sing N N 220 
LYL C8  HC8  sing N N 221 
LYL C13 C14  doub N N 222 
LYL C13 H13  sing N N 223 
LYL C14 H141 sing N N 224 
LYL C14 H142 sing N N 225 
LYS N   CA   sing N N 226 
LYS N   H    sing N N 227 
LYS N   H2   sing N N 228 
LYS CA  C    sing N N 229 
LYS CA  CB   sing N N 230 
LYS CA  HA   sing N N 231 
LYS C   O    doub N N 232 
LYS C   OXT  sing N N 233 
LYS CB  CG   sing N N 234 
LYS CB  HB2  sing N N 235 
LYS CB  HB3  sing N N 236 
LYS CG  CD   sing N N 237 
LYS CG  HG2  sing N N 238 
LYS CG  HG3  sing N N 239 
LYS CD  CE   sing N N 240 
LYS CD  HD2  sing N N 241 
LYS CD  HD3  sing N N 242 
LYS CE  NZ   sing N N 243 
LYS CE  HE2  sing N N 244 
LYS CE  HE3  sing N N 245 
LYS NZ  HZ1  sing N N 246 
LYS NZ  HZ2  sing N N 247 
LYS NZ  HZ3  sing N N 248 
LYS OXT HXT  sing N N 249 
MET N   CA   sing N N 250 
MET N   H    sing N N 251 
MET N   H2   sing N N 252 
MET CA  C    sing N N 253 
MET CA  CB   sing N N 254 
MET CA  HA   sing N N 255 
MET C   O    doub N N 256 
MET C   OXT  sing N N 257 
MET CB  CG   sing N N 258 
MET CB  HB2  sing N N 259 
MET CB  HB3  sing N N 260 
MET CG  SD   sing N N 261 
MET CG  HG2  sing N N 262 
MET CG  HG3  sing N N 263 
MET SD  CE   sing N N 264 
MET CE  HE1  sing N N 265 
MET CE  HE2  sing N N 266 
MET CE  HE3  sing N N 267 
MET OXT HXT  sing N N 268 
PHE N   CA   sing N N 269 
PHE N   H    sing N N 270 
PHE N   H2   sing N N 271 
PHE CA  C    sing N N 272 
PHE CA  CB   sing N N 273 
PHE CA  HA   sing N N 274 
PHE C   O    doub N N 275 
PHE C   OXT  sing N N 276 
PHE CB  CG   sing N N 277 
PHE CB  HB2  sing N N 278 
PHE CB  HB3  sing N N 279 
PHE CG  CD1  doub Y N 280 
PHE CG  CD2  sing Y N 281 
PHE CD1 CE1  sing Y N 282 
PHE CD1 HD1  sing N N 283 
PHE CD2 CE2  doub Y N 284 
PHE CD2 HD2  sing N N 285 
PHE CE1 CZ   doub Y N 286 
PHE CE1 HE1  sing N N 287 
PHE CE2 CZ   sing Y N 288 
PHE CE2 HE2  sing N N 289 
PHE CZ  HZ   sing N N 290 
PHE OXT HXT  sing N N 291 
PRO N   CA   sing N N 292 
PRO N   CD   sing N N 293 
PRO N   H    sing N N 294 
PRO CA  C    sing N N 295 
PRO CA  CB   sing N N 296 
PRO CA  HA   sing N N 297 
PRO C   O    doub N N 298 
PRO C   OXT  sing N N 299 
PRO CB  CG   sing N N 300 
PRO CB  HB2  sing N N 301 
PRO CB  HB3  sing N N 302 
PRO CG  CD   sing N N 303 
PRO CG  HG2  sing N N 304 
PRO CG  HG3  sing N N 305 
PRO CD  HD2  sing N N 306 
PRO CD  HD3  sing N N 307 
PRO OXT HXT  sing N N 308 
SER N   CA   sing N N 309 
SER N   H    sing N N 310 
SER N   H2   sing N N 311 
SER CA  C    sing N N 312 
SER CA  CB   sing N N 313 
SER CA  HA   sing N N 314 
SER C   O    doub N N 315 
SER C   OXT  sing N N 316 
SER CB  OG   sing N N 317 
SER CB  HB2  sing N N 318 
SER CB  HB3  sing N N 319 
SER OG  HG   sing N N 320 
SER OXT HXT  sing N N 321 
THR N   CA   sing N N 322 
THR N   H    sing N N 323 
THR N   H2   sing N N 324 
THR CA  C    sing N N 325 
THR CA  CB   sing N N 326 
THR CA  HA   sing N N 327 
THR C   O    doub N N 328 
THR C   OXT  sing N N 329 
THR CB  OG1  sing N N 330 
THR CB  CG2  sing N N 331 
THR CB  HB   sing N N 332 
THR OG1 HG1  sing N N 333 
THR CG2 HG21 sing N N 334 
THR CG2 HG22 sing N N 335 
THR CG2 HG23 sing N N 336 
THR OXT HXT  sing N N 337 
TRP N   CA   sing N N 338 
TRP N   H    sing N N 339 
TRP N   H2   sing N N 340 
TRP CA  C    sing N N 341 
TRP CA  CB   sing N N 342 
TRP CA  HA   sing N N 343 
TRP C   O    doub N N 344 
TRP C   OXT  sing N N 345 
TRP CB  CG   sing N N 346 
TRP CB  HB2  sing N N 347 
TRP CB  HB3  sing N N 348 
TRP CG  CD1  doub Y N 349 
TRP CG  CD2  sing Y N 350 
TRP CD1 NE1  sing Y N 351 
TRP CD1 HD1  sing N N 352 
TRP CD2 CE2  doub Y N 353 
TRP CD2 CE3  sing Y N 354 
TRP NE1 CE2  sing Y N 355 
TRP NE1 HE1  sing N N 356 
TRP CE2 CZ2  sing Y N 357 
TRP CE3 CZ3  doub Y N 358 
TRP CE3 HE3  sing N N 359 
TRP CZ2 CH2  doub Y N 360 
TRP CZ2 HZ2  sing N N 361 
TRP CZ3 CH2  sing Y N 362 
TRP CZ3 HZ3  sing N N 363 
TRP CH2 HH2  sing N N 364 
TRP OXT HXT  sing N N 365 
TYR N   CA   sing N N 366 
TYR N   H    sing N N 367 
TYR N   H2   sing N N 368 
TYR CA  C    sing N N 369 
TYR CA  CB   sing N N 370 
TYR CA  HA   sing N N 371 
TYR C   O    doub N N 372 
TYR C   OXT  sing N N 373 
TYR CB  CG   sing N N 374 
TYR CB  HB2  sing N N 375 
TYR CB  HB3  sing N N 376 
TYR CG  CD1  doub Y N 377 
TYR CG  CD2  sing Y N 378 
TYR CD1 CE1  sing Y N 379 
TYR CD1 HD1  sing N N 380 
TYR CD2 CE2  doub Y N 381 
TYR CD2 HD2  sing N N 382 
TYR CE1 CZ   doub Y N 383 
TYR CE1 HE1  sing N N 384 
TYR CE2 CZ   sing Y N 385 
TYR CE2 HE2  sing N N 386 
TYR CZ  OH   sing N N 387 
TYR OH  HH   sing N N 388 
TYR OXT HXT  sing N N 389 
VAL N   CA   sing N N 390 
VAL N   H    sing N N 391 
VAL N   H2   sing N N 392 
VAL CA  C    sing N N 393 
VAL CA  CB   sing N N 394 
VAL CA  HA   sing N N 395 
VAL C   O    doub N N 396 
VAL C   OXT  sing N N 397 
VAL CB  CG1  sing N N 398 
VAL CB  CG2  sing N N 399 
VAL CB  HB   sing N N 400 
VAL CG1 HG11 sing N N 401 
VAL CG1 HG12 sing N N 402 
VAL CG1 HG13 sing N N 403 
VAL CG2 HG21 sing N N 404 
VAL CG2 HG22 sing N N 405 
VAL CG2 HG23 sing N N 406 
VAL OXT HXT  sing N N 407 
# 
loop_
_pdbx_entity_nonpoly.entity_id 
_pdbx_entity_nonpoly.name 
_pdbx_entity_nonpoly.comp_id 
2 'CHLORIDE ION'          CL  
3 2-ALLYL-6-METHYL-PHENOL LYL 
4 BETA-MERCAPTOETHANOL    BME 
5 water                   HOH 
# 
_pdbx_initial_refinement_model.id               1 
_pdbx_initial_refinement_model.entity_id_list   ? 
_pdbx_initial_refinement_model.type             'experimental model' 
_pdbx_initial_refinement_model.source_name      PDB 
_pdbx_initial_refinement_model.accession_code   1LGU 
_pdbx_initial_refinement_model.details          'PDB entry 1LGU' 
# 
